data_6JC7
#
_entry.id   6JC7
#
_cell.length_a   83.761
_cell.length_b   83.653
_cell.length_c   87.975
_cell.angle_alpha   106.480
_cell.angle_beta   109.070
_cell.angle_gamma   95.120
#
_symmetry.space_group_name_H-M   'P 1'
#
loop_
_entity.id
_entity.type
_entity.pdbx_description
1 polymer CrmG
2 non-polymer (E)-N-({3-hydroxy-2-methyl-5-[(phosphonooxy)methyl]pyridin-4-yl}methylidene)-L-alanine
3 non-polymer GLYCEROL
4 non-polymer 'ACETIC ACID'
5 water water
#
_entity_poly.entity_id   1
_entity_poly.type   'polypeptide(L)'
_entity_poly.pdbx_seq_one_letter_code
;MTHPSGEPVYADAVLNGWLTSMGLGVEYVRAEGNTVYYLDDEGREVPVLDHACGFGSLIFGHNHPEIIAHAKAALDAGTV
VHAQLSRQPRANQISRILNDIMRRETGRDDRYNAIFANSGAEANEICMKHAELERQERITALFAEIDAELDTAREALTTG
TATLDTASLPLVGGGAGDVDGVIADIHRHNDERRAERPLFLTLDGSFHGKLVGSIQLTQNEPWRTPFTALSSPARFLPAD
EPELIGKIVEDERRSVLTLSLDKDTVRVVERDFPVVAAIFVEPVRGGSGMKTVTPELAEELHRLRDTLGCPLVVDEVQTG
IGRTGAFFGSALLGIRGDYYTLAKAIGGGIVKNSVALIRQDRFLPAMEVIHSSTFAKDGLSASIALKVLEMVEADGGRVY
QRVRERGQRLEAMLESVRADHSDVVSAVWGTGLMLALELRDQSNATSQAIREKAAHGFLGYVLAGFLLREHHIRVLPAGP
RSGFLRFSPSLYITDEEIDRTETALRSLFTALRDQDGDRLVLS
;
_entity_poly.pdbx_strand_id   A,B,C,D
#
loop_
_chem_comp.id
_chem_comp.type
_chem_comp.name
_chem_comp.formula
ACY non-polymer 'ACETIC ACID' 'C2 H4 O2'
GOL non-polymer GLYCEROL 'C3 H8 O3'
#
# COMPACT_ATOMS: atom_id res chain seq x y z
N GLY A 6 -35.43 7.50 -6.72
CA GLY A 6 -35.57 6.16 -7.38
C GLY A 6 -36.18 6.24 -8.77
N GLU A 7 -35.88 7.27 -9.54
CA GLU A 7 -36.45 7.39 -10.92
C GLU A 7 -35.68 6.44 -11.85
N PRO A 8 -36.27 6.07 -13.02
CA PRO A 8 -35.58 5.25 -14.00
C PRO A 8 -34.25 5.91 -14.44
N VAL A 9 -33.18 5.11 -14.48
CA VAL A 9 -31.83 5.53 -14.95
C VAL A 9 -31.36 4.57 -16.05
N TYR A 10 -30.73 5.11 -17.10
CA TYR A 10 -30.45 4.34 -18.34
C TYR A 10 -28.95 4.27 -18.68
N ALA A 11 -28.10 4.98 -17.93
CA ALA A 11 -26.63 4.85 -17.93
C ALA A 11 -26.04 5.47 -16.65
N ASP A 12 -24.89 4.97 -16.18
CA ASP A 12 -23.89 5.77 -15.41
C ASP A 12 -24.35 5.99 -13.96
N ALA A 13 -25.34 5.24 -13.47
CA ALA A 13 -25.86 5.47 -12.10
C ALA A 13 -24.78 5.15 -11.08
N VAL A 14 -24.13 4.01 -11.21
CA VAL A 14 -23.09 3.60 -10.24
C VAL A 14 -21.92 4.57 -10.39
N LEU A 15 -21.52 4.88 -11.63
CA LEU A 15 -20.40 5.81 -11.91
C LEU A 15 -20.69 7.19 -11.32
N ASN A 16 -21.90 7.73 -11.47
CA ASN A 16 -22.23 9.11 -10.98
C ASN A 16 -22.31 9.08 -9.45
N GLY A 17 -22.89 8.03 -8.88
CA GLY A 17 -22.95 7.84 -7.42
C GLY A 17 -21.57 7.92 -6.84
N TRP A 18 -20.66 7.14 -7.42
CA TRP A 18 -19.26 7.10 -6.98
C TRP A 18 -18.59 8.48 -7.18
N LEU A 19 -18.70 9.13 -8.34
CA LEU A 19 -18.06 10.45 -8.55
C LEU A 19 -18.61 11.46 -7.51
N THR A 20 -19.91 11.44 -7.25
CA THR A 20 -20.55 12.36 -6.27
C THR A 20 -19.87 12.18 -4.89
N SER A 21 -19.65 10.94 -4.45
CA SER A 21 -19.15 10.65 -3.09
C SER A 21 -17.69 11.07 -2.98
N MET A 22 -16.93 11.02 -4.08
CA MET A 22 -15.51 11.48 -4.11
C MET A 22 -15.43 13.01 -4.17
N GLY A 23 -16.56 13.70 -4.32
CA GLY A 23 -16.60 15.18 -4.53
C GLY A 23 -16.26 15.59 -5.95
N LEU A 24 -16.48 14.70 -6.93
CA LEU A 24 -16.19 14.95 -8.38
C LEU A 24 -17.47 14.91 -9.20
N GLY A 25 -18.61 14.85 -8.51
CA GLY A 25 -19.93 14.95 -9.14
C GLY A 25 -20.18 16.33 -9.72
N VAL A 26 -19.61 16.65 -10.88
CA VAL A 26 -19.85 17.95 -11.57
C VAL A 26 -20.06 17.68 -13.07
N GLU A 27 -20.76 18.59 -13.75
CA GLU A 27 -20.96 18.57 -15.22
C GLU A 27 -20.30 19.81 -15.80
N TYR A 28 -19.30 19.59 -16.66
CA TYR A 28 -18.60 20.63 -17.43
C TYR A 28 -19.44 20.92 -18.66
N VAL A 29 -19.81 22.19 -18.90
CA VAL A 29 -20.78 22.56 -19.97
C VAL A 29 -20.05 23.20 -21.13
N ARG A 30 -18.82 23.67 -20.93
CA ARG A 30 -18.05 24.37 -21.97
C ARG A 30 -16.57 24.19 -21.62
N ALA A 31 -15.72 24.27 -22.62
CA ALA A 31 -14.26 24.10 -22.41
C ALA A 31 -13.54 24.90 -23.46
N GLU A 32 -12.44 25.52 -23.06
CA GLU A 32 -11.63 26.35 -23.94
C GLU A 32 -10.23 26.38 -23.33
N GLY A 33 -9.22 26.01 -24.10
CA GLY A 33 -7.84 26.02 -23.61
C GLY A 33 -7.66 25.08 -22.44
N ASN A 34 -7.18 25.58 -21.29
CA ASN A 34 -6.86 24.79 -20.08
C ASN A 34 -8.05 24.89 -19.12
N THR A 35 -9.16 25.45 -19.57
CA THR A 35 -10.33 25.69 -18.70
C THR A 35 -11.52 24.83 -19.06
N VAL A 36 -12.14 24.23 -18.06
CA VAL A 36 -13.50 23.65 -18.18
C VAL A 36 -14.41 24.49 -17.28
N TYR A 37 -15.65 24.70 -17.69
CA TYR A 37 -16.66 25.50 -16.96
C TYR A 37 -17.78 24.55 -16.52
N TYR A 38 -18.11 24.59 -15.24
CA TYR A 38 -19.37 24.03 -14.68
C TYR A 38 -20.29 25.19 -14.28
N LEU A 39 -21.55 24.89 -14.05
CA LEU A 39 -22.59 25.86 -13.60
C LEU A 39 -22.72 25.75 -12.06
N ASP A 40 -22.63 26.89 -11.35
CA ASP A 40 -22.88 26.99 -9.87
C ASP A 40 -24.39 26.94 -9.63
N ASP A 41 -24.82 27.07 -8.37
CA ASP A 41 -26.24 27.04 -7.95
C ASP A 41 -27.07 28.09 -8.72
N GLU A 42 -26.49 29.26 -9.03
CA GLU A 42 -27.15 30.42 -9.69
C GLU A 42 -27.17 30.26 -11.22
N GLY A 43 -26.48 29.26 -11.80
CA GLY A 43 -26.37 29.07 -13.26
C GLY A 43 -25.26 29.91 -13.90
N ARG A 44 -24.34 30.45 -13.09
CA ARG A 44 -23.12 31.16 -13.57
C ARG A 44 -22.01 30.14 -13.89
N GLU A 45 -21.26 30.40 -14.96
CA GLU A 45 -20.04 29.63 -15.32
C GLU A 45 -18.97 29.83 -14.24
N VAL A 46 -18.53 28.73 -13.64
CA VAL A 46 -17.34 28.68 -12.77
C VAL A 46 -16.17 28.11 -13.58
N PRO A 47 -15.07 28.86 -13.81
CA PRO A 47 -13.91 28.31 -14.50
C PRO A 47 -13.11 27.35 -13.60
N VAL A 48 -12.68 26.22 -14.15
CA VAL A 48 -11.81 25.20 -13.48
C VAL A 48 -10.59 24.94 -14.36
N LEU A 49 -9.40 24.92 -13.75
CA LEU A 49 -8.14 24.59 -14.46
C LEU A 49 -8.04 23.07 -14.65
N ASP A 50 -7.92 22.61 -15.92
CA ASP A 50 -7.94 21.17 -16.27
C ASP A 50 -6.49 20.70 -16.38
N HIS A 51 -6.05 19.86 -15.44
CA HIS A 51 -4.71 19.20 -15.40
C HIS A 51 -4.85 17.75 -15.91
N ALA A 52 -6.07 17.28 -16.15
CA ALA A 52 -6.33 15.92 -16.66
C ALA A 52 -6.23 15.95 -18.18
N CYS A 53 -7.00 16.81 -18.82
CA CYS A 53 -6.93 17.11 -20.28
C CYS A 53 -7.05 15.82 -21.11
N GLY A 54 -8.12 15.08 -20.89
CA GLY A 54 -8.39 13.87 -21.66
C GLY A 54 -7.30 12.82 -21.47
N PHE A 55 -6.75 12.71 -20.25
CA PHE A 55 -5.63 11.83 -19.89
C PHE A 55 -4.48 12.08 -20.86
N GLY A 56 -4.25 13.34 -21.20
CA GLY A 56 -3.09 13.75 -22.03
C GLY A 56 -3.43 13.79 -23.52
N SER A 57 -4.72 13.87 -23.85
CA SER A 57 -5.21 14.07 -25.24
C SER A 57 -5.06 15.53 -25.66
N LEU A 58 -4.95 16.49 -24.75
CA LEU A 58 -5.15 17.91 -25.14
C LEU A 58 -3.82 18.68 -25.03
N ILE A 59 -2.80 18.26 -25.75
CA ILE A 59 -1.51 18.98 -25.74
C ILE A 59 -1.77 20.45 -26.11
N PHE A 60 -2.76 20.72 -26.96
CA PHE A 60 -3.05 22.09 -27.49
C PHE A 60 -4.30 22.64 -26.81
N GLY A 61 -4.78 21.93 -25.81
CA GLY A 61 -5.93 22.39 -25.00
C GLY A 61 -7.26 22.00 -25.58
N HIS A 62 -8.33 22.31 -24.85
CA HIS A 62 -9.74 22.07 -25.26
C HIS A 62 -10.05 23.01 -26.42
N ASN A 63 -10.56 22.45 -27.55
CA ASN A 63 -11.23 23.23 -28.60
C ASN A 63 -10.31 24.35 -29.08
N HIS A 64 -9.08 24.00 -29.48
CA HIS A 64 -8.08 24.96 -29.98
C HIS A 64 -8.63 25.60 -31.24
N PRO A 65 -8.70 26.96 -31.30
CA PRO A 65 -9.35 27.66 -32.40
C PRO A 65 -8.86 27.18 -33.78
N GLU A 66 -7.54 26.97 -33.96
CA GLU A 66 -6.98 26.46 -35.23
C GLU A 66 -7.61 25.09 -35.55
N ILE A 67 -7.78 24.21 -34.56
CA ILE A 67 -8.29 22.84 -34.82
C ILE A 67 -9.77 22.94 -35.16
N ILE A 68 -10.50 23.76 -34.44
CA ILE A 68 -11.97 23.96 -34.67
C ILE A 68 -12.20 24.51 -36.09
N ALA A 69 -11.45 25.52 -36.47
CA ALA A 69 -11.58 26.19 -37.79
C ALA A 69 -11.28 25.15 -38.89
N HIS A 70 -10.17 24.41 -38.78
CA HIS A 70 -9.82 23.32 -39.75
C HIS A 70 -10.98 22.32 -39.82
N ALA A 71 -11.47 21.83 -38.70
CA ALA A 71 -12.59 20.87 -38.69
C ALA A 71 -13.80 21.51 -39.40
N LYS A 72 -14.14 22.75 -39.08
CA LYS A 72 -15.32 23.40 -39.74
C LYS A 72 -15.09 23.50 -41.26
N ALA A 73 -13.87 23.84 -41.70
CA ALA A 73 -13.51 23.90 -43.14
C ALA A 73 -13.62 22.51 -43.80
N ALA A 74 -13.12 21.45 -43.16
CA ALA A 74 -13.20 20.07 -43.69
C ALA A 74 -14.67 19.71 -43.90
N LEU A 75 -15.54 20.02 -42.94
CA LEU A 75 -16.97 19.67 -43.05
C LEU A 75 -17.65 20.48 -44.17
N ASP A 76 -17.32 21.78 -44.28
CA ASP A 76 -17.91 22.67 -45.31
C ASP A 76 -17.41 22.26 -46.71
N ALA A 77 -16.23 21.67 -46.81
CA ALA A 77 -15.68 21.20 -48.11
C ALA A 77 -16.34 19.88 -48.56
N GLY A 78 -17.19 19.24 -47.77
CA GLY A 78 -17.68 17.90 -48.12
C GLY A 78 -16.55 16.88 -48.15
N THR A 79 -15.71 16.90 -47.16
CA THR A 79 -14.70 15.81 -46.97
C THR A 79 -15.36 14.46 -47.16
N VAL A 80 -14.69 13.55 -47.84
CA VAL A 80 -15.21 12.15 -47.97
C VAL A 80 -14.80 11.44 -46.69
N VAL A 81 -15.72 11.32 -45.75
CA VAL A 81 -15.45 10.63 -44.46
C VAL A 81 -15.44 9.11 -44.71
N HIS A 82 -16.43 8.61 -45.45
CA HIS A 82 -16.66 7.17 -45.77
C HIS A 82 -16.34 6.90 -47.23
N ALA A 83 -15.08 6.56 -47.50
CA ALA A 83 -14.54 6.20 -48.83
C ALA A 83 -13.81 4.85 -48.74
N GLN A 84 -14.35 3.90 -47.97
CA GLN A 84 -13.71 2.56 -47.78
C GLN A 84 -13.43 1.94 -49.15
N LEU A 85 -12.30 1.25 -49.26
CA LEU A 85 -11.83 0.53 -50.47
C LEU A 85 -11.82 1.47 -51.69
N SER A 86 -11.24 2.65 -51.49
CA SER A 86 -10.89 3.59 -52.58
C SER A 86 -9.53 4.19 -52.24
N ARG A 87 -8.90 4.95 -53.13
CA ARG A 87 -7.56 5.55 -52.86
C ARG A 87 -7.76 6.69 -51.87
N GLN A 88 -7.07 6.63 -50.71
CA GLN A 88 -7.07 7.66 -49.64
C GLN A 88 -5.63 8.08 -49.38
N PRO A 89 -5.07 8.98 -50.22
CA PRO A 89 -3.66 9.37 -50.13
C PRO A 89 -3.25 10.01 -48.80
N ARG A 90 -4.22 10.49 -48.02
CA ARG A 90 -3.91 11.18 -46.75
C ARG A 90 -3.30 10.19 -45.76
N ALA A 91 -3.71 8.92 -45.82
CA ALA A 91 -3.10 7.87 -44.97
C ALA A 91 -1.59 7.88 -45.21
N ASN A 92 -1.18 7.76 -46.47
CA ASN A 92 0.25 7.73 -46.87
C ASN A 92 0.95 9.01 -46.43
N GLN A 93 0.32 10.17 -46.60
CA GLN A 93 0.90 11.50 -46.31
C GLN A 93 1.16 11.64 -44.80
N ILE A 94 0.19 11.26 -43.97
CA ILE A 94 0.35 11.17 -42.51
C ILE A 94 1.53 10.24 -42.19
N SER A 95 1.63 9.04 -42.79
CA SER A 95 2.68 8.05 -42.40
C SER A 95 4.03 8.62 -42.83
N ARG A 96 4.09 9.25 -44.00
CA ARG A 96 5.32 9.92 -44.50
C ARG A 96 5.84 10.88 -43.40
N ILE A 97 4.96 11.69 -42.81
CA ILE A 97 5.38 12.78 -41.89
C ILE A 97 5.90 12.13 -40.60
N LEU A 98 5.17 11.18 -40.04
CA LEU A 98 5.60 10.48 -38.79
C LEU A 98 6.96 9.81 -39.02
N ASN A 99 7.12 9.17 -40.18
CA ASN A 99 8.37 8.53 -40.68
C ASN A 99 9.56 9.53 -40.60
N ASP A 100 9.38 10.73 -41.18
CA ASP A 100 10.39 11.81 -41.27
C ASP A 100 10.68 12.32 -39.86
N ILE A 101 9.64 12.48 -39.03
CA ILE A 101 9.81 12.93 -37.63
C ILE A 101 10.63 11.86 -36.88
N MET A 102 10.28 10.58 -36.99
CA MET A 102 11.02 9.57 -36.20
C MET A 102 12.48 9.50 -36.67
N ARG A 103 12.75 9.62 -37.96
CA ARG A 103 14.13 9.62 -38.53
C ARG A 103 14.94 10.77 -37.91
N ARG A 104 14.37 11.97 -37.91
CA ARG A 104 14.98 13.20 -37.37
C ARG A 104 15.33 12.99 -35.89
N GLU A 105 14.44 12.38 -35.12
CA GLU A 105 14.58 12.33 -33.65
C GLU A 105 15.44 11.14 -33.21
N THR A 106 15.52 10.06 -33.98
CA THR A 106 16.31 8.85 -33.58
C THR A 106 17.62 8.75 -34.40
N GLY A 107 17.79 9.60 -35.41
CA GLY A 107 18.84 9.47 -36.43
C GLY A 107 18.79 8.17 -37.20
N ARG A 108 17.77 7.31 -37.02
CA ARG A 108 17.68 6.01 -37.75
C ARG A 108 16.86 6.23 -39.03
N ASP A 109 17.38 5.71 -40.14
CA ASP A 109 16.76 5.86 -41.47
C ASP A 109 15.94 4.61 -41.71
N ASP A 110 14.93 4.40 -40.87
CA ASP A 110 14.00 3.25 -40.89
C ASP A 110 12.67 3.71 -41.46
N ARG A 111 11.98 2.79 -42.13
CA ARG A 111 10.68 3.10 -42.76
C ARG A 111 9.60 2.28 -42.05
N TYR A 112 8.43 2.91 -41.88
CA TYR A 112 7.28 2.34 -41.13
C TYR A 112 6.04 2.34 -42.02
N ASN A 113 5.35 1.22 -42.07
CA ASN A 113 3.96 1.16 -42.60
C ASN A 113 3.00 1.60 -41.49
N ALA A 114 1.96 2.33 -41.88
CA ALA A 114 0.89 2.83 -40.99
C ALA A 114 -0.41 2.06 -41.29
N ILE A 115 -1.07 1.62 -40.23
CA ILE A 115 -2.45 1.09 -40.20
C ILE A 115 -3.19 1.94 -39.20
N PHE A 116 -4.28 2.56 -39.61
CA PHE A 116 -5.06 3.46 -38.72
C PHE A 116 -6.13 2.67 -37.97
N ALA A 117 -6.54 3.20 -36.82
CA ALA A 117 -7.74 2.71 -36.09
C ALA A 117 -8.43 3.88 -35.40
N ASN A 118 -9.21 3.59 -34.37
CA ASN A 118 -10.24 4.48 -33.78
C ASN A 118 -9.95 4.74 -32.30
N SER A 119 -8.98 4.04 -31.73
CA SER A 119 -8.70 4.13 -30.28
C SER A 119 -7.29 3.58 -30.09
N GLY A 120 -6.64 3.95 -29.00
CA GLY A 120 -5.31 3.44 -28.66
C GLY A 120 -5.33 1.93 -28.46
N ALA A 121 -6.36 1.39 -27.86
CA ALA A 121 -6.48 -0.08 -27.68
C ALA A 121 -6.54 -0.74 -29.06
N GLU A 122 -7.21 -0.10 -30.02
CA GLU A 122 -7.38 -0.67 -31.38
C GLU A 122 -6.01 -0.69 -32.09
N ALA A 123 -5.15 0.33 -31.85
CA ALA A 123 -3.80 0.41 -32.46
C ALA A 123 -2.90 -0.67 -31.85
N ASN A 124 -2.97 -0.79 -30.53
CA ASN A 124 -2.26 -1.83 -29.75
C ASN A 124 -2.71 -3.20 -30.25
N GLU A 125 -3.96 -3.39 -30.63
CA GLU A 125 -4.49 -4.73 -31.02
C GLU A 125 -4.10 -5.06 -32.46
N ILE A 126 -4.05 -4.05 -33.32
CA ILE A 126 -3.37 -4.16 -34.65
C ILE A 126 -1.95 -4.72 -34.48
N CYS A 127 -1.21 -4.24 -33.47
CA CYS A 127 0.20 -4.64 -33.22
C CYS A 127 0.23 -6.08 -32.67
N MET A 128 -0.74 -6.45 -31.82
CA MET A 128 -0.82 -7.80 -31.22
C MET A 128 -1.07 -8.80 -32.38
N LYS A 129 -1.96 -8.45 -33.30
CA LYS A 129 -2.33 -9.28 -34.48
C LYS A 129 -1.13 -9.37 -35.41
N HIS A 130 -0.52 -8.25 -35.75
CA HIS A 130 0.64 -8.30 -36.68
C HIS A 130 1.74 -9.14 -36.03
N ALA A 131 1.92 -9.01 -34.71
CA ALA A 131 2.90 -9.82 -33.93
C ALA A 131 2.61 -11.31 -34.13
N GLU A 132 1.35 -11.66 -33.98
CA GLU A 132 0.87 -13.06 -34.10
C GLU A 132 1.05 -13.51 -35.55
N LEU A 133 0.91 -12.62 -36.54
CA LEU A 133 1.18 -13.01 -37.95
C LEU A 133 2.66 -13.39 -38.09
N GLU A 134 3.55 -12.64 -37.44
CA GLU A 134 5.02 -12.88 -37.53
C GLU A 134 5.33 -14.20 -36.82
N ARG A 135 4.59 -14.54 -35.76
CA ARG A 135 4.82 -15.78 -34.97
C ARG A 135 4.33 -16.99 -35.78
N GLN A 136 3.26 -16.83 -36.54
CA GLN A 136 2.76 -17.92 -37.43
C GLN A 136 3.78 -18.16 -38.55
N GLU A 137 4.32 -17.10 -39.16
CA GLU A 137 5.47 -17.25 -40.12
C GLU A 137 6.58 -18.12 -39.50
N ARG A 138 7.08 -17.74 -38.32
CA ARG A 138 8.21 -18.38 -37.61
C ARG A 138 7.84 -19.83 -37.34
N ILE A 139 6.60 -20.05 -36.92
CA ILE A 139 6.05 -21.40 -36.63
C ILE A 139 5.99 -22.25 -37.92
N THR A 140 5.44 -21.73 -39.02
CA THR A 140 5.42 -22.50 -40.29
C THR A 140 6.83 -22.97 -40.65
N ALA A 141 7.83 -22.11 -40.48
CA ALA A 141 9.21 -22.37 -40.95
C ALA A 141 9.82 -23.47 -40.07
N LEU A 142 9.64 -23.36 -38.75
CA LEU A 142 10.16 -24.32 -37.74
C LEU A 142 9.59 -25.72 -38.03
N PHE A 143 8.27 -25.79 -38.24
CA PHE A 143 7.52 -27.04 -38.47
C PHE A 143 7.94 -27.63 -39.83
N ALA A 144 8.16 -26.80 -40.83
CA ALA A 144 8.76 -27.20 -42.12
C ALA A 144 10.12 -27.88 -41.90
N GLU A 145 10.97 -27.32 -41.04
CA GLU A 145 12.32 -27.91 -40.81
C GLU A 145 12.18 -29.22 -40.04
N ILE A 146 11.24 -29.27 -39.09
CA ILE A 146 11.04 -30.47 -38.24
C ILE A 146 10.60 -31.63 -39.13
N ASP A 147 9.65 -31.41 -40.06
CA ASP A 147 9.25 -32.42 -41.07
C ASP A 147 10.50 -32.94 -41.80
N ALA A 148 11.29 -32.05 -42.40
CA ALA A 148 12.59 -32.39 -43.06
C ALA A 148 13.47 -33.25 -42.14
N GLU A 149 13.72 -32.82 -40.89
CA GLU A 149 14.53 -33.58 -39.89
C GLU A 149 13.89 -34.95 -39.64
N LEU A 150 12.56 -35.05 -39.62
CA LEU A 150 11.84 -36.33 -39.39
C LEU A 150 11.99 -37.24 -40.61
N ASP A 151 11.80 -36.71 -41.83
CA ASP A 151 12.05 -37.44 -43.11
C ASP A 151 13.47 -38.02 -43.11
N THR A 152 14.48 -37.22 -42.78
CA THR A 152 15.94 -37.55 -42.84
C THR A 152 16.29 -38.56 -41.72
N ALA A 153 15.55 -38.54 -40.61
CA ALA A 153 15.79 -39.46 -39.47
C ALA A 153 15.11 -40.80 -39.75
N ARG A 154 13.99 -40.80 -40.49
CA ARG A 154 13.22 -42.02 -40.86
C ARG A 154 13.90 -42.76 -42.02
N GLU A 155 14.54 -42.02 -42.93
CA GLU A 155 15.36 -42.54 -44.05
C GLU A 155 16.58 -43.27 -43.46
N ALA A 156 17.25 -42.63 -42.51
CA ALA A 156 18.45 -43.15 -41.83
C ALA A 156 18.08 -44.40 -41.02
N LEU A 157 16.92 -44.40 -40.38
CA LEU A 157 16.51 -45.47 -39.43
C LEU A 157 16.01 -46.69 -40.21
N THR A 158 15.21 -46.49 -41.26
CA THR A 158 14.59 -47.60 -42.05
C THR A 158 15.66 -48.31 -42.90
N THR A 159 16.52 -47.56 -43.60
CA THR A 159 17.66 -48.09 -44.42
C THR A 159 18.64 -48.87 -43.51
N GLY A 160 18.82 -48.43 -42.27
CA GLY A 160 19.72 -49.06 -41.29
C GLY A 160 21.02 -48.27 -41.10
N THR A 161 21.18 -47.13 -41.78
CA THR A 161 22.39 -46.27 -41.69
C THR A 161 22.58 -45.80 -40.23
N ALA A 162 21.53 -45.72 -39.41
CA ALA A 162 21.60 -45.30 -37.99
C ALA A 162 20.60 -46.05 -37.11
N THR A 163 20.84 -46.04 -35.78
CA THR A 163 19.99 -46.65 -34.73
C THR A 163 19.39 -45.54 -33.85
N LEU A 164 18.15 -45.71 -33.38
CA LEU A 164 17.48 -44.78 -32.43
C LEU A 164 18.10 -44.98 -31.04
N ASP A 165 18.54 -43.89 -30.40
CA ASP A 165 19.05 -43.91 -29.00
C ASP A 165 17.85 -43.84 -28.05
N THR A 166 17.70 -44.88 -27.24
CA THR A 166 16.50 -45.17 -26.41
C THR A 166 16.59 -44.41 -25.07
N ALA A 167 17.72 -43.76 -24.75
CA ALA A 167 17.90 -42.89 -23.56
C ALA A 167 17.19 -41.54 -23.77
N SER A 168 16.86 -41.21 -25.01
CA SER A 168 16.15 -39.97 -25.42
C SER A 168 14.63 -40.21 -25.51
N LEU A 169 14.18 -41.47 -25.38
CA LEU A 169 12.75 -41.86 -25.57
C LEU A 169 11.85 -41.38 -24.43
N PRO A 170 12.34 -41.10 -23.19
CA PRO A 170 11.50 -40.44 -22.19
C PRO A 170 10.70 -39.28 -22.82
N LEU A 171 11.36 -38.39 -23.60
CA LEU A 171 10.78 -37.11 -24.12
C LEU A 171 9.42 -37.38 -24.81
N VAL A 172 9.26 -38.54 -25.45
CA VAL A 172 7.92 -39.06 -25.83
C VAL A 172 7.47 -40.03 -24.73
N ASP A 178 9.79 -47.91 -31.38
CA ASP A 178 9.25 -48.09 -32.75
C ASP A 178 9.26 -46.74 -33.50
N VAL A 179 9.85 -46.70 -34.69
CA VAL A 179 10.06 -45.46 -35.53
C VAL A 179 8.72 -44.74 -35.71
N ASP A 180 7.83 -45.30 -36.54
CA ASP A 180 6.58 -44.65 -36.99
C ASP A 180 5.78 -44.12 -35.79
N GLY A 181 5.78 -44.86 -34.67
CA GLY A 181 5.04 -44.53 -33.45
C GLY A 181 5.63 -43.33 -32.72
N VAL A 182 6.96 -43.28 -32.61
CA VAL A 182 7.69 -42.16 -31.93
C VAL A 182 7.46 -40.87 -32.73
N ILE A 183 7.30 -40.98 -34.06
CA ILE A 183 7.09 -39.81 -34.97
C ILE A 183 5.66 -39.29 -34.82
N ALA A 184 4.68 -40.18 -34.77
CA ALA A 184 3.26 -39.83 -34.50
C ALA A 184 3.19 -39.11 -33.15
N ASP A 185 3.86 -39.60 -32.11
CA ASP A 185 3.88 -39.05 -30.72
C ASP A 185 4.50 -37.65 -30.69
N ILE A 186 5.49 -37.40 -31.55
CA ILE A 186 6.16 -36.10 -31.79
C ILE A 186 5.18 -35.15 -32.49
N HIS A 187 4.53 -35.59 -33.56
CA HIS A 187 3.52 -34.79 -34.32
C HIS A 187 2.37 -34.42 -33.39
N ARG A 188 2.02 -35.28 -32.43
CA ARG A 188 0.88 -35.06 -31.49
C ARG A 188 1.32 -34.02 -30.46
N HIS A 189 2.48 -34.20 -29.84
CA HIS A 189 3.09 -33.21 -28.90
C HIS A 189 3.16 -31.84 -29.60
N ASN A 190 3.66 -31.81 -30.83
CA ASN A 190 4.01 -30.55 -31.55
C ASN A 190 2.71 -29.80 -31.86
N ASP A 191 1.66 -30.52 -32.30
CA ASP A 191 0.35 -29.92 -32.69
C ASP A 191 -0.31 -29.33 -31.43
N GLU A 192 -0.28 -30.08 -30.33
CA GLU A 192 -0.69 -29.58 -28.99
C GLU A 192 -0.06 -28.19 -28.79
N ARG A 193 1.28 -28.14 -28.82
CA ARG A 193 2.06 -26.90 -28.54
C ARG A 193 1.66 -25.78 -29.53
N ARG A 194 1.43 -26.15 -30.78
CA ARG A 194 1.23 -25.20 -31.87
C ARG A 194 -0.04 -24.40 -31.60
N ALA A 195 -1.08 -25.06 -31.10
CA ALA A 195 -2.41 -24.45 -30.87
C ALA A 195 -2.48 -23.71 -29.53
N GLU A 196 -1.48 -23.77 -28.64
CA GLU A 196 -1.53 -23.06 -27.33
C GLU A 196 -1.48 -21.54 -27.54
N ARG A 197 -2.19 -20.80 -26.71
CA ARG A 197 -2.16 -19.33 -26.73
C ARG A 197 -0.71 -18.88 -26.65
N PRO A 198 -0.30 -17.77 -27.30
CA PRO A 198 0.98 -17.13 -27.05
C PRO A 198 1.00 -16.36 -25.72
N LEU A 199 2.14 -15.86 -25.35
CA LEU A 199 2.30 -14.94 -24.20
C LEU A 199 2.60 -13.54 -24.75
N PHE A 200 2.28 -12.49 -24.02
CA PHE A 200 2.80 -11.12 -24.27
C PHE A 200 3.62 -10.77 -23.05
N LEU A 201 4.68 -10.00 -23.22
CA LEU A 201 5.48 -9.47 -22.11
C LEU A 201 5.17 -7.98 -22.02
N THR A 202 4.88 -7.54 -20.78
CA THR A 202 4.58 -6.12 -20.45
C THR A 202 5.40 -5.80 -19.21
N LEU A 203 5.42 -4.53 -18.79
CA LEU A 203 6.00 -4.14 -17.48
C LEU A 203 4.91 -4.19 -16.40
N ASP A 204 5.32 -4.28 -15.13
CA ASP A 204 4.39 -4.14 -13.99
C ASP A 204 3.76 -2.73 -14.09
N GLY A 205 2.45 -2.59 -13.81
CA GLY A 205 1.78 -1.28 -13.84
C GLY A 205 1.41 -0.85 -15.23
N SER A 206 1.57 -1.73 -16.23
CA SER A 206 1.40 -1.44 -17.68
C SER A 206 -0.06 -1.09 -17.96
N PHE A 207 -0.29 -0.08 -18.78
CA PHE A 207 -1.66 0.18 -19.28
C PHE A 207 -1.63 0.24 -20.81
N HIS A 208 -2.36 -0.67 -21.49
CA HIS A 208 -2.36 -0.79 -22.97
C HIS A 208 -3.78 -0.84 -23.57
N GLY A 209 -4.81 -0.60 -22.77
CA GLY A 209 -6.22 -0.62 -23.18
C GLY A 209 -7.03 -1.68 -22.47
N LYS A 210 -8.33 -1.69 -22.76
CA LYS A 210 -9.32 -2.47 -21.96
C LYS A 210 -10.25 -3.27 -22.90
N LEU A 211 -9.83 -3.61 -24.12
CA LEU A 211 -10.64 -4.51 -24.98
C LEU A 211 -10.20 -5.95 -24.68
N VAL A 212 -10.74 -6.93 -25.38
CA VAL A 212 -10.65 -8.36 -24.96
C VAL A 212 -9.17 -8.77 -24.99
N GLY A 213 -8.48 -8.42 -26.08
CA GLY A 213 -7.02 -8.59 -26.27
C GLY A 213 -6.23 -7.72 -25.30
N SER A 214 -6.41 -6.41 -25.36
CA SER A 214 -5.50 -5.43 -24.70
C SER A 214 -5.59 -5.51 -23.18
N ILE A 215 -6.78 -5.81 -22.60
CA ILE A 215 -6.97 -5.79 -21.13
C ILE A 215 -6.01 -6.80 -20.49
N GLN A 216 -5.74 -7.93 -21.16
CA GLN A 216 -4.78 -8.91 -20.59
C GLN A 216 -3.41 -8.23 -20.46
N LEU A 217 -3.15 -7.16 -21.25
CA LEU A 217 -1.83 -6.47 -21.27
C LEU A 217 -1.85 -5.36 -20.21
N THR A 218 -2.95 -5.23 -19.45
CA THR A 218 -3.15 -4.12 -18.48
C THR A 218 -3.12 -4.70 -17.07
N GLN A 219 -2.17 -4.26 -16.24
CA GLN A 219 -1.91 -4.78 -14.86
C GLN A 219 -3.16 -4.64 -13.97
N ASN A 220 -3.76 -3.42 -13.92
CA ASN A 220 -4.79 -3.06 -12.90
C ASN A 220 -5.66 -4.29 -12.66
N GLU A 221 -5.58 -4.92 -11.49
CA GLU A 221 -6.12 -6.30 -11.22
C GLU A 221 -7.65 -6.35 -11.35
N PRO A 222 -8.38 -5.42 -10.71
CA PRO A 222 -9.85 -5.42 -10.81
C PRO A 222 -10.29 -5.20 -12.27
N TRP A 223 -9.49 -4.51 -13.11
CA TRP A 223 -9.89 -4.24 -14.52
C TRP A 223 -9.71 -5.49 -15.38
N ARG A 224 -8.78 -6.35 -14.98
CA ARG A 224 -8.26 -7.43 -15.87
C ARG A 224 -8.73 -8.80 -15.38
N THR A 225 -8.58 -9.12 -14.09
CA THR A 225 -8.65 -10.55 -13.62
C THR A 225 -9.99 -11.19 -13.96
N PRO A 226 -11.12 -10.44 -14.08
CA PRO A 226 -12.41 -11.04 -14.44
C PRO A 226 -12.47 -11.59 -15.88
N PHE A 227 -11.54 -11.18 -16.75
CA PHE A 227 -11.52 -11.43 -18.21
C PHE A 227 -10.39 -12.39 -18.57
N THR A 228 -9.60 -12.86 -17.58
CA THR A 228 -8.40 -13.72 -17.72
C THR A 228 -8.60 -14.85 -18.75
N ALA A 229 -9.75 -15.48 -18.74
CA ALA A 229 -10.06 -16.72 -19.51
C ALA A 229 -10.25 -16.42 -20.99
N LEU A 230 -10.51 -15.16 -21.37
CA LEU A 230 -10.95 -14.81 -22.74
C LEU A 230 -9.78 -14.82 -23.72
N SER A 231 -8.59 -14.37 -23.30
CA SER A 231 -7.53 -13.98 -24.26
C SER A 231 -6.14 -14.35 -23.73
N SER A 232 -5.14 -14.37 -24.62
CA SER A 232 -3.74 -14.63 -24.27
C SER A 232 -3.31 -13.73 -23.14
N PRO A 233 -2.61 -14.26 -22.13
CA PRO A 233 -2.10 -13.42 -21.05
C PRO A 233 -0.77 -12.74 -21.37
N ALA A 234 -0.43 -11.82 -20.48
CA ALA A 234 0.84 -11.08 -20.36
C ALA A 234 1.57 -11.61 -19.12
N ARG A 235 2.90 -11.67 -19.19
CA ARG A 235 3.73 -11.71 -17.97
C ARG A 235 4.19 -10.29 -17.77
N PHE A 236 3.89 -9.77 -16.60
CA PHE A 236 4.22 -8.41 -16.14
C PHE A 236 5.61 -8.44 -15.53
N LEU A 237 6.58 -7.91 -16.23
CA LEU A 237 8.00 -7.97 -15.84
C LEU A 237 8.29 -6.87 -14.82
N PRO A 238 9.04 -7.17 -13.74
CA PRO A 238 9.32 -6.20 -12.69
C PRO A 238 10.30 -5.11 -13.14
N ALA A 239 9.78 -3.91 -13.38
CA ALA A 239 10.49 -2.78 -14.05
C ALA A 239 11.72 -2.38 -13.23
N ASP A 240 11.59 -2.31 -11.90
CA ASP A 240 12.66 -1.78 -10.99
C ASP A 240 13.67 -2.88 -10.65
N GLU A 241 13.28 -4.16 -10.71
CA GLU A 241 14.11 -5.33 -10.33
C GLU A 241 14.44 -6.16 -11.58
N PRO A 242 15.07 -5.58 -12.61
CA PRO A 242 15.18 -6.21 -13.93
C PRO A 242 16.24 -7.32 -14.04
N GLU A 243 16.93 -7.62 -12.94
CA GLU A 243 17.84 -8.79 -12.84
C GLU A 243 16.98 -10.07 -12.80
N LEU A 244 15.68 -9.94 -12.47
CA LEU A 244 14.69 -11.07 -12.37
C LEU A 244 13.96 -11.37 -13.69
N ILE A 245 13.90 -10.42 -14.63
CA ILE A 245 13.14 -10.55 -15.91
C ILE A 245 13.67 -11.78 -16.67
N GLY A 246 15.00 -11.88 -16.80
CA GLY A 246 15.73 -12.99 -17.44
C GLY A 246 15.18 -14.34 -17.03
N LYS A 247 15.03 -14.55 -15.73
CA LYS A 247 14.56 -15.83 -15.15
C LYS A 247 13.07 -16.02 -15.47
N ILE A 248 12.27 -14.95 -15.39
CA ILE A 248 10.81 -15.03 -15.65
C ILE A 248 10.59 -15.47 -17.10
N VAL A 249 11.36 -14.96 -18.06
CA VAL A 249 11.15 -15.28 -19.49
C VAL A 249 11.70 -16.68 -19.74
N GLU A 250 12.82 -17.03 -19.11
CA GLU A 250 13.39 -18.39 -19.23
C GLU A 250 12.36 -19.40 -18.74
N ASP A 251 11.65 -19.15 -17.62
CA ASP A 251 10.57 -20.08 -17.18
C ASP A 251 9.55 -20.33 -18.28
N GLU A 252 9.32 -19.36 -19.17
CA GLU A 252 8.23 -19.42 -20.18
C GLU A 252 8.68 -20.09 -21.48
N ARG A 253 9.96 -20.42 -21.62
CA ARG A 253 10.47 -21.23 -22.75
C ARG A 253 9.57 -22.44 -22.90
N ARG A 254 9.20 -22.80 -24.12
CA ARG A 254 8.50 -24.07 -24.47
C ARG A 254 9.22 -24.68 -25.67
N SER A 255 9.27 -26.01 -25.68
CA SER A 255 9.98 -26.88 -26.65
C SER A 255 8.96 -27.51 -27.58
N VAL A 256 9.34 -27.73 -28.83
CA VAL A 256 8.74 -28.79 -29.68
C VAL A 256 9.77 -29.94 -29.76
N LEU A 257 9.39 -31.06 -30.35
CA LEU A 257 10.28 -32.24 -30.48
C LEU A 257 10.57 -32.45 -31.95
N THR A 258 11.76 -32.97 -32.23
CA THR A 258 12.18 -33.47 -33.56
C THR A 258 13.13 -34.66 -33.37
N LEU A 259 13.55 -35.27 -34.48
CA LEU A 259 14.64 -36.27 -34.47
C LEU A 259 15.91 -35.64 -35.09
N SER A 260 17.03 -35.79 -34.39
CA SER A 260 18.38 -35.29 -34.78
C SER A 260 19.24 -36.49 -35.22
N LEU A 261 19.70 -36.48 -36.46
CA LEU A 261 20.64 -37.48 -37.03
C LEU A 261 22.09 -37.03 -36.80
N ASP A 262 22.97 -37.96 -36.41
CA ASP A 262 24.41 -37.72 -36.14
C ASP A 262 25.26 -38.34 -37.26
N ASP A 264 25.20 -42.27 -37.39
CA ASP A 264 25.18 -43.54 -36.59
C ASP A 264 23.97 -43.55 -35.64
N THR A 265 23.71 -42.43 -34.95
CA THR A 265 22.74 -42.33 -33.82
C THR A 265 21.65 -41.30 -34.17
N VAL A 266 20.37 -41.68 -33.95
CA VAL A 266 19.19 -40.76 -34.01
C VAL A 266 18.68 -40.58 -32.58
N ARG A 267 18.41 -39.32 -32.19
CA ARG A 267 17.99 -38.91 -30.83
C ARG A 267 16.76 -37.98 -30.96
N VAL A 268 15.74 -38.23 -30.13
CA VAL A 268 14.64 -37.26 -29.87
C VAL A 268 15.28 -36.14 -29.08
N VAL A 269 15.08 -34.90 -29.54
CA VAL A 269 15.62 -33.68 -28.90
C VAL A 269 14.52 -32.63 -28.93
N GLU A 270 14.54 -31.80 -27.91
CA GLU A 270 13.73 -30.56 -27.79
C GLU A 270 14.36 -29.50 -28.71
N ARG A 271 13.54 -28.64 -29.32
CA ARG A 271 13.92 -27.42 -30.04
C ARG A 271 13.07 -26.25 -29.54
N ASP A 272 13.54 -25.00 -29.59
CA ASP A 272 12.77 -23.82 -29.07
C ASP A 272 11.47 -23.70 -29.87
N PHE A 273 10.32 -23.50 -29.21
CA PHE A 273 9.06 -23.07 -29.84
C PHE A 273 8.88 -21.57 -29.59
N PRO A 274 8.51 -20.73 -30.59
CA PRO A 274 8.19 -19.31 -30.35
C PRO A 274 6.84 -19.09 -29.63
N VAL A 275 6.93 -18.71 -28.35
CA VAL A 275 5.77 -18.55 -27.42
C VAL A 275 5.44 -17.06 -27.28
N VAL A 276 6.43 -16.19 -27.21
CA VAL A 276 6.17 -14.75 -26.97
C VAL A 276 5.85 -14.04 -28.29
N ALA A 277 4.63 -13.51 -28.43
CA ALA A 277 4.17 -12.78 -29.64
C ALA A 277 4.81 -11.40 -29.68
N ALA A 278 4.89 -10.73 -28.53
CA ALA A 278 5.38 -9.33 -28.50
C ALA A 278 5.72 -8.91 -27.08
N ILE A 279 6.59 -7.91 -27.01
CA ILE A 279 6.91 -7.08 -25.83
C ILE A 279 6.26 -5.70 -26.01
N PHE A 280 5.52 -5.23 -24.98
CA PHE A 280 4.86 -3.89 -24.97
C PHE A 280 5.56 -3.02 -23.94
N VAL A 281 5.74 -1.74 -24.28
CA VAL A 281 6.31 -0.78 -23.32
C VAL A 281 5.73 0.60 -23.57
N GLU A 282 5.50 1.31 -22.48
CA GLU A 282 5.18 2.76 -22.47
C GLU A 282 6.46 3.50 -22.13
N PRO A 283 6.90 4.49 -22.93
CA PRO A 283 8.10 5.26 -22.57
C PRO A 283 7.95 5.96 -21.21
N VAL A 284 6.72 6.37 -20.88
CA VAL A 284 6.36 6.92 -19.53
C VAL A 284 5.14 6.13 -19.08
N ARG A 285 5.23 5.49 -17.92
CA ARG A 285 4.33 4.38 -17.54
C ARG A 285 3.10 4.96 -16.80
N GLY A 286 2.06 5.32 -17.57
CA GLY A 286 0.73 5.77 -17.14
C GLY A 286 0.19 5.01 -15.94
N GLY A 287 0.11 3.68 -16.03
CA GLY A 287 -0.43 2.85 -14.94
C GLY A 287 0.50 2.71 -13.74
N SER A 288 1.73 3.21 -13.82
CA SER A 288 2.76 3.12 -12.74
C SER A 288 2.96 4.50 -12.10
N GLY A 289 2.15 5.49 -12.48
CA GLY A 289 2.19 6.87 -11.93
C GLY A 289 3.22 7.73 -12.63
N MET A 290 3.40 7.54 -13.93
CA MET A 290 4.20 8.42 -14.85
C MET A 290 5.70 8.16 -14.68
N LYS A 291 6.11 6.94 -14.33
CA LYS A 291 7.55 6.58 -14.23
C LYS A 291 8.13 6.46 -15.65
N THR A 292 9.20 7.19 -15.94
CA THR A 292 9.92 7.07 -17.23
C THR A 292 10.73 5.77 -17.19
N VAL A 293 10.74 5.02 -18.28
CA VAL A 293 11.59 3.82 -18.50
C VAL A 293 13.05 4.26 -18.35
N THR A 294 13.82 3.56 -17.51
CA THR A 294 15.25 3.84 -17.24
C THR A 294 16.08 3.26 -18.38
N PRO A 295 17.31 3.77 -18.63
CA PRO A 295 18.20 3.16 -19.61
C PRO A 295 18.43 1.66 -19.35
N GLU A 296 18.59 1.26 -18.09
CA GLU A 296 18.87 -0.16 -17.74
C GLU A 296 17.68 -1.00 -18.21
N LEU A 297 16.46 -0.49 -18.07
CA LEU A 297 15.26 -1.30 -18.42
C LEU A 297 15.11 -1.34 -19.96
N ALA A 298 15.29 -0.20 -20.62
CA ALA A 298 15.31 -0.09 -22.09
C ALA A 298 16.27 -1.15 -22.62
N GLU A 299 17.38 -1.35 -21.97
CA GLU A 299 18.42 -2.27 -22.51
C GLU A 299 17.98 -3.70 -22.19
N GLU A 300 17.26 -3.93 -21.10
CA GLU A 300 16.73 -5.30 -20.86
C GLU A 300 15.67 -5.62 -21.94
N LEU A 301 14.88 -4.64 -22.38
CA LEU A 301 13.77 -4.86 -23.37
C LEU A 301 14.37 -5.16 -24.77
N HIS A 302 15.37 -4.39 -25.18
CA HIS A 302 16.21 -4.63 -26.38
C HIS A 302 16.80 -6.04 -26.35
N ARG A 303 17.45 -6.43 -25.27
CA ARG A 303 18.02 -7.80 -25.13
C ARG A 303 16.90 -8.78 -25.44
N LEU A 304 15.75 -8.60 -24.80
CA LEU A 304 14.65 -9.59 -24.81
C LEU A 304 14.16 -9.75 -26.25
N ARG A 305 13.92 -8.61 -26.92
CA ARG A 305 13.47 -8.51 -28.31
C ARG A 305 14.47 -9.20 -29.24
N ASP A 306 15.74 -8.80 -29.20
CA ASP A 306 16.83 -9.46 -29.99
C ASP A 306 16.86 -10.97 -29.63
N THR A 307 16.66 -11.34 -28.38
CA THR A 307 16.80 -12.76 -27.95
C THR A 307 15.63 -13.60 -28.46
N LEU A 308 14.39 -13.14 -28.30
CA LEU A 308 13.18 -13.96 -28.60
C LEU A 308 12.83 -13.80 -30.08
N GLY A 309 13.27 -12.68 -30.68
CA GLY A 309 12.98 -12.27 -32.07
C GLY A 309 11.50 -12.00 -32.30
N CYS A 310 10.74 -11.72 -31.25
CA CYS A 310 9.40 -11.10 -31.36
C CYS A 310 9.57 -9.58 -31.40
N PRO A 311 8.59 -8.80 -31.92
CA PRO A 311 8.72 -7.34 -31.92
C PRO A 311 8.55 -6.75 -30.52
N LEU A 312 9.24 -5.63 -30.34
CA LEU A 312 9.04 -4.67 -29.24
C LEU A 312 8.06 -3.58 -29.73
N VAL A 313 6.86 -3.58 -29.11
CA VAL A 313 5.80 -2.58 -29.38
C VAL A 313 5.94 -1.46 -28.35
N VAL A 314 6.17 -0.25 -28.86
CA VAL A 314 6.27 0.99 -28.05
C VAL A 314 4.92 1.70 -28.13
N ASP A 315 4.17 1.66 -27.03
CA ASP A 315 2.84 2.29 -26.87
C ASP A 315 3.08 3.77 -26.56
N GLU A 316 2.89 4.65 -27.53
CA GLU A 316 3.01 6.13 -27.33
C GLU A 316 1.63 6.73 -27.51
N VAL A 317 0.61 5.95 -27.15
CA VAL A 317 -0.80 6.44 -27.13
C VAL A 317 -0.89 7.70 -26.27
N GLN A 318 -0.18 7.72 -25.13
CA GLN A 318 -0.13 8.87 -24.19
C GLN A 318 1.13 9.72 -24.35
N THR A 319 2.30 9.10 -24.59
CA THR A 319 3.62 9.81 -24.62
C THR A 319 3.89 10.55 -25.93
N GLY A 320 3.26 10.16 -27.04
CA GLY A 320 3.49 10.77 -28.36
C GLY A 320 2.90 12.19 -28.55
N ILE A 321 3.23 12.77 -29.69
CA ILE A 321 2.69 14.05 -30.23
C ILE A 321 3.06 15.13 -29.22
N GLY A 322 4.29 15.07 -28.71
CA GLY A 322 5.07 16.19 -28.13
C GLY A 322 5.03 16.22 -26.62
N ARG A 323 4.20 15.39 -26.01
CA ARG A 323 3.90 15.41 -24.56
C ARG A 323 5.20 15.45 -23.73
N THR A 324 6.21 14.66 -24.12
CA THR A 324 7.45 14.49 -23.33
C THR A 324 8.49 15.52 -23.74
N GLY A 325 8.20 16.42 -24.68
CA GLY A 325 9.15 17.48 -25.11
C GLY A 325 9.92 17.06 -26.35
N ALA A 326 9.62 15.87 -26.88
CA ALA A 326 9.93 15.41 -28.27
C ALA A 326 8.64 14.82 -28.85
N PHE A 327 8.53 14.67 -30.17
CA PHE A 327 7.36 13.97 -30.77
C PHE A 327 7.25 12.56 -30.20
N PHE A 328 8.31 11.75 -30.30
CA PHE A 328 8.31 10.40 -29.69
C PHE A 328 9.08 10.44 -28.38
N GLY A 329 8.45 10.00 -27.30
CA GLY A 329 9.10 9.74 -26.01
C GLY A 329 10.07 8.56 -26.07
N SER A 330 9.85 7.60 -26.97
CA SER A 330 10.79 6.47 -27.22
C SER A 330 12.14 7.04 -27.71
N ALA A 331 12.09 8.10 -28.53
CA ALA A 331 13.22 8.75 -29.19
C ALA A 331 14.00 9.50 -28.11
N LEU A 332 13.29 10.15 -27.19
CA LEU A 332 13.84 10.91 -26.04
C LEU A 332 14.61 9.95 -25.14
N LEU A 333 14.09 8.75 -24.88
CA LEU A 333 14.58 7.83 -23.81
C LEU A 333 15.37 6.64 -24.40
N GLY A 334 15.64 6.65 -25.71
CA GLY A 334 16.42 5.60 -26.40
C GLY A 334 15.74 4.24 -26.42
N ILE A 335 14.40 4.18 -26.56
CA ILE A 335 13.73 2.86 -26.72
C ILE A 335 13.64 2.59 -28.22
N ARG A 336 14.24 1.50 -28.70
CA ARG A 336 14.30 1.18 -30.15
C ARG A 336 13.23 0.12 -30.42
N GLY A 337 12.00 0.58 -30.69
CA GLY A 337 10.85 -0.29 -30.93
C GLY A 337 10.85 -0.80 -32.36
N ASP A 338 10.15 -1.89 -32.60
CA ASP A 338 9.82 -2.44 -33.94
C ASP A 338 8.53 -1.79 -34.45
N TYR A 339 7.50 -1.71 -33.60
CA TYR A 339 6.16 -1.13 -33.84
C TYR A 339 5.94 0.01 -32.85
N TYR A 340 5.23 1.02 -33.29
CA TYR A 340 4.87 2.22 -32.47
C TYR A 340 3.37 2.46 -32.55
N THR A 341 2.71 2.92 -31.50
CA THR A 341 1.28 3.25 -31.58
C THR A 341 1.08 4.66 -31.07
N LEU A 342 0.20 5.39 -31.74
CA LEU A 342 -0.22 6.77 -31.36
C LEU A 342 -1.76 6.86 -31.34
N ALA A 343 -2.30 7.70 -30.47
CA ALA A 343 -3.74 8.03 -30.44
C ALA A 343 -3.93 9.44 -29.83
N LYS A 344 -4.38 9.48 -28.58
CA LYS A 344 -4.78 10.69 -27.83
C LYS A 344 -4.75 11.98 -28.67
N ALA A 345 -3.63 12.68 -28.75
CA ALA A 345 -3.59 14.10 -29.21
C ALA A 345 -3.80 14.22 -30.71
N ILE A 346 -3.71 13.10 -31.44
CA ILE A 346 -3.71 13.11 -32.93
C ILE A 346 -5.11 13.45 -33.44
N GLY A 347 -6.14 13.33 -32.60
CA GLY A 347 -7.54 13.71 -32.90
C GLY A 347 -7.83 15.20 -32.69
N GLY A 348 -6.83 16.00 -32.30
CA GLY A 348 -6.94 17.45 -32.02
C GLY A 348 -7.85 17.78 -30.85
N GLY A 349 -8.17 16.80 -30.03
CA GLY A 349 -9.09 16.95 -28.89
C GLY A 349 -10.57 16.95 -29.27
N ILE A 350 -10.90 16.66 -30.53
CA ILE A 350 -12.28 16.74 -31.07
C ILE A 350 -12.68 15.43 -31.77
N VAL A 351 -11.77 14.73 -32.45
CA VAL A 351 -12.15 13.48 -33.20
C VAL A 351 -11.32 12.30 -32.66
N LYS A 352 -11.55 11.10 -33.20
CA LYS A 352 -10.92 9.86 -32.69
C LYS A 352 -10.14 9.22 -33.83
N ASN A 353 -8.85 9.01 -33.60
CA ASN A 353 -7.87 8.52 -34.60
C ASN A 353 -6.75 7.80 -33.84
N SER A 354 -6.19 6.76 -34.43
CA SER A 354 -5.02 6.08 -33.86
C SER A 354 -4.21 5.48 -35.00
N VAL A 355 -2.95 5.14 -34.73
CA VAL A 355 -2.07 4.56 -35.79
C VAL A 355 -1.07 3.58 -35.18
N ALA A 356 -0.87 2.46 -35.86
CA ALA A 356 0.21 1.50 -35.59
C ALA A 356 1.25 1.69 -36.70
N LEU A 357 2.50 1.97 -36.33
CA LEU A 357 3.65 2.06 -37.28
C LEU A 357 4.46 0.79 -37.12
N ILE A 358 4.54 -0.02 -38.18
CA ILE A 358 5.21 -1.35 -38.18
C ILE A 358 6.41 -1.27 -39.16
N ARG A 359 7.63 -1.60 -38.70
CA ARG A 359 8.86 -1.39 -39.50
C ARG A 359 8.64 -2.18 -40.80
N GLN A 360 8.96 -1.55 -41.93
CA GLN A 360 8.62 -2.13 -43.26
C GLN A 360 9.39 -3.43 -43.51
N ASP A 361 10.57 -3.61 -42.92
CA ASP A 361 11.33 -4.89 -43.05
C ASP A 361 10.58 -6.04 -42.36
N ARG A 362 9.69 -5.77 -41.40
CA ARG A 362 8.95 -6.84 -40.66
C ARG A 362 7.51 -6.95 -41.17
N PHE A 363 6.99 -5.91 -41.85
CA PHE A 363 5.56 -5.74 -42.17
C PHE A 363 5.11 -6.80 -43.17
N LEU A 364 4.08 -7.56 -42.85
CA LEU A 364 3.57 -8.69 -43.67
C LEU A 364 2.42 -8.15 -44.50
N PRO A 365 2.54 -8.12 -45.85
CA PRO A 365 1.66 -7.26 -46.65
C PRO A 365 0.20 -7.75 -46.60
N ALA A 366 -0.04 -9.02 -46.20
CA ALA A 366 -1.38 -9.57 -45.97
C ALA A 366 -2.19 -8.65 -45.05
N MET A 367 -1.55 -8.07 -44.02
CA MET A 367 -2.17 -7.22 -42.98
C MET A 367 -2.90 -6.05 -43.64
N GLU A 368 -2.42 -5.53 -44.77
CA GLU A 368 -3.01 -4.37 -45.48
C GLU A 368 -4.39 -4.74 -46.04
N VAL A 369 -4.64 -6.05 -46.25
CA VAL A 369 -5.93 -6.49 -46.86
C VAL A 369 -6.70 -7.41 -45.91
N ILE A 370 -6.10 -8.06 -44.91
CA ILE A 370 -6.91 -8.93 -44.01
C ILE A 370 -7.38 -8.14 -42.78
N HIS A 371 -6.70 -7.08 -42.39
CA HIS A 371 -7.20 -6.18 -41.31
C HIS A 371 -7.93 -4.99 -41.93
N SER A 372 -9.05 -4.58 -41.32
CA SER A 372 -9.85 -3.40 -41.72
C SER A 372 -10.85 -3.05 -40.61
N SER A 373 -11.46 -1.90 -40.72
CA SER A 373 -12.34 -1.29 -39.73
C SER A 373 -13.20 -0.26 -40.49
N THR A 374 -14.48 -0.15 -40.17
CA THR A 374 -15.44 0.75 -40.86
C THR A 374 -14.93 2.20 -40.78
N PHE A 375 -14.62 2.66 -39.57
CA PHE A 375 -14.36 4.08 -39.24
C PHE A 375 -12.87 4.42 -39.46
N ALA A 376 -11.98 3.41 -39.49
CA ALA A 376 -10.52 3.63 -39.60
C ALA A 376 -10.22 4.43 -40.86
N LYS A 377 -9.32 5.38 -40.76
CA LYS A 377 -8.80 6.05 -41.96
C LYS A 377 -9.86 6.96 -42.60
N ASP A 378 -10.86 7.37 -41.84
CA ASP A 378 -11.92 8.28 -42.31
C ASP A 378 -11.28 9.59 -42.75
N GLY A 379 -11.91 10.28 -43.69
CA GLY A 379 -11.47 11.58 -44.24
C GLY A 379 -11.38 12.64 -43.18
N LEU A 380 -12.30 12.72 -42.22
CA LEU A 380 -12.38 13.85 -41.27
C LEU A 380 -11.20 13.79 -40.30
N SER A 381 -10.95 12.65 -39.65
CA SER A 381 -9.86 12.51 -38.66
C SER A 381 -8.51 12.57 -39.40
N ALA A 382 -8.46 12.13 -40.66
CA ALA A 382 -7.26 12.24 -41.53
C ALA A 382 -6.88 13.71 -41.73
N SER A 383 -7.82 14.57 -42.14
CA SER A 383 -7.56 16.02 -42.34
C SER A 383 -7.10 16.65 -41.01
N ILE A 384 -7.76 16.34 -39.90
CA ILE A 384 -7.43 16.89 -38.56
C ILE A 384 -6.04 16.42 -38.11
N ALA A 385 -5.68 15.15 -38.30
CA ALA A 385 -4.31 14.60 -38.03
C ALA A 385 -3.26 15.44 -38.77
N LEU A 386 -3.45 15.67 -40.07
CA LEU A 386 -2.48 16.48 -40.89
C LEU A 386 -2.34 17.88 -40.29
N LYS A 387 -3.44 18.45 -39.78
CA LYS A 387 -3.42 19.78 -39.12
C LYS A 387 -2.66 19.69 -37.80
N VAL A 388 -2.99 18.72 -36.96
CA VAL A 388 -2.28 18.50 -35.65
C VAL A 388 -0.77 18.37 -35.95
N LEU A 389 -0.36 17.59 -36.97
CA LEU A 389 1.07 17.33 -37.28
C LEU A 389 1.67 18.66 -37.76
N GLU A 390 0.94 19.43 -38.55
CA GLU A 390 1.45 20.75 -39.01
C GLU A 390 1.72 21.60 -37.77
N MET A 391 0.81 21.64 -36.79
CA MET A 391 0.89 22.56 -35.63
C MET A 391 2.07 22.21 -34.72
N VAL A 392 2.30 20.91 -34.45
CA VAL A 392 3.33 20.45 -33.48
C VAL A 392 4.71 20.60 -34.14
N GLU A 393 4.79 20.55 -35.46
CA GLU A 393 6.05 20.71 -36.27
C GLU A 393 6.33 22.19 -36.58
N ALA A 394 5.38 23.11 -36.41
CA ALA A 394 5.48 24.51 -36.92
C ALA A 394 6.70 25.23 -36.33
N ASP A 395 7.22 26.22 -37.08
CA ASP A 395 8.18 27.24 -36.60
C ASP A 395 9.42 26.54 -36.06
N GLY A 396 9.92 25.56 -36.83
CA GLY A 396 11.25 24.95 -36.66
C GLY A 396 11.36 24.06 -35.45
N GLY A 397 10.22 23.56 -34.95
CA GLY A 397 10.13 22.66 -33.78
C GLY A 397 10.07 23.41 -32.46
N ARG A 398 9.65 24.68 -32.47
CA ARG A 398 9.59 25.53 -31.26
C ARG A 398 8.49 25.00 -30.33
N VAL A 399 7.50 24.25 -30.84
CA VAL A 399 6.42 23.70 -29.97
C VAL A 399 7.02 22.71 -28.97
N TYR A 400 7.98 21.90 -29.38
CA TYR A 400 8.66 20.92 -28.49
C TYR A 400 9.40 21.73 -27.41
N GLN A 401 10.10 22.78 -27.83
CA GLN A 401 10.81 23.74 -26.92
C GLN A 401 9.82 24.23 -25.84
N ARG A 402 8.64 24.69 -26.25
CA ARG A 402 7.65 25.20 -25.28
C ARG A 402 7.18 24.07 -24.36
N VAL A 403 6.87 22.87 -24.86
CA VAL A 403 6.51 21.73 -23.97
C VAL A 403 7.61 21.57 -22.89
N ARG A 404 8.88 21.62 -23.30
CA ARG A 404 10.03 21.30 -22.43
C ARG A 404 10.12 22.37 -21.33
N GLU A 405 9.97 23.66 -21.70
CA GLU A 405 10.09 24.80 -20.76
C GLU A 405 8.87 24.87 -19.85
N ARG A 406 7.65 24.69 -20.37
CA ARG A 406 6.41 24.57 -19.53
C ARG A 406 6.54 23.35 -18.61
N GLY A 407 6.93 22.20 -19.16
CA GLY A 407 7.20 20.98 -18.38
C GLY A 407 8.14 21.25 -17.21
N GLN A 408 9.26 21.94 -17.45
CA GLN A 408 10.32 22.24 -16.43
C GLN A 408 9.71 23.16 -15.35
N ARG A 409 9.06 24.25 -15.75
CA ARG A 409 8.38 25.16 -14.81
C ARG A 409 7.42 24.37 -13.91
N LEU A 410 6.66 23.42 -14.47
CA LEU A 410 5.59 22.71 -13.72
C LEU A 410 6.22 21.64 -12.84
N GLU A 411 7.28 20.98 -13.31
CA GLU A 411 8.01 19.96 -12.52
C GLU A 411 8.65 20.66 -11.31
N ALA A 412 9.24 21.84 -11.53
CA ALA A 412 9.94 22.64 -10.48
C ALA A 412 8.95 22.98 -9.39
N MET A 413 7.77 23.45 -9.78
CA MET A 413 6.70 23.74 -8.81
C MET A 413 6.37 22.45 -8.06
N LEU A 414 6.25 21.33 -8.75
CA LEU A 414 5.82 20.06 -8.07
C LEU A 414 6.90 19.63 -7.07
N GLU A 415 8.17 19.85 -7.41
CA GLU A 415 9.35 19.49 -6.56
C GLU A 415 9.42 20.45 -5.34
N SER A 416 9.23 21.73 -5.58
CA SER A 416 9.11 22.79 -4.54
C SER A 416 8.04 22.35 -3.55
N VAL A 417 6.91 21.85 -4.05
CA VAL A 417 5.80 21.42 -3.18
C VAL A 417 6.21 20.14 -2.46
N ARG A 418 6.78 19.15 -3.15
CA ARG A 418 7.16 17.89 -2.47
C ARG A 418 8.12 18.19 -1.30
N ALA A 419 9.15 19.01 -1.56
CA ALA A 419 10.24 19.36 -0.61
C ALA A 419 9.67 19.86 0.73
N ASP A 420 8.56 20.61 0.72
CA ASP A 420 7.91 21.20 1.91
C ASP A 420 6.78 20.30 2.42
N HIS A 421 6.40 19.24 1.69
CA HIS A 421 5.29 18.31 2.10
C HIS A 421 5.69 16.85 1.91
N SER A 422 6.97 16.53 2.13
CA SER A 422 7.58 15.18 1.97
C SER A 422 6.96 14.17 2.94
N ASP A 423 6.16 14.62 3.92
CA ASP A 423 5.44 13.74 4.86
C ASP A 423 4.26 13.07 4.13
N VAL A 424 3.64 13.71 3.14
CA VAL A 424 2.48 13.14 2.39
C VAL A 424 2.79 12.90 0.90
N VAL A 425 3.89 13.43 0.36
CA VAL A 425 4.36 13.25 -1.05
C VAL A 425 5.67 12.44 -1.05
N SER A 426 5.75 11.28 -1.71
CA SER A 426 6.98 10.42 -1.81
C SER A 426 7.88 10.85 -2.97
N ALA A 427 7.32 11.22 -4.13
CA ALA A 427 8.11 11.48 -5.37
C ALA A 427 7.35 12.40 -6.33
N VAL A 428 8.12 13.08 -7.19
CA VAL A 428 7.65 13.60 -8.50
C VAL A 428 8.17 12.65 -9.58
N TRP A 429 7.28 12.20 -10.48
CA TRP A 429 7.59 11.30 -11.62
C TRP A 429 7.18 11.93 -12.95
N GLY A 430 7.84 11.51 -14.03
CA GLY A 430 7.44 11.81 -15.43
C GLY A 430 8.43 12.73 -16.10
N THR A 431 8.09 13.24 -17.28
CA THR A 431 8.94 14.16 -18.04
C THR A 431 8.05 15.03 -18.94
N GLY A 432 8.62 16.09 -19.50
CA GLY A 432 7.89 17.10 -20.29
C GLY A 432 6.63 17.53 -19.56
N LEU A 433 5.46 17.41 -20.21
CA LEU A 433 4.17 17.78 -19.58
C LEU A 433 3.37 16.53 -19.22
N MET A 434 4.04 15.48 -18.81
CA MET A 434 3.41 14.21 -18.35
C MET A 434 4.01 13.87 -17.01
N LEU A 435 3.44 14.45 -15.95
CA LEU A 435 3.99 14.47 -14.57
C LEU A 435 2.95 13.94 -13.59
N ALA A 436 3.40 13.60 -12.39
CA ALA A 436 2.55 13.09 -11.29
C ALA A 436 3.28 13.30 -9.94
N LEU A 437 2.52 13.47 -8.86
CA LEU A 437 3.02 13.36 -7.46
C LEU A 437 2.65 11.99 -6.95
N GLU A 438 3.60 11.24 -6.38
CA GLU A 438 3.26 10.01 -5.61
C GLU A 438 2.85 10.44 -4.20
N LEU A 439 1.67 10.01 -3.74
CA LEU A 439 1.12 10.19 -2.38
C LEU A 439 1.62 9.05 -1.46
N ARG A 440 2.08 9.39 -0.25
CA ARG A 440 2.47 8.37 0.76
C ARG A 440 1.21 7.64 1.18
N ASP A 441 1.35 6.36 1.51
CA ASP A 441 0.23 5.49 1.95
C ASP A 441 -0.46 6.18 3.13
N GLN A 442 -1.79 6.21 3.14
CA GLN A 442 -2.59 6.84 4.20
C GLN A 442 -3.50 5.77 4.84
N SER A 443 -3.15 4.49 4.73
CA SER A 443 -3.99 3.40 5.28
C SER A 443 -3.92 3.37 6.82
N ASN A 444 -2.95 4.08 7.43
CA ASN A 444 -2.72 4.16 8.90
C ASN A 444 -2.95 5.57 9.37
N ALA A 445 -3.79 6.33 8.67
CA ALA A 445 -4.06 7.76 8.94
C ALA A 445 -4.85 7.86 10.25
N THR A 446 -4.66 8.97 10.97
CA THR A 446 -5.40 9.30 12.22
C THR A 446 -6.89 9.29 11.89
N SER A 447 -7.32 10.26 11.07
CA SER A 447 -8.72 10.42 10.60
C SER A 447 -9.23 9.10 10.01
N GLN A 448 -10.22 8.50 10.65
CA GLN A 448 -11.10 7.39 10.16
C GLN A 448 -11.45 7.59 8.67
N ALA A 449 -11.94 8.78 8.36
CA ALA A 449 -12.54 9.15 7.07
C ALA A 449 -11.49 8.96 5.97
N ILE A 450 -10.33 9.56 6.15
CA ILE A 450 -9.16 9.44 5.24
C ILE A 450 -8.75 7.96 5.15
N ARG A 451 -8.51 7.31 6.30
CA ARG A 451 -7.99 5.91 6.39
C ARG A 451 -8.92 4.96 5.63
N GLU A 452 -10.24 5.14 5.76
CA GLU A 452 -11.27 4.28 5.12
C GLU A 452 -11.13 4.45 3.59
N LYS A 453 -11.10 5.69 3.10
CA LYS A 453 -10.91 6.02 1.67
C LYS A 453 -9.59 5.42 1.18
N ALA A 454 -8.48 5.62 1.89
CA ALA A 454 -7.17 5.04 1.48
C ALA A 454 -7.30 3.52 1.38
N ALA A 455 -7.97 2.86 2.30
CA ALA A 455 -8.03 1.37 2.35
C ALA A 455 -8.92 0.86 1.19
N HIS A 456 -9.76 1.71 0.63
CA HIS A 456 -10.65 1.35 -0.51
C HIS A 456 -9.96 1.67 -1.86
N GLY A 457 -8.77 2.28 -1.85
CA GLY A 457 -8.01 2.70 -3.05
C GLY A 457 -8.46 4.06 -3.60
N PHE A 458 -9.20 4.85 -2.82
CA PHE A 458 -9.92 6.07 -3.29
C PHE A 458 -9.23 7.39 -2.91
N LEU A 459 -8.13 7.34 -2.15
CA LEU A 459 -7.51 8.54 -1.55
C LEU A 459 -7.34 9.65 -2.60
N GLY A 460 -6.80 9.30 -3.77
CA GLY A 460 -6.47 10.26 -4.83
C GLY A 460 -7.70 11.00 -5.30
N TYR A 461 -8.82 10.28 -5.41
CA TYR A 461 -10.12 10.82 -5.87
C TYR A 461 -10.64 11.81 -4.84
N VAL A 462 -10.53 11.47 -3.55
CA VAL A 462 -10.95 12.35 -2.42
C VAL A 462 -10.21 13.68 -2.54
N LEU A 463 -8.89 13.60 -2.71
CA LEU A 463 -7.96 14.75 -2.78
C LEU A 463 -8.27 15.60 -4.00
N ALA A 464 -8.56 14.93 -5.14
CA ALA A 464 -9.02 15.54 -6.40
C ALA A 464 -10.30 16.31 -6.09
N GLY A 465 -11.25 15.70 -5.38
CA GLY A 465 -12.46 16.38 -4.90
C GLY A 465 -12.12 17.68 -4.18
N PHE A 466 -11.14 17.63 -3.27
CA PHE A 466 -10.76 18.83 -2.49
C PHE A 466 -10.31 19.92 -3.46
N LEU A 467 -9.41 19.57 -4.36
CA LEU A 467 -8.81 20.55 -5.31
C LEU A 467 -9.95 21.14 -6.15
N LEU A 468 -10.97 20.36 -6.48
CA LEU A 468 -12.11 20.84 -7.29
C LEU A 468 -12.90 21.89 -6.50
N ARG A 469 -13.44 21.53 -5.34
CA ARG A 469 -14.41 22.37 -4.60
C ARG A 469 -13.70 23.55 -3.93
N GLU A 470 -12.44 23.42 -3.52
CA GLU A 470 -11.77 24.46 -2.67
C GLU A 470 -10.87 25.36 -3.52
N HIS A 471 -10.46 24.94 -4.72
CA HIS A 471 -9.47 25.67 -5.54
C HIS A 471 -9.84 25.68 -7.03
N HIS A 472 -10.95 25.06 -7.44
CA HIS A 472 -11.40 25.11 -8.85
C HIS A 472 -10.27 24.59 -9.76
N ILE A 473 -9.69 23.46 -9.39
CA ILE A 473 -8.65 22.78 -10.21
C ILE A 473 -9.09 21.33 -10.37
N ARG A 474 -9.13 20.90 -11.64
CA ARG A 474 -9.45 19.51 -12.05
C ARG A 474 -8.13 18.74 -12.12
N VAL A 475 -8.02 17.75 -11.27
CA VAL A 475 -6.91 16.76 -11.24
C VAL A 475 -7.58 15.40 -11.16
N LEU A 476 -7.03 14.40 -11.85
CA LEU A 476 -7.49 13.01 -11.71
C LEU A 476 -6.29 12.19 -11.25
N PRO A 477 -6.53 11.19 -10.40
CA PRO A 477 -5.44 10.35 -9.95
C PRO A 477 -5.00 9.37 -11.04
N ALA A 478 -3.83 8.78 -10.86
CA ALA A 478 -3.36 7.62 -11.63
C ALA A 478 -2.94 6.50 -10.65
N GLY A 479 -2.61 5.34 -11.18
CA GLY A 479 -1.98 4.25 -10.42
C GLY A 479 -3.08 3.38 -9.85
N PRO A 480 -2.74 2.14 -9.41
CA PRO A 480 -3.75 1.12 -9.11
C PRO A 480 -4.56 1.33 -7.81
N ARG A 481 -4.04 2.14 -6.89
CA ARG A 481 -4.75 2.49 -5.62
C ARG A 481 -4.91 4.02 -5.58
N SER A 482 -5.07 4.65 -6.76
CA SER A 482 -5.21 6.13 -6.92
C SER A 482 -4.21 6.80 -5.98
N GLY A 483 -3.00 6.22 -5.92
CA GLY A 483 -1.85 6.66 -5.13
C GLY A 483 -1.03 7.71 -5.85
N PHE A 484 -1.46 8.21 -7.02
CA PHE A 484 -0.74 9.33 -7.71
C PHE A 484 -1.75 10.38 -8.18
N LEU A 485 -1.32 11.64 -8.22
CA LEU A 485 -2.06 12.81 -8.78
C LEU A 485 -1.37 13.17 -10.09
N ARG A 486 -2.12 13.13 -11.18
CA ARG A 486 -1.65 13.33 -12.57
C ARG A 486 -1.64 14.83 -12.84
N PHE A 487 -0.62 15.33 -13.55
CA PHE A 487 -0.59 16.72 -14.08
C PHE A 487 -0.15 16.62 -15.53
N SER A 488 -1.08 16.73 -16.48
CA SER A 488 -0.76 16.66 -17.92
C SER A 488 -1.54 17.75 -18.66
N PRO A 489 -1.32 19.04 -18.37
CA PRO A 489 -2.06 20.11 -19.03
C PRO A 489 -1.55 20.46 -20.43
N SER A 490 -2.18 21.44 -21.06
CA SER A 490 -1.82 21.90 -22.42
C SER A 490 -0.47 22.60 -22.34
N LEU A 491 0.25 22.72 -23.46
CA LEU A 491 1.47 23.55 -23.54
C LEU A 491 1.13 25.04 -23.31
N TYR A 492 -0.14 25.45 -23.23
CA TYR A 492 -0.50 26.87 -22.97
C TYR A 492 -0.70 27.17 -21.49
N ILE A 493 -0.47 26.19 -20.61
CA ILE A 493 -0.51 26.40 -19.12
C ILE A 493 0.31 27.66 -18.81
N THR A 494 -0.29 28.67 -18.17
CA THR A 494 0.38 29.96 -17.83
C THR A 494 1.07 29.87 -16.46
N ASP A 495 2.02 30.79 -16.21
CA ASP A 495 2.77 30.90 -14.93
C ASP A 495 1.76 31.10 -13.79
N GLU A 496 0.73 31.90 -14.02
CA GLU A 496 -0.37 32.16 -13.06
C GLU A 496 -1.08 30.86 -12.69
N GLU A 497 -1.46 30.05 -13.67
CA GLU A 497 -2.18 28.75 -13.48
C GLU A 497 -1.31 27.76 -12.69
N ILE A 498 -0.01 27.79 -12.93
CA ILE A 498 0.98 26.97 -12.19
C ILE A 498 1.07 27.44 -10.73
N ASP A 499 1.04 28.77 -10.50
CA ASP A 499 1.04 29.39 -9.14
C ASP A 499 -0.25 28.98 -8.41
N ARG A 500 -1.40 29.08 -9.09
CA ARG A 500 -2.71 28.70 -8.49
C ARG A 500 -2.68 27.22 -8.09
N THR A 501 -1.98 26.37 -8.86
CA THR A 501 -1.89 24.91 -8.63
C THR A 501 -1.01 24.68 -7.41
N GLU A 502 0.15 25.36 -7.36
CA GLU A 502 1.04 25.38 -6.17
C GLU A 502 0.22 25.72 -4.92
N THR A 503 -0.47 26.87 -4.94
CA THR A 503 -1.31 27.33 -3.80
C THR A 503 -2.26 26.20 -3.41
N ALA A 504 -2.97 25.64 -4.39
CA ALA A 504 -4.00 24.58 -4.20
C ALA A 504 -3.40 23.35 -3.53
N LEU A 505 -2.15 22.99 -3.90
CA LEU A 505 -1.48 21.74 -3.43
C LEU A 505 -0.93 21.96 -2.01
N ARG A 506 -0.37 23.14 -1.71
CA ARG A 506 0.08 23.48 -0.33
C ARG A 506 -1.14 23.37 0.59
N SER A 507 -2.25 23.99 0.22
CA SER A 507 -3.54 23.88 0.96
C SER A 507 -3.93 22.40 1.17
N LEU A 508 -3.93 21.61 0.10
CA LEU A 508 -4.34 20.18 0.15
C LEU A 508 -3.41 19.41 1.07
N PHE A 509 -2.10 19.53 0.87
CA PHE A 509 -1.10 18.72 1.60
C PHE A 509 -0.96 19.21 3.06
N THR A 510 -1.34 20.46 3.35
CA THR A 510 -1.43 21.02 4.74
C THR A 510 -2.63 20.42 5.47
N ALA A 511 -3.80 20.34 4.82
CA ALA A 511 -4.98 19.65 5.37
C ALA A 511 -4.68 18.15 5.57
N LEU A 512 -3.88 17.53 4.70
CA LEU A 512 -3.65 16.05 4.77
C LEU A 512 -2.70 15.79 5.93
N ARG A 513 -1.65 16.62 6.07
CA ARG A 513 -0.73 16.67 7.25
C ARG A 513 -1.58 16.74 8.54
N ASP A 514 -2.54 17.66 8.62
CA ASP A 514 -3.43 17.94 9.76
C ASP A 514 -4.50 16.86 9.94
N GLN A 515 -4.59 15.90 9.01
CA GLN A 515 -5.55 14.76 9.07
C GLN A 515 -6.98 15.28 9.21
N ASP A 516 -7.28 16.37 8.52
CA ASP A 516 -8.58 17.09 8.58
C ASP A 516 -9.60 16.37 7.69
N GLY A 517 -10.01 15.17 8.11
CA GLY A 517 -10.98 14.30 7.43
C GLY A 517 -12.30 14.98 7.13
N ASP A 518 -12.72 15.96 7.94
CA ASP A 518 -14.03 16.64 7.76
C ASP A 518 -13.93 17.60 6.58
N ARG A 519 -12.73 18.09 6.28
CA ARG A 519 -12.50 19.06 5.19
C ARG A 519 -12.26 18.29 3.88
N LEU A 520 -11.72 17.06 3.96
CA LEU A 520 -11.24 16.27 2.79
C LEU A 520 -12.35 15.34 2.29
N VAL A 521 -13.07 14.69 3.19
CA VAL A 521 -14.10 13.66 2.87
C VAL A 521 -15.48 14.22 3.18
N LEU A 522 -16.43 14.13 2.24
CA LEU A 522 -17.84 14.61 2.43
C LEU A 522 -18.61 13.62 3.30
N GLY B 6 8.83 2.35 -57.80
CA GLY B 6 9.63 1.92 -56.61
C GLY B 6 10.05 3.08 -55.72
N GLU B 7 9.27 4.17 -55.68
CA GLU B 7 9.55 5.28 -54.74
C GLU B 7 9.12 4.85 -53.33
N PRO B 8 9.65 5.52 -52.27
CA PRO B 8 9.21 5.28 -50.90
C PRO B 8 7.70 5.40 -50.74
N VAL B 9 7.07 4.41 -50.11
CA VAL B 9 5.62 4.38 -49.79
C VAL B 9 5.47 4.06 -48.29
N TYR B 10 4.52 4.68 -47.60
CA TYR B 10 4.44 4.69 -46.12
C TYR B 10 3.09 4.15 -45.61
N ALA B 11 2.14 3.89 -46.51
CA ALA B 11 0.87 3.17 -46.25
C ALA B 11 0.29 2.68 -47.59
N ASP B 12 -0.47 1.59 -47.58
CA ASP B 12 -1.58 1.36 -48.54
C ASP B 12 -1.06 0.89 -49.89
N ALA B 13 0.21 0.55 -50.03
CA ALA B 13 0.76 0.14 -51.34
C ALA B 13 0.09 -1.13 -51.81
N VAL B 14 0.02 -2.14 -50.95
CA VAL B 14 -0.57 -3.45 -51.38
C VAL B 14 -2.06 -3.21 -51.63
N LEU B 15 -2.72 -2.48 -50.72
CA LEU B 15 -4.18 -2.19 -50.83
C LEU B 15 -4.45 -1.42 -52.14
N ASN B 16 -3.67 -0.40 -52.48
CA ASN B 16 -3.93 0.44 -53.70
C ASN B 16 -3.61 -0.38 -54.95
N GLY B 17 -2.55 -1.19 -54.93
CA GLY B 17 -2.19 -2.09 -56.04
C GLY B 17 -3.35 -2.98 -56.35
N TRP B 18 -3.89 -3.62 -55.32
CA TRP B 18 -5.06 -4.52 -55.48
C TRP B 18 -6.28 -3.72 -55.96
N LEU B 19 -6.63 -2.58 -55.37
CA LEU B 19 -7.81 -1.79 -55.84
C LEU B 19 -7.63 -1.39 -57.31
N THR B 20 -6.44 -0.97 -57.72
CA THR B 20 -6.15 -0.58 -59.13
C THR B 20 -6.46 -1.75 -60.07
N SER B 21 -6.05 -2.98 -59.72
CA SER B 21 -6.18 -4.14 -60.62
C SER B 21 -7.65 -4.57 -60.73
N MET B 22 -8.46 -4.32 -59.69
CA MET B 22 -9.90 -4.62 -59.70
C MET B 22 -10.67 -3.54 -60.48
N GLY B 23 -10.00 -2.46 -60.89
CA GLY B 23 -10.65 -1.29 -61.53
C GLY B 23 -11.32 -0.35 -60.53
N LEU B 24 -10.87 -0.36 -59.27
CA LEU B 24 -11.45 0.46 -58.16
C LEU B 24 -10.43 1.48 -57.65
N GLY B 25 -9.29 1.58 -58.32
CA GLY B 25 -8.24 2.56 -58.03
C GLY B 25 -8.70 3.97 -58.37
N VAL B 26 -9.56 4.59 -57.55
CA VAL B 26 -9.98 6.02 -57.74
C VAL B 26 -9.91 6.76 -56.39
N GLU B 27 -9.80 8.08 -56.43
CA GLU B 27 -9.80 8.95 -55.22
C GLU B 27 -11.03 9.87 -55.29
N TYR B 28 -11.92 9.73 -54.30
CA TYR B 28 -13.12 10.57 -54.13
C TYR B 28 -12.68 11.82 -53.37
N VAL B 29 -12.97 13.01 -53.90
CA VAL B 29 -12.43 14.30 -53.38
C VAL B 29 -13.52 15.07 -52.66
N ARG B 30 -14.78 14.72 -52.88
CA ARG B 30 -15.93 15.39 -52.23
C ARG B 30 -17.09 14.40 -52.21
N ALA B 31 -18.02 14.58 -51.30
CA ALA B 31 -19.21 13.73 -51.19
C ALA B 31 -20.37 14.57 -50.69
N GLU B 32 -21.55 14.28 -51.20
CA GLU B 32 -22.78 15.01 -50.85
C GLU B 32 -23.92 14.04 -51.14
N GLY B 33 -24.78 13.78 -50.15
CA GLY B 33 -25.92 12.88 -50.36
C GLY B 33 -25.47 11.48 -50.78
N ASN B 34 -25.96 11.00 -51.93
CA ASN B 34 -25.69 9.64 -52.45
C ASN B 34 -24.56 9.71 -53.46
N THR B 35 -23.87 10.85 -53.54
CA THR B 35 -22.86 11.07 -54.59
C THR B 35 -21.47 11.22 -54.00
N VAL B 36 -20.49 10.52 -54.58
CA VAL B 36 -19.06 10.81 -54.36
C VAL B 36 -18.52 11.35 -55.70
N TYR B 37 -17.59 12.29 -55.64
CA TYR B 37 -16.95 12.94 -56.82
C TYR B 37 -15.49 12.52 -56.86
N TYR B 38 -15.04 12.03 -58.00
CA TYR B 38 -13.59 11.93 -58.34
C TYR B 38 -13.24 12.99 -59.39
N LEU B 39 -11.94 13.22 -59.58
CA LEU B 39 -11.40 14.17 -60.60
C LEU B 39 -11.02 13.37 -61.86
N ASP B 40 -11.52 13.77 -63.04
CA ASP B 40 -11.13 13.19 -64.36
C ASP B 40 -9.75 13.76 -64.73
N ASP B 41 -9.24 13.35 -65.88
CA ASP B 41 -7.89 13.76 -66.40
C ASP B 41 -7.80 15.31 -66.47
N GLU B 42 -8.90 15.99 -66.79
CA GLU B 42 -8.99 17.47 -67.02
C GLU B 42 -9.17 18.23 -65.69
N GLY B 43 -9.39 17.54 -64.57
CA GLY B 43 -9.57 18.15 -63.23
C GLY B 43 -11.01 18.53 -62.96
N ARG B 44 -11.96 18.06 -63.78
CA ARG B 44 -13.43 18.20 -63.55
C ARG B 44 -13.92 17.13 -62.54
N GLU B 45 -14.83 17.53 -61.65
CA GLU B 45 -15.57 16.60 -60.77
C GLU B 45 -16.49 15.71 -61.62
N VAL B 46 -16.29 14.40 -61.53
CA VAL B 46 -17.19 13.35 -62.08
C VAL B 46 -18.07 12.83 -60.94
N PRO B 47 -19.42 12.97 -60.99
CA PRO B 47 -20.29 12.38 -59.97
C PRO B 47 -20.39 10.84 -60.11
N VAL B 48 -20.32 10.12 -58.99
CA VAL B 48 -20.57 8.64 -58.90
C VAL B 48 -21.64 8.35 -57.84
N LEU B 49 -22.61 7.50 -58.15
CA LEU B 49 -23.68 7.08 -57.22
C LEU B 49 -23.13 6.04 -56.23
N ASP B 50 -23.21 6.33 -54.93
CA ASP B 50 -22.62 5.50 -53.85
C ASP B 50 -23.72 4.57 -53.30
N HIS B 51 -23.59 3.28 -53.58
CA HIS B 51 -24.44 2.17 -53.06
C HIS B 51 -23.75 1.47 -51.89
N ALA B 52 -22.49 1.80 -51.61
CA ALA B 52 -21.72 1.24 -50.48
C ALA B 52 -22.05 2.04 -49.22
N CYS B 53 -21.86 3.36 -49.27
CA CYS B 53 -22.27 4.32 -48.20
C CYS B 53 -21.72 3.90 -46.83
N GLY B 54 -20.41 3.77 -46.75
CA GLY B 54 -19.72 3.43 -45.50
C GLY B 54 -20.18 2.07 -44.95
N PHE B 55 -20.44 1.11 -45.83
CA PHE B 55 -20.99 -0.23 -45.50
C PHE B 55 -22.25 -0.05 -44.65
N GLY B 56 -23.06 0.94 -45.01
CA GLY B 56 -24.39 1.14 -44.40
C GLY B 56 -24.32 2.12 -43.24
N SER B 57 -23.27 2.93 -43.18
CA SER B 57 -23.13 4.03 -42.18
C SER B 57 -23.98 5.23 -42.60
N LEU B 58 -24.38 5.39 -43.86
CA LEU B 58 -24.90 6.72 -44.33
C LEU B 58 -26.39 6.62 -44.66
N ILE B 59 -27.22 6.23 -43.71
CA ILE B 59 -28.68 6.18 -43.93
C ILE B 59 -29.15 7.57 -44.43
N PHE B 60 -28.52 8.66 -44.02
CA PHE B 60 -28.96 10.05 -44.37
C PHE B 60 -27.99 10.64 -45.39
N GLY B 61 -27.10 9.80 -45.91
CA GLY B 61 -26.15 10.19 -46.96
C GLY B 61 -24.89 10.83 -46.44
N HIS B 62 -23.99 11.14 -47.37
CA HIS B 62 -22.71 11.84 -47.12
C HIS B 62 -23.04 13.29 -46.72
N ASN B 63 -22.52 13.74 -45.57
CA ASN B 63 -22.43 15.16 -45.20
C ASN B 63 -23.82 15.77 -45.27
N HIS B 64 -24.80 15.18 -44.59
CA HIS B 64 -26.17 15.68 -44.52
C HIS B 64 -26.13 17.05 -43.86
N PRO B 65 -26.70 18.09 -44.52
CA PRO B 65 -26.62 19.46 -44.02
C PRO B 65 -27.03 19.62 -42.56
N GLU B 66 -28.08 18.93 -42.12
CA GLU B 66 -28.54 18.95 -40.70
C GLU B 66 -27.41 18.44 -39.80
N ILE B 67 -26.71 17.38 -40.20
CA ILE B 67 -25.67 16.78 -39.32
C ILE B 67 -24.45 17.71 -39.32
N ILE B 68 -24.10 18.26 -40.45
CA ILE B 68 -22.93 19.20 -40.57
C ILE B 68 -23.18 20.45 -39.71
N ALA B 69 -24.36 21.03 -39.83
CA ALA B 69 -24.74 22.25 -39.07
C ALA B 69 -24.66 21.94 -37.57
N HIS B 70 -25.30 20.85 -37.12
CA HIS B 70 -25.23 20.41 -35.70
C HIS B 70 -23.77 20.26 -35.26
N ALA B 71 -22.96 19.53 -36.01
CA ALA B 71 -21.53 19.37 -35.66
C ALA B 71 -20.87 20.76 -35.56
N LYS B 72 -21.09 21.63 -36.53
CA LYS B 72 -20.47 22.98 -36.48
C LYS B 72 -20.95 23.75 -35.24
N ALA B 73 -22.22 23.66 -34.87
CA ALA B 73 -22.79 24.31 -33.67
C ALA B 73 -22.14 23.76 -32.39
N ALA B 74 -21.99 22.44 -32.28
CA ALA B 74 -21.34 21.80 -31.11
C ALA B 74 -19.91 22.36 -30.96
N LEU B 75 -19.18 22.47 -32.05
CA LEU B 75 -17.79 22.96 -32.00
C LEU B 75 -17.75 24.44 -31.62
N ASP B 76 -18.66 25.26 -32.17
CA ASP B 76 -18.74 26.71 -31.87
C ASP B 76 -19.14 26.94 -30.42
N ALA B 77 -19.89 26.01 -29.82
CA ALA B 77 -20.36 26.14 -28.41
C ALA B 77 -19.23 25.76 -27.43
N GLY B 78 -18.07 25.26 -27.88
CA GLY B 78 -17.06 24.74 -26.96
C GLY B 78 -17.56 23.52 -26.22
N THR B 79 -18.23 22.62 -26.90
CA THR B 79 -18.62 21.32 -26.30
C THR B 79 -17.43 20.72 -25.56
N VAL B 80 -17.66 20.17 -24.39
CA VAL B 80 -16.57 19.45 -23.65
C VAL B 80 -16.49 18.06 -24.28
N VAL B 81 -15.51 17.88 -25.15
CA VAL B 81 -15.24 16.56 -25.79
C VAL B 81 -14.60 15.62 -24.75
N HIS B 82 -13.60 16.09 -24.01
CA HIS B 82 -12.82 15.32 -22.99
C HIS B 82 -13.18 15.77 -21.58
N ALA B 83 -14.16 15.13 -20.98
CA ALA B 83 -14.66 15.35 -19.60
C ALA B 83 -14.73 14.02 -18.86
N GLN B 84 -13.72 13.16 -19.03
CA GLN B 84 -13.69 11.82 -18.40
C GLN B 84 -13.82 11.98 -16.89
N LEU B 85 -14.53 11.05 -16.25
CA LEU B 85 -14.79 10.98 -14.79
C LEU B 85 -15.38 12.32 -14.31
N SER B 86 -16.42 12.76 -15.00
CA SER B 86 -17.32 13.85 -14.58
C SER B 86 -18.71 13.46 -15.02
N ARG B 87 -19.75 14.16 -14.58
CA ARG B 87 -21.15 13.85 -14.97
C ARG B 87 -21.32 14.26 -16.44
N GLN B 88 -21.74 13.31 -17.29
CA GLN B 88 -22.04 13.50 -18.73
C GLN B 88 -23.46 12.99 -18.98
N PRO B 89 -24.47 13.83 -18.66
CA PRO B 89 -25.87 13.42 -18.73
C PRO B 89 -26.33 12.98 -20.12
N ARG B 90 -25.59 13.34 -21.17
CA ARG B 90 -26.03 13.01 -22.54
C ARG B 90 -25.98 11.48 -22.73
N ALA B 91 -25.08 10.78 -22.06
CA ALA B 91 -25.01 9.30 -22.10
C ALA B 91 -26.38 8.75 -21.69
N ASN B 92 -26.86 9.17 -20.51
CA ASN B 92 -28.19 8.75 -19.98
C ASN B 92 -29.31 9.13 -20.94
N GLN B 93 -29.27 10.32 -21.54
CA GLN B 93 -30.33 10.88 -22.40
C GLN B 93 -30.43 10.04 -23.69
N ILE B 94 -29.29 9.74 -24.29
CA ILE B 94 -29.19 8.81 -25.46
C ILE B 94 -29.77 7.45 -25.05
N SER B 95 -29.42 6.89 -23.90
CA SER B 95 -29.88 5.51 -23.51
C SER B 95 -31.40 5.56 -23.29
N ARG B 96 -31.88 6.62 -22.66
CA ARG B 96 -33.34 6.83 -22.45
C ARG B 96 -34.06 6.70 -23.80
N ILE B 97 -33.55 7.33 -24.85
CA ILE B 97 -34.26 7.39 -26.16
C ILE B 97 -34.26 6.01 -26.78
N LEU B 98 -33.12 5.33 -26.82
CA LEU B 98 -33.02 3.96 -27.41
C LEU B 98 -33.96 3.01 -26.66
N ASN B 99 -34.00 3.15 -25.34
CA ASN B 99 -34.88 2.39 -24.40
C ASN B 99 -36.37 2.54 -24.83
N ASP B 100 -36.82 3.79 -25.07
CA ASP B 100 -38.19 4.17 -25.44
C ASP B 100 -38.47 3.60 -26.82
N ILE B 101 -37.51 3.71 -27.75
CA ILE B 101 -37.66 3.19 -29.13
C ILE B 101 -37.81 1.67 -29.04
N MET B 102 -36.94 0.98 -28.30
CA MET B 102 -37.03 -0.50 -28.31
C MET B 102 -38.35 -0.95 -27.68
N ARG B 103 -38.83 -0.29 -26.62
CA ARG B 103 -40.13 -0.61 -25.97
C ARG B 103 -41.27 -0.51 -27.00
N ARG B 104 -41.31 0.62 -27.73
CA ARG B 104 -42.30 0.93 -28.75
C ARG B 104 -42.31 -0.16 -29.83
N GLU B 105 -41.15 -0.63 -30.25
CA GLU B 105 -41.03 -1.51 -31.44
C GLU B 105 -41.23 -2.98 -31.04
N THR B 106 -40.93 -3.37 -29.80
CA THR B 106 -41.01 -4.79 -29.37
C THR B 106 -42.22 -5.02 -28.45
N GLY B 107 -42.90 -3.95 -28.05
CA GLY B 107 -43.92 -3.99 -26.99
C GLY B 107 -43.39 -4.48 -25.65
N ARG B 108 -42.07 -4.71 -25.49
CA ARG B 108 -41.51 -5.19 -24.20
C ARG B 108 -41.08 -3.99 -23.36
N ASP B 109 -41.47 -3.99 -22.09
CA ASP B 109 -41.25 -2.83 -21.19
C ASP B 109 -40.00 -3.18 -20.38
N ASP B 110 -38.87 -3.32 -21.07
CA ASP B 110 -37.57 -3.75 -20.52
C ASP B 110 -36.67 -2.52 -20.46
N ARG B 111 -35.75 -2.48 -19.48
CA ARG B 111 -34.80 -1.36 -19.38
C ARG B 111 -33.38 -1.84 -19.71
N TYR B 112 -32.60 -0.99 -20.36
CA TYR B 112 -31.23 -1.29 -20.85
C TYR B 112 -30.26 -0.25 -20.29
N ASN B 113 -29.15 -0.73 -19.73
CA ASN B 113 -27.98 0.13 -19.46
C ASN B 113 -27.15 0.27 -20.73
N ALA B 114 -26.62 1.48 -20.95
CA ALA B 114 -25.76 1.83 -22.11
C ALA B 114 -24.30 2.01 -21.65
N ILE B 115 -23.38 1.42 -22.41
CA ILE B 115 -21.91 1.62 -22.35
C ILE B 115 -21.47 2.01 -23.74
N PHE B 116 -20.86 3.17 -23.89
CA PHE B 116 -20.44 3.68 -25.22
C PHE B 116 -19.03 3.18 -25.55
N ALA B 117 -18.72 3.13 -26.84
CA ALA B 117 -17.36 2.94 -27.34
C ALA B 117 -17.17 3.71 -28.65
N ASN B 118 -16.20 3.28 -29.48
CA ASN B 118 -15.62 4.05 -30.61
C ASN B 118 -15.84 3.33 -31.95
N SER B 119 -16.28 2.10 -31.90
CA SER B 119 -16.37 1.22 -33.07
C SER B 119 -17.34 0.11 -32.74
N GLY B 120 -17.89 -0.52 -33.78
CA GLY B 120 -18.81 -1.65 -33.61
C GLY B 120 -18.12 -2.82 -32.95
N ALA B 121 -16.86 -3.07 -33.31
CA ALA B 121 -16.10 -4.15 -32.68
C ALA B 121 -15.96 -3.84 -31.18
N GLU B 122 -15.77 -2.58 -30.83
CA GLU B 122 -15.54 -2.19 -29.41
C GLU B 122 -16.85 -2.42 -28.62
N ALA B 123 -18.03 -2.19 -29.23
CA ALA B 123 -19.35 -2.40 -28.59
C ALA B 123 -19.58 -3.91 -28.40
N ASN B 124 -19.30 -4.67 -29.43
CA ASN B 124 -19.37 -6.15 -29.41
C ASN B 124 -18.44 -6.66 -28.32
N GLU B 125 -17.30 -6.04 -28.09
CA GLU B 125 -16.30 -6.54 -27.12
C GLU B 125 -16.69 -6.17 -25.68
N ILE B 126 -17.28 -5.00 -25.51
CA ILE B 126 -18.03 -4.65 -24.25
C ILE B 126 -19.02 -5.78 -23.88
N CYS B 127 -19.74 -6.33 -24.87
CA CYS B 127 -20.78 -7.37 -24.64
C CYS B 127 -20.09 -8.70 -24.33
N MET B 128 -18.97 -9.01 -24.98
CA MET B 128 -18.20 -10.25 -24.74
C MET B 128 -17.68 -10.22 -23.30
N LYS B 129 -17.17 -9.06 -22.85
CA LYS B 129 -16.64 -8.85 -21.49
C LYS B 129 -17.79 -8.95 -20.50
N HIS B 130 -18.89 -8.24 -20.72
CA HIS B 130 -20.03 -8.29 -19.77
C HIS B 130 -20.54 -9.73 -19.70
N ALA B 131 -20.56 -10.44 -20.81
CA ALA B 131 -20.96 -11.86 -20.89
C ALA B 131 -20.08 -12.71 -19.98
N GLU B 132 -18.77 -12.48 -20.08
CA GLU B 132 -17.77 -13.20 -19.29
C GLU B 132 -17.93 -12.81 -17.82
N LEU B 133 -18.34 -11.57 -17.51
CA LEU B 133 -18.62 -11.19 -16.09
C LEU B 133 -19.78 -12.05 -15.56
N GLU B 134 -20.81 -12.24 -16.38
CA GLU B 134 -22.02 -13.01 -15.99
C GLU B 134 -21.63 -14.47 -15.81
N ARG B 135 -20.66 -14.98 -16.61
CA ARG B 135 -20.24 -16.40 -16.56
C ARG B 135 -19.40 -16.61 -15.29
N GLN B 136 -18.62 -15.62 -14.88
CA GLN B 136 -17.86 -15.69 -13.62
C GLN B 136 -18.84 -15.69 -12.44
N GLU B 137 -19.85 -14.83 -12.43
CA GLU B 137 -20.95 -14.90 -11.42
C GLU B 137 -21.52 -16.32 -11.33
N ARG B 138 -21.94 -16.91 -12.45
CA ARG B 138 -22.60 -18.24 -12.54
C ARG B 138 -21.63 -19.27 -12.00
N ILE B 139 -20.36 -19.13 -12.37
CA ILE B 139 -19.26 -20.03 -11.93
C ILE B 139 -19.04 -19.89 -10.43
N THR B 140 -18.92 -18.68 -9.88
CA THR B 140 -18.74 -18.50 -8.42
C THR B 140 -19.85 -19.23 -7.67
N ALA B 141 -21.09 -19.11 -8.15
CA ALA B 141 -22.29 -19.60 -7.43
C ALA B 141 -22.26 -21.14 -7.44
N LEU B 142 -21.96 -21.72 -8.60
CA LEU B 142 -21.89 -23.19 -8.82
C LEU B 142 -20.83 -23.78 -7.89
N PHE B 143 -19.65 -23.17 -7.86
CA PHE B 143 -18.48 -23.61 -7.06
C PHE B 143 -18.79 -23.46 -5.57
N ALA B 144 -19.49 -22.39 -5.19
CA ALA B 144 -20.03 -22.20 -3.83
C ALA B 144 -20.95 -23.38 -3.45
N GLU B 145 -21.83 -23.82 -4.35
CA GLU B 145 -22.78 -24.93 -4.05
C GLU B 145 -21.98 -26.24 -3.96
N ILE B 146 -20.96 -26.41 -4.81
CA ILE B 146 -20.17 -27.67 -4.88
C ILE B 146 -19.42 -27.82 -3.56
N ASP B 147 -18.81 -26.75 -3.06
CA ASP B 147 -18.14 -26.77 -1.72
C ASP B 147 -19.14 -27.24 -0.67
N ALA B 148 -20.33 -26.61 -0.57
CA ALA B 148 -21.43 -27.01 0.33
C ALA B 148 -21.73 -28.51 0.18
N GLU B 149 -21.97 -29.00 -1.05
CA GLU B 149 -22.22 -30.45 -1.34
C GLU B 149 -21.04 -31.30 -0.85
N LEU B 150 -19.80 -30.81 -1.00
CA LEU B 150 -18.58 -31.55 -0.56
C LEU B 150 -18.50 -31.58 0.96
N ASP B 151 -18.74 -30.45 1.64
CA ASP B 151 -18.81 -30.35 3.13
C ASP B 151 -19.83 -31.37 3.66
N THR B 152 -21.04 -31.39 3.08
CA THR B 152 -22.20 -32.23 3.52
C THR B 152 -21.93 -33.70 3.21
N ALA B 153 -21.12 -34.01 2.19
CA ALA B 153 -20.79 -35.39 1.80
C ALA B 153 -19.65 -35.91 2.69
N ARG B 154 -18.75 -35.02 3.13
CA ARG B 154 -17.58 -35.36 4.00
C ARG B 154 -18.03 -35.54 5.45
N GLU B 155 -19.03 -34.77 5.88
CA GLU B 155 -19.68 -34.87 7.21
C GLU B 155 -20.38 -36.22 7.32
N ALA B 156 -21.15 -36.57 6.28
CA ALA B 156 -21.92 -37.83 6.19
C ALA B 156 -20.97 -39.02 6.15
N LEU B 157 -19.84 -38.90 5.46
CA LEU B 157 -18.90 -40.03 5.20
C LEU B 157 -18.04 -40.27 6.44
N THR B 158 -17.52 -39.21 7.07
CA THR B 158 -16.58 -39.32 8.22
C THR B 158 -17.34 -39.79 9.48
N THR B 159 -18.51 -39.20 9.78
CA THR B 159 -19.40 -39.58 10.92
C THR B 159 -19.86 -41.04 10.76
N GLY B 160 -20.08 -41.50 9.52
CA GLY B 160 -20.49 -42.89 9.21
C GLY B 160 -21.95 -42.98 8.79
N THR B 161 -22.67 -41.84 8.74
CA THR B 161 -24.10 -41.79 8.38
C THR B 161 -24.31 -42.34 6.95
N ALA B 162 -23.29 -42.30 6.07
CA ALA B 162 -23.37 -42.79 4.67
C ALA B 162 -22.05 -43.41 4.20
N THR B 163 -22.13 -44.20 3.13
CA THR B 163 -21.01 -44.94 2.47
C THR B 163 -20.80 -44.37 1.05
N LEU B 164 -19.56 -44.27 0.59
CA LEU B 164 -19.22 -43.84 -0.79
C LEU B 164 -19.51 -44.99 -1.75
N ASP B 165 -20.26 -44.75 -2.82
CA ASP B 165 -20.53 -45.75 -3.89
C ASP B 165 -19.36 -45.75 -4.87
N THR B 166 -18.67 -46.89 -4.97
CA THR B 166 -17.37 -47.06 -5.66
C THR B 166 -17.61 -47.31 -7.17
N ALA B 167 -18.87 -47.48 -7.63
CA ALA B 167 -19.23 -47.61 -9.06
C ALA B 167 -19.16 -46.24 -9.77
N SER B 168 -19.17 -45.15 -8.98
CA SER B 168 -19.12 -43.74 -9.44
C SER B 168 -17.67 -43.24 -9.47
N LEU B 169 -16.72 -44.02 -8.92
CA LEU B 169 -15.30 -43.60 -8.73
C LEU B 169 -14.54 -43.50 -10.06
N PRO B 170 -14.94 -44.19 -11.18
CA PRO B 170 -14.32 -43.91 -12.47
C PRO B 170 -14.16 -42.39 -12.70
N LEU B 171 -15.22 -41.59 -12.48
CA LEU B 171 -15.29 -40.14 -12.84
C LEU B 171 -14.06 -39.40 -12.31
N VAL B 172 -13.52 -39.80 -11.15
CA VAL B 172 -12.14 -39.44 -10.71
C VAL B 172 -11.20 -40.57 -11.12
N ASP B 178 -10.79 -43.47 -0.89
CA ASP B 178 -10.40 -42.60 0.24
C ASP B 178 -11.07 -41.22 0.08
N VAL B 179 -11.78 -40.75 1.13
CA VAL B 179 -12.58 -39.49 1.14
C VAL B 179 -11.71 -38.32 0.69
N ASP B 180 -10.77 -37.87 1.54
CA ASP B 180 -9.97 -36.64 1.35
C ASP B 180 -9.32 -36.63 -0.03
N GLY B 181 -8.89 -37.78 -0.53
CA GLY B 181 -8.22 -37.95 -1.83
C GLY B 181 -9.15 -37.74 -3.01
N VAL B 182 -10.36 -38.31 -2.93
CA VAL B 182 -11.41 -38.19 -4.00
C VAL B 182 -11.82 -36.72 -4.10
N ILE B 183 -11.80 -35.99 -2.99
CA ILE B 183 -12.21 -34.55 -2.93
C ILE B 183 -11.12 -33.68 -3.56
N ALA B 184 -9.85 -33.94 -3.24
CA ALA B 184 -8.70 -33.26 -3.86
C ALA B 184 -8.76 -33.46 -5.38
N ASP B 185 -9.02 -34.69 -5.85
CA ASP B 185 -9.11 -35.07 -7.30
C ASP B 185 -10.24 -34.33 -8.01
N ILE B 186 -11.35 -34.07 -7.28
CA ILE B 186 -12.52 -33.28 -7.72
C ILE B 186 -12.13 -31.81 -7.83
N HIS B 187 -11.48 -31.26 -6.80
CA HIS B 187 -11.02 -29.85 -6.76
C HIS B 187 -10.01 -29.61 -7.90
N ARG B 188 -9.22 -30.63 -8.26
CA ARG B 188 -8.17 -30.51 -9.31
C ARG B 188 -8.87 -30.51 -10.67
N HIS B 189 -9.75 -31.49 -10.90
CA HIS B 189 -10.58 -31.54 -12.13
C HIS B 189 -11.33 -30.22 -12.32
N ASN B 190 -11.97 -29.72 -11.26
CA ASN B 190 -12.91 -28.57 -11.32
C ASN B 190 -12.08 -27.30 -11.65
N ASP B 191 -10.91 -27.13 -11.04
CA ASP B 191 -10.04 -25.92 -11.22
C ASP B 191 -9.52 -25.93 -12.67
N GLU B 192 -9.08 -27.09 -13.15
CA GLU B 192 -8.74 -27.31 -14.59
C GLU B 192 -9.87 -26.69 -15.42
N ARG B 193 -11.10 -27.19 -15.25
CA ARG B 193 -12.28 -26.79 -16.06
C ARG B 193 -12.52 -25.27 -15.92
N ARG B 194 -12.33 -24.75 -14.72
CA ARG B 194 -12.70 -23.37 -14.37
C ARG B 194 -11.87 -22.40 -15.21
N ALA B 195 -10.61 -22.70 -15.41
CA ALA B 195 -9.63 -21.83 -16.10
C ALA B 195 -9.65 -22.07 -17.62
N GLU B 196 -10.42 -23.01 -18.17
CA GLU B 196 -10.50 -23.21 -19.66
C GLU B 196 -11.17 -22.01 -20.32
N ARG B 197 -10.74 -21.63 -21.52
CA ARG B 197 -11.36 -20.50 -22.24
C ARG B 197 -12.85 -20.82 -22.39
N PRO B 198 -13.74 -19.81 -22.43
CA PRO B 198 -15.13 -20.02 -22.82
C PRO B 198 -15.29 -20.19 -24.34
N LEU B 199 -16.50 -20.50 -24.77
CA LEU B 199 -16.85 -20.53 -26.21
C LEU B 199 -17.80 -19.36 -26.48
N PHE B 200 -17.87 -18.86 -27.71
CA PHE B 200 -18.97 -17.99 -28.16
C PHE B 200 -19.68 -18.72 -29.28
N LEU B 201 -21.00 -18.53 -29.40
CA LEU B 201 -21.79 -19.13 -30.48
C LEU B 201 -22.18 -18.00 -31.43
N THR B 202 -21.93 -18.22 -32.72
CA THR B 202 -22.23 -17.26 -33.81
C THR B 202 -22.94 -18.06 -34.89
N LEU B 203 -23.44 -17.39 -35.93
CA LEU B 203 -23.97 -18.07 -37.13
C LEU B 203 -22.84 -18.22 -38.14
N ASP B 204 -22.98 -19.16 -39.08
CA ASP B 204 -22.06 -19.27 -40.24
C ASP B 204 -22.13 -17.93 -41.03
N GLY B 205 -20.99 -17.42 -41.52
CA GLY B 205 -20.97 -16.19 -42.32
C GLY B 205 -21.03 -14.93 -41.44
N SER B 206 -20.92 -15.09 -40.12
CA SER B 206 -21.09 -14.03 -39.09
C SER B 206 -19.98 -12.99 -39.26
N PHE B 207 -20.32 -11.74 -39.11
CA PHE B 207 -19.32 -10.66 -39.04
C PHE B 207 -19.61 -9.82 -37.80
N HIS B 208 -18.66 -9.78 -36.85
CA HIS B 208 -18.80 -9.06 -35.56
C HIS B 208 -17.60 -8.16 -35.25
N GLY B 209 -16.69 -7.93 -36.21
CA GLY B 209 -15.51 -7.07 -36.06
C GLY B 209 -14.22 -7.85 -36.18
N LYS B 210 -13.10 -7.12 -36.12
CA LYS B 210 -11.78 -7.67 -36.50
C LYS B 210 -10.73 -7.36 -35.42
N LEU B 211 -11.13 -7.11 -34.17
CA LEU B 211 -10.13 -6.93 -33.09
C LEU B 211 -9.83 -8.31 -32.49
N VAL B 212 -9.02 -8.37 -31.45
CA VAL B 212 -8.40 -9.67 -31.02
C VAL B 212 -9.50 -10.61 -30.57
N GLY B 213 -10.43 -10.10 -29.77
CA GLY B 213 -11.67 -10.76 -29.30
C GLY B 213 -12.61 -11.01 -30.47
N SER B 214 -13.05 -9.96 -31.16
CA SER B 214 -14.20 -10.01 -32.09
C SER B 214 -13.87 -10.86 -33.33
N ILE B 215 -12.62 -10.86 -33.81
CA ILE B 215 -12.24 -11.57 -35.07
C ILE B 215 -12.54 -13.06 -34.92
N GLN B 216 -12.38 -13.61 -33.71
CA GLN B 216 -12.71 -15.05 -33.50
C GLN B 216 -14.22 -15.24 -33.79
N LEU B 217 -15.01 -14.17 -33.69
CA LEU B 217 -16.51 -14.26 -33.87
C LEU B 217 -16.83 -14.03 -35.35
N THR B 218 -15.80 -13.86 -36.19
CA THR B 218 -15.99 -13.51 -37.63
C THR B 218 -15.55 -14.70 -38.48
N GLN B 219 -16.48 -15.23 -39.29
CA GLN B 219 -16.29 -16.47 -40.10
C GLN B 219 -15.13 -16.31 -41.09
N ASN B 220 -15.13 -15.22 -41.89
CA ASN B 220 -14.23 -15.04 -43.06
C ASN B 220 -12.86 -15.64 -42.71
N GLU B 221 -12.49 -16.76 -43.33
CA GLU B 221 -11.35 -17.62 -42.89
C GLU B 221 -10.00 -16.92 -42.99
N PRO B 222 -9.68 -16.25 -44.13
CA PRO B 222 -8.41 -15.54 -44.25
C PRO B 222 -8.31 -14.40 -43.22
N TRP B 223 -9.45 -13.83 -42.75
CA TRP B 223 -9.42 -12.70 -41.80
C TRP B 223 -9.16 -13.21 -40.38
N ARG B 224 -9.52 -14.47 -40.12
CA ARG B 224 -9.62 -15.00 -38.74
C ARG B 224 -8.52 -16.02 -38.48
N THR B 225 -8.34 -17.01 -39.35
CA THR B 225 -7.60 -18.27 -38.97
C THR B 225 -6.15 -17.95 -38.57
N PRO B 226 -5.52 -16.85 -39.04
CA PRO B 226 -4.15 -16.51 -38.61
C PRO B 226 -4.05 -16.10 -37.12
N PHE B 227 -5.18 -15.73 -36.51
CA PHE B 227 -5.28 -15.15 -35.15
C PHE B 227 -5.93 -16.15 -34.17
N THR B 228 -6.29 -17.35 -34.64
CA THR B 228 -7.02 -18.42 -33.89
C THR B 228 -6.50 -18.60 -32.46
N ALA B 229 -5.17 -18.56 -32.29
CA ALA B 229 -4.48 -18.91 -31.03
C ALA B 229 -4.64 -17.81 -29.98
N LEU B 230 -5.05 -16.59 -30.37
CA LEU B 230 -4.97 -15.40 -29.46
C LEU B 230 -6.11 -15.44 -28.44
N SER B 231 -7.32 -15.87 -28.84
CA SER B 231 -8.57 -15.51 -28.13
C SER B 231 -9.58 -16.65 -28.18
N SER B 232 -10.56 -16.62 -27.28
CA SER B 232 -11.63 -17.66 -27.21
C SER B 232 -12.27 -17.80 -28.58
N PRO B 233 -12.49 -19.03 -29.04
CA PRO B 233 -13.15 -19.23 -30.32
C PRO B 233 -14.70 -19.20 -30.22
N ALA B 234 -15.30 -19.15 -31.40
CA ALA B 234 -16.72 -19.22 -31.72
C ALA B 234 -16.97 -20.58 -32.36
N ARG B 235 -18.14 -21.17 -32.09
CA ARG B 235 -18.69 -22.22 -32.95
C ARG B 235 -19.69 -21.50 -33.83
N PHE B 236 -19.49 -21.63 -35.13
CA PHE B 236 -20.32 -21.05 -36.19
C PHE B 236 -21.44 -22.04 -36.47
N LEU B 237 -22.65 -21.71 -36.02
CA LEU B 237 -23.82 -22.60 -36.12
C LEU B 237 -24.42 -22.47 -37.51
N PRO B 238 -24.82 -23.60 -38.13
CA PRO B 238 -25.33 -23.60 -39.50
C PRO B 238 -26.74 -23.00 -39.57
N ALA B 239 -26.84 -21.78 -40.09
CA ALA B 239 -28.07 -20.93 -40.08
C ALA B 239 -29.19 -21.62 -40.85
N ASP B 240 -28.87 -22.24 -41.98
CA ASP B 240 -29.85 -22.83 -42.94
C ASP B 240 -30.26 -24.23 -42.50
N GLU B 241 -29.38 -24.95 -41.78
CA GLU B 241 -29.55 -26.37 -41.37
C GLU B 241 -29.71 -26.44 -39.85
N PRO B 242 -30.69 -25.75 -39.24
CA PRO B 242 -30.73 -25.54 -37.78
C PRO B 242 -31.20 -26.75 -36.96
N GLU B 243 -31.52 -27.86 -37.62
CA GLU B 243 -31.79 -29.16 -36.95
C GLU B 243 -30.47 -29.73 -36.42
N LEU B 244 -29.32 -29.23 -36.90
CA LEU B 244 -27.95 -29.64 -36.47
C LEU B 244 -27.40 -28.83 -35.28
N ILE B 245 -27.89 -27.61 -35.05
CA ILE B 245 -27.35 -26.68 -34.01
C ILE B 245 -27.37 -27.38 -32.65
N GLY B 246 -28.53 -27.95 -32.30
CA GLY B 246 -28.80 -28.70 -31.06
C GLY B 246 -27.67 -29.66 -30.73
N LYS B 247 -27.28 -30.47 -31.69
CA LYS B 247 -26.22 -31.50 -31.53
C LYS B 247 -24.85 -30.81 -31.37
N ILE B 248 -24.59 -29.75 -32.15
CA ILE B 248 -23.29 -29.03 -32.10
C ILE B 248 -23.08 -28.46 -30.68
N VAL B 249 -24.12 -27.89 -30.07
CA VAL B 249 -23.98 -27.24 -28.73
C VAL B 249 -23.95 -28.35 -27.67
N GLU B 250 -24.71 -29.42 -27.86
CA GLU B 250 -24.68 -30.59 -26.95
C GLU B 250 -23.25 -31.14 -26.93
N ASP B 251 -22.55 -31.24 -28.07
CA ASP B 251 -21.13 -31.70 -28.07
C ASP B 251 -20.27 -30.83 -27.15
N GLU B 252 -20.63 -29.56 -26.96
CA GLU B 252 -19.79 -28.58 -26.22
C GLU B 252 -20.09 -28.58 -24.72
N ARG B 253 -21.10 -29.31 -24.26
CA ARG B 253 -21.40 -29.50 -22.82
C ARG B 253 -20.09 -29.91 -22.14
N ARG B 254 -19.79 -29.34 -20.98
CA ARG B 254 -18.68 -29.74 -20.09
C ARG B 254 -19.24 -29.76 -18.66
N SER B 255 -18.75 -30.74 -17.89
CA SER B 255 -19.17 -31.11 -16.52
C SER B 255 -18.11 -30.63 -15.54
N VAL B 256 -18.52 -30.25 -14.35
CA VAL B 256 -17.68 -30.30 -13.13
C VAL B 256 -18.13 -31.50 -12.29
N LEU B 257 -17.38 -31.81 -11.24
CA LEU B 257 -17.67 -32.95 -10.35
C LEU B 257 -18.03 -32.40 -8.97
N THR B 258 -18.91 -33.13 -8.29
CA THR B 258 -19.25 -32.91 -6.87
C THR B 258 -19.58 -34.25 -6.24
N LEU B 259 -19.83 -34.25 -4.94
CA LEU B 259 -20.40 -35.42 -4.23
C LEU B 259 -21.88 -35.16 -3.91
N SER B 260 -22.73 -36.11 -4.26
CA SER B 260 -24.22 -36.10 -4.09
C SER B 260 -24.59 -37.04 -2.94
N LEU B 261 -25.16 -36.50 -1.86
CA LEU B 261 -25.66 -37.27 -0.68
C LEU B 261 -27.12 -37.67 -0.93
N ASP B 262 -27.48 -38.93 -0.62
CA ASP B 262 -28.85 -39.50 -0.78
C ASP B 262 -29.53 -39.64 0.58
N ASP B 264 -27.79 -42.27 2.93
CA ASP B 264 -27.18 -43.62 3.04
C ASP B 264 -25.97 -43.73 2.10
N THR B 265 -26.09 -43.23 0.86
CA THR B 265 -25.12 -43.43 -0.25
C THR B 265 -24.61 -42.05 -0.72
N VAL B 266 -23.29 -41.91 -0.88
CA VAL B 266 -22.59 -40.73 -1.50
C VAL B 266 -22.02 -41.20 -2.84
N ARG B 267 -22.20 -40.39 -3.89
CA ARG B 267 -21.82 -40.70 -5.29
C ARG B 267 -21.09 -39.48 -5.87
N VAL B 268 -19.96 -39.71 -6.57
CA VAL B 268 -19.34 -38.69 -7.46
C VAL B 268 -20.29 -38.57 -8.66
N VAL B 269 -20.70 -37.35 -8.98
CA VAL B 269 -21.62 -37.07 -10.11
C VAL B 269 -21.11 -35.82 -10.84
N GLU B 270 -21.36 -35.82 -12.15
CA GLU B 270 -21.14 -34.68 -13.05
C GLU B 270 -22.28 -33.66 -12.84
N ARG B 271 -21.99 -32.37 -12.95
CA ARG B 271 -22.96 -31.24 -12.98
C ARG B 271 -22.60 -30.30 -14.14
N ASP B 272 -23.55 -29.58 -14.75
CA ASP B 272 -23.28 -28.70 -15.93
C ASP B 272 -22.28 -27.61 -15.51
N PHE B 273 -21.23 -27.38 -16.30
CA PHE B 273 -20.34 -26.20 -16.16
C PHE B 273 -20.73 -25.17 -17.23
N PRO B 274 -20.88 -23.86 -16.92
CA PRO B 274 -21.16 -22.85 -17.96
C PRO B 274 -19.91 -22.54 -18.83
N VAL B 275 -19.98 -23.00 -20.07
CA VAL B 275 -18.91 -22.91 -21.10
C VAL B 275 -19.19 -21.73 -22.04
N VAL B 276 -20.43 -21.52 -22.40
CA VAL B 276 -20.77 -20.53 -23.46
C VAL B 276 -20.96 -19.16 -22.80
N ALA B 277 -20.11 -18.20 -23.14
CA ALA B 277 -20.18 -16.80 -22.64
C ALA B 277 -21.38 -16.10 -23.28
N ALA B 278 -21.58 -16.26 -24.58
CA ALA B 278 -22.67 -15.56 -25.28
C ALA B 278 -22.97 -16.18 -26.62
N ILE B 279 -24.17 -15.88 -27.12
CA ILE B 279 -24.64 -16.09 -28.52
C ILE B 279 -24.68 -14.71 -29.21
N PHE B 280 -24.05 -14.59 -30.37
CA PHE B 280 -24.07 -13.36 -31.21
C PHE B 280 -24.93 -13.61 -32.46
N VAL B 281 -25.73 -12.63 -32.84
CA VAL B 281 -26.55 -12.73 -34.06
C VAL B 281 -26.68 -11.36 -34.71
N GLU B 282 -26.64 -11.38 -36.04
CA GLU B 282 -26.97 -10.20 -36.88
C GLU B 282 -28.38 -10.40 -37.40
N PRO B 283 -29.31 -9.46 -37.21
CA PRO B 283 -30.66 -9.62 -37.76
C PRO B 283 -30.63 -9.80 -39.30
N VAL B 284 -29.68 -9.13 -39.95
CA VAL B 284 -29.43 -9.28 -41.41
C VAL B 284 -27.92 -9.55 -41.54
N ARG B 285 -27.55 -10.67 -42.16
CA ARG B 285 -26.22 -11.28 -41.97
C ARG B 285 -25.27 -10.73 -43.05
N GLY B 286 -24.61 -9.59 -42.72
CA GLY B 286 -23.56 -8.91 -43.53
C GLY B 286 -22.61 -9.87 -44.21
N GLY B 287 -21.94 -10.73 -43.44
CA GLY B 287 -20.93 -11.67 -43.98
C GLY B 287 -21.53 -12.83 -44.77
N SER B 288 -22.85 -12.98 -44.80
CA SER B 288 -23.57 -14.07 -45.51
C SER B 288 -24.26 -13.52 -46.77
N GLY B 289 -24.03 -12.24 -47.09
CA GLY B 289 -24.62 -11.57 -48.28
C GLY B 289 -26.01 -11.04 -48.02
N MET B 290 -26.26 -10.53 -46.81
CA MET B 290 -27.49 -9.77 -46.43
C MET B 290 -28.69 -10.70 -46.21
N LYS B 291 -28.47 -11.94 -45.78
CA LYS B 291 -29.58 -12.88 -45.46
C LYS B 291 -30.25 -12.47 -44.15
N THR B 292 -31.57 -12.27 -44.15
CA THR B 292 -32.34 -12.01 -42.90
C THR B 292 -32.44 -13.33 -42.11
N VAL B 293 -32.26 -13.26 -40.80
CA VAL B 293 -32.57 -14.38 -39.85
C VAL B 293 -34.04 -14.75 -40.04
N THR B 294 -34.32 -16.05 -40.23
CA THR B 294 -35.70 -16.60 -40.38
C THR B 294 -36.34 -16.77 -39.00
N PRO B 295 -37.69 -16.78 -38.89
CA PRO B 295 -38.35 -17.13 -37.63
C PRO B 295 -37.84 -18.45 -37.03
N GLU B 296 -37.64 -19.48 -37.85
CA GLU B 296 -37.20 -20.80 -37.33
C GLU B 296 -35.84 -20.65 -36.65
N LEU B 297 -34.97 -19.82 -37.20
CA LEU B 297 -33.59 -19.66 -36.63
C LEU B 297 -33.67 -18.81 -35.34
N ALA B 298 -34.43 -17.72 -35.38
CA ALA B 298 -34.70 -16.85 -34.22
C ALA B 298 -35.14 -17.77 -33.08
N GLU B 299 -35.97 -18.75 -33.37
CA GLU B 299 -36.55 -19.56 -32.27
C GLU B 299 -35.49 -20.56 -31.81
N GLU B 300 -34.60 -21.02 -32.70
CA GLU B 300 -33.51 -21.89 -32.21
C GLU B 300 -32.57 -21.09 -31.29
N LEU B 301 -32.35 -19.79 -31.58
CA LEU B 301 -31.40 -18.94 -30.80
C LEU B 301 -31.97 -18.64 -29.40
N HIS B 302 -33.25 -18.33 -29.32
CA HIS B 302 -34.06 -18.20 -28.08
C HIS B 302 -33.96 -19.48 -27.25
N ARG B 303 -34.23 -20.65 -27.86
CA ARG B 303 -34.10 -21.93 -27.13
C ARG B 303 -32.72 -21.98 -26.52
N LEU B 304 -31.68 -21.70 -27.33
CA LEU B 304 -30.28 -21.89 -26.93
C LEU B 304 -29.98 -21.01 -25.71
N ARG B 305 -30.35 -19.72 -25.82
CA ARG B 305 -30.19 -18.67 -24.79
C ARG B 305 -30.90 -19.12 -23.50
N ASP B 306 -32.18 -19.44 -23.57
CA ASP B 306 -32.95 -19.97 -22.39
C ASP B 306 -32.27 -21.24 -21.87
N THR B 307 -31.76 -22.11 -22.74
CA THR B 307 -31.18 -23.41 -22.30
C THR B 307 -29.84 -23.22 -21.61
N LEU B 308 -28.93 -22.40 -22.16
CA LEU B 308 -27.55 -22.26 -21.62
C LEU B 308 -27.52 -21.21 -20.50
N GLY B 309 -28.49 -20.28 -20.54
CA GLY B 309 -28.57 -19.10 -19.66
C GLY B 309 -27.41 -18.13 -19.83
N CYS B 310 -26.74 -18.15 -20.97
CA CYS B 310 -25.85 -17.04 -21.42
C CYS B 310 -26.70 -16.01 -22.15
N PRO B 311 -26.24 -14.74 -22.32
CA PRO B 311 -27.00 -13.75 -23.07
C PRO B 311 -26.93 -14.03 -24.58
N LEU B 312 -28.00 -13.63 -25.24
CA LEU B 312 -28.09 -13.46 -26.71
C LEU B 312 -27.76 -11.98 -27.04
N VAL B 313 -26.60 -11.77 -27.70
CA VAL B 313 -26.12 -10.45 -28.16
C VAL B 313 -26.57 -10.26 -29.60
N VAL B 314 -27.38 -9.24 -29.80
CA VAL B 314 -27.89 -8.81 -31.13
C VAL B 314 -27.04 -7.68 -31.65
N ASP B 315 -26.21 -8.00 -32.65
CA ASP B 315 -25.28 -7.04 -33.33
C ASP B 315 -26.10 -6.27 -34.37
N GLU B 316 -26.46 -5.04 -34.06
CA GLU B 316 -27.18 -4.14 -35.00
C GLU B 316 -26.26 -2.99 -35.37
N VAL B 317 -24.96 -3.28 -35.37
CA VAL B 317 -23.93 -2.34 -35.88
C VAL B 317 -24.29 -1.84 -37.28
N GLN B 318 -24.80 -2.73 -38.14
CA GLN B 318 -25.22 -2.44 -39.54
C GLN B 318 -26.73 -2.32 -39.68
N THR B 319 -27.52 -3.14 -38.98
CA THR B 319 -29.00 -3.26 -39.17
C THR B 319 -29.76 -2.17 -38.42
N GLY B 320 -29.17 -1.57 -37.40
CA GLY B 320 -29.79 -0.51 -36.59
C GLY B 320 -29.90 0.85 -37.28
N ILE B 321 -30.62 1.74 -36.59
CA ILE B 321 -30.79 3.19 -36.89
C ILE B 321 -31.45 3.27 -38.27
N GLY B 322 -32.45 2.38 -38.48
CA GLY B 322 -33.55 2.55 -39.43
C GLY B 322 -33.35 1.81 -40.74
N ARG B 323 -32.15 1.26 -40.93
CA ARG B 323 -31.70 0.64 -42.20
C ARG B 323 -32.77 -0.34 -42.71
N THR B 324 -33.36 -1.17 -41.83
CA THR B 324 -34.25 -2.26 -42.23
C THR B 324 -35.70 -1.77 -42.30
N GLY B 325 -35.96 -0.48 -42.01
CA GLY B 325 -37.32 0.08 -42.05
C GLY B 325 -37.99 0.02 -40.70
N ALA B 326 -37.24 -0.41 -39.67
CA ALA B 326 -37.51 -0.15 -38.24
C ALA B 326 -36.19 0.32 -37.61
N PHE B 327 -36.21 0.95 -36.44
CA PHE B 327 -34.96 1.31 -35.74
C PHE B 327 -34.15 0.05 -35.48
N PHE B 328 -34.76 -0.95 -34.83
CA PHE B 328 -34.09 -2.24 -34.59
C PHE B 328 -34.62 -3.26 -35.61
N GLY B 329 -33.70 -3.88 -36.35
CA GLY B 329 -33.99 -5.05 -37.20
C GLY B 329 -34.34 -6.27 -36.38
N SER B 330 -33.83 -6.38 -35.15
CA SER B 330 -34.20 -7.46 -34.20
C SER B 330 -35.72 -7.40 -33.91
N ALA B 331 -36.27 -6.17 -33.81
CA ALA B 331 -37.66 -5.86 -33.47
C ALA B 331 -38.53 -6.26 -34.65
N LEU B 332 -38.07 -5.96 -35.86
CA LEU B 332 -38.73 -6.27 -37.15
C LEU B 332 -38.84 -7.80 -37.29
N LEU B 333 -37.81 -8.56 -36.93
CA LEU B 333 -37.68 -10.01 -37.26
C LEU B 333 -37.90 -10.89 -36.02
N GLY B 334 -38.35 -10.32 -34.91
CA GLY B 334 -38.68 -11.03 -33.66
C GLY B 334 -37.48 -11.69 -32.99
N ILE B 335 -36.29 -11.07 -33.02
CA ILE B 335 -35.13 -11.62 -32.26
C ILE B 335 -35.13 -10.94 -30.88
N ARG B 336 -35.26 -11.71 -29.82
CA ARG B 336 -35.39 -11.19 -28.43
C ARG B 336 -34.02 -11.31 -27.78
N GLY B 337 -33.18 -10.31 -27.97
CA GLY B 337 -31.82 -10.27 -27.43
C GLY B 337 -31.79 -9.83 -25.98
N ASP B 338 -30.73 -10.17 -25.27
CA ASP B 338 -30.41 -9.68 -23.91
C ASP B 338 -29.60 -8.39 -24.01
N TYR B 339 -28.59 -8.34 -24.90
CA TYR B 339 -27.71 -7.18 -25.19
C TYR B 339 -27.88 -6.81 -26.66
N TYR B 340 -27.73 -5.54 -26.97
CA TYR B 340 -27.83 -4.98 -28.33
C TYR B 340 -26.59 -4.11 -28.63
N THR B 341 -26.11 -4.04 -29.85
CA THR B 341 -24.99 -3.14 -30.16
C THR B 341 -25.35 -2.30 -31.38
N LEU B 342 -24.97 -1.03 -31.33
CA LEU B 342 -25.15 -0.04 -32.42
C LEU B 342 -23.80 0.66 -32.71
N ALA B 343 -23.54 0.99 -33.96
CA ALA B 343 -22.45 1.88 -34.37
C ALA B 343 -22.86 2.62 -35.67
N LYS B 344 -22.32 2.18 -36.80
CA LYS B 344 -22.36 2.82 -38.13
C LYS B 344 -23.09 4.18 -38.13
N ALA B 345 -24.41 4.22 -38.30
CA ALA B 345 -25.14 5.46 -38.68
C ALA B 345 -25.21 6.46 -37.51
N ILE B 346 -24.89 6.02 -36.30
CA ILE B 346 -25.09 6.84 -35.06
C ILE B 346 -24.07 7.94 -35.01
N GLY B 347 -22.98 7.85 -35.77
CA GLY B 347 -21.97 8.93 -35.93
C GLY B 347 -22.36 10.00 -36.97
N GLY B 348 -23.53 9.90 -37.60
CA GLY B 348 -24.04 10.88 -38.59
C GLY B 348 -23.19 10.93 -39.87
N GLY B 349 -22.33 9.92 -40.08
CA GLY B 349 -21.48 9.84 -41.28
C GLY B 349 -20.21 10.70 -41.16
N ILE B 350 -19.96 11.28 -39.99
CA ILE B 350 -18.86 12.24 -39.75
C ILE B 350 -18.05 11.84 -38.50
N VAL B 351 -18.65 11.31 -37.44
CA VAL B 351 -17.85 10.99 -36.19
C VAL B 351 -17.98 9.49 -35.85
N LYS B 352 -17.32 9.05 -34.78
CA LYS B 352 -17.22 7.61 -34.43
C LYS B 352 -17.80 7.40 -33.05
N ASN B 353 -18.80 6.55 -32.97
CA ASN B 353 -19.62 6.30 -31.76
C ASN B 353 -20.17 4.89 -31.82
N SER B 354 -20.28 4.23 -30.69
CA SER B 354 -20.95 2.92 -30.63
C SER B 354 -21.55 2.75 -29.23
N VAL B 355 -22.51 1.84 -29.11
CA VAL B 355 -23.17 1.60 -27.80
C VAL B 355 -23.56 0.12 -27.65
N ALA B 356 -23.38 -0.39 -26.46
CA ALA B 356 -23.84 -1.72 -26.04
C ALA B 356 -25.00 -1.46 -25.06
N LEU B 357 -26.18 -2.02 -25.34
CA LEU B 357 -27.36 -1.97 -24.43
C LEU B 357 -27.47 -3.33 -23.76
N ILE B 358 -27.35 -3.35 -22.43
CA ILE B 358 -27.35 -4.59 -21.60
C ILE B 358 -28.59 -4.54 -20.68
N ARG B 359 -29.44 -5.57 -20.70
CA ARG B 359 -30.74 -5.49 -19.98
C ARG B 359 -30.38 -5.26 -18.49
N GLN B 360 -31.08 -4.33 -17.83
CA GLN B 360 -30.74 -3.87 -16.48
C GLN B 360 -30.87 -5.00 -15.47
N ASP B 361 -31.73 -5.98 -15.68
CA ASP B 361 -31.89 -7.15 -14.76
C ASP B 361 -30.63 -8.03 -14.82
N ARG B 362 -29.84 -7.97 -15.90
CA ARG B 362 -28.61 -8.81 -16.04
C ARG B 362 -27.34 -7.97 -15.77
N PHE B 363 -27.42 -6.64 -15.84
CA PHE B 363 -26.28 -5.70 -15.89
C PHE B 363 -25.57 -5.71 -14.54
N LEU B 364 -24.27 -5.96 -14.53
CA LEU B 364 -23.44 -6.10 -13.32
C LEU B 364 -22.76 -4.76 -13.10
N PRO B 365 -23.06 -4.05 -11.98
CA PRO B 365 -22.73 -2.62 -11.89
C PRO B 365 -21.22 -2.37 -11.88
N ALA B 366 -20.41 -3.42 -11.59
CA ALA B 366 -18.94 -3.35 -11.67
C ALA B 366 -18.48 -2.82 -13.03
N MET B 367 -19.19 -3.21 -14.11
CA MET B 367 -18.88 -2.91 -15.53
C MET B 367 -18.82 -1.39 -15.71
N GLU B 368 -19.65 -0.63 -15.00
CA GLU B 368 -19.74 0.85 -15.13
C GLU B 368 -18.43 1.50 -14.66
N VAL B 369 -17.67 0.80 -13.80
CA VAL B 369 -16.42 1.40 -13.23
C VAL B 369 -15.19 0.55 -13.57
N ILE B 370 -15.27 -0.72 -13.98
CA ILE B 370 -14.03 -1.45 -14.38
C ILE B 370 -13.78 -1.30 -15.88
N HIS B 371 -14.81 -1.04 -16.69
CA HIS B 371 -14.62 -0.80 -18.13
C HIS B 371 -14.61 0.72 -18.37
N SER B 372 -13.75 1.18 -19.29
CA SER B 372 -13.62 2.60 -19.70
C SER B 372 -12.78 2.69 -20.98
N SER B 373 -12.78 3.87 -21.58
CA SER B 373 -12.09 4.18 -22.82
C SER B 373 -11.90 5.69 -22.85
N THR B 374 -10.77 6.18 -23.37
CA THR B 374 -10.42 7.62 -23.43
C THR B 374 -11.51 8.39 -24.18
N PHE B 375 -11.80 7.93 -25.40
CA PHE B 375 -12.61 8.61 -26.43
C PHE B 375 -14.10 8.29 -26.25
N ALA B 376 -14.45 7.19 -25.58
CA ALA B 376 -15.86 6.74 -25.42
C ALA B 376 -16.66 7.86 -24.78
N LYS B 377 -17.85 8.11 -25.26
CA LYS B 377 -18.81 8.99 -24.55
C LYS B 377 -18.34 10.46 -24.64
N ASP B 378 -17.49 10.77 -25.58
CA ASP B 378 -17.00 12.14 -25.82
C ASP B 378 -18.21 13.04 -26.08
N GLY B 379 -18.09 14.33 -25.75
CA GLY B 379 -19.12 15.35 -25.94
C GLY B 379 -19.56 15.47 -27.39
N LEU B 380 -18.64 15.44 -28.35
CA LEU B 380 -18.98 15.75 -29.76
C LEU B 380 -19.84 14.64 -30.37
N SER B 381 -19.44 13.37 -30.25
CA SER B 381 -20.19 12.23 -30.81
C SER B 381 -21.50 12.04 -30.02
N ALA B 382 -21.53 12.39 -28.74
CA ALA B 382 -22.77 12.39 -27.91
C ALA B 382 -23.80 13.36 -28.47
N SER B 383 -23.41 14.61 -28.78
CA SER B 383 -24.33 15.62 -29.36
C SER B 383 -24.84 15.12 -30.72
N ILE B 384 -23.95 14.60 -31.56
CA ILE B 384 -24.31 14.12 -32.91
C ILE B 384 -25.24 12.90 -32.82
N ALA B 385 -25.00 11.95 -31.90
CA ALA B 385 -25.93 10.81 -31.63
C ALA B 385 -27.34 11.32 -31.33
N LEU B 386 -27.48 12.31 -30.42
CA LEU B 386 -28.81 12.86 -30.04
C LEU B 386 -29.47 13.45 -31.29
N LYS B 387 -28.70 14.07 -32.18
CA LYS B 387 -29.20 14.65 -33.45
C LYS B 387 -29.65 13.53 -34.39
N VAL B 388 -28.79 12.54 -34.58
CA VAL B 388 -29.14 11.37 -35.45
C VAL B 388 -30.45 10.75 -34.93
N LEU B 389 -30.60 10.58 -33.61
CA LEU B 389 -31.82 9.94 -33.03
C LEU B 389 -33.00 10.86 -33.24
N GLU B 390 -32.82 12.17 -33.10
CA GLU B 390 -33.92 13.12 -33.36
C GLU B 390 -34.37 12.95 -34.82
N MET B 391 -33.44 12.86 -35.78
CA MET B 391 -33.76 12.86 -37.25
C MET B 391 -34.51 11.58 -37.65
N VAL B 392 -34.11 10.43 -37.15
CA VAL B 392 -34.67 9.12 -37.55
C VAL B 392 -36.06 8.96 -36.87
N GLU B 393 -36.28 9.59 -35.73
CA GLU B 393 -37.56 9.58 -34.97
C GLU B 393 -38.54 10.66 -35.44
N ALA B 394 -38.10 11.66 -36.20
CA ALA B 394 -38.90 12.87 -36.51
C ALA B 394 -40.19 12.49 -37.24
N ASP B 395 -41.20 13.36 -37.09
CA ASP B 395 -42.45 13.39 -37.90
C ASP B 395 -43.14 12.03 -37.77
N GLY B 396 -43.23 11.54 -36.52
CA GLY B 396 -44.09 10.43 -36.10
C GLY B 396 -43.62 9.08 -36.61
N GLY B 397 -42.34 8.97 -36.98
CA GLY B 397 -41.74 7.72 -37.51
C GLY B 397 -41.88 7.60 -39.02
N ARG B 398 -42.06 8.71 -39.73
CA ARG B 398 -42.21 8.72 -41.19
C ARG B 398 -40.85 8.38 -41.84
N VAL B 399 -39.73 8.55 -41.14
CA VAL B 399 -38.41 8.22 -41.76
C VAL B 399 -38.32 6.71 -41.97
N TYR B 400 -38.87 5.91 -41.07
CA TYR B 400 -38.90 4.43 -41.20
C TYR B 400 -39.74 4.11 -42.45
N GLN B 401 -40.89 4.75 -42.58
CA GLN B 401 -41.80 4.65 -43.77
C GLN B 401 -41.00 4.92 -45.04
N ARG B 402 -40.24 6.01 -45.11
CA ARG B 402 -39.44 6.33 -46.31
C ARG B 402 -38.39 5.22 -46.56
N VAL B 403 -37.64 4.77 -45.56
CA VAL B 403 -36.70 3.63 -45.75
C VAL B 403 -37.44 2.44 -46.39
N ARG B 404 -38.64 2.13 -45.91
CA ARG B 404 -39.40 0.92 -46.30
C ARG B 404 -39.80 1.07 -47.77
N GLU B 405 -40.31 2.25 -48.17
CA GLU B 405 -40.80 2.54 -49.56
C GLU B 405 -39.60 2.63 -50.51
N ARG B 406 -38.50 3.31 -50.15
CA ARG B 406 -37.24 3.30 -50.96
C ARG B 406 -36.71 1.86 -51.06
N GLY B 407 -36.62 1.17 -49.92
CA GLY B 407 -36.21 -0.25 -49.87
C GLY B 407 -37.02 -1.11 -50.85
N GLN B 408 -38.35 -0.97 -50.86
CA GLN B 408 -39.29 -1.75 -51.73
C GLN B 408 -38.98 -1.42 -53.20
N ARG B 409 -38.94 -0.13 -53.55
CA ARG B 409 -38.62 0.33 -54.91
C ARG B 409 -37.30 -0.31 -55.35
N LEU B 410 -36.29 -0.37 -54.50
CA LEU B 410 -34.92 -0.79 -54.90
C LEU B 410 -34.86 -2.32 -54.96
N GLU B 411 -35.55 -3.01 -54.05
CA GLU B 411 -35.65 -4.49 -54.07
C GLU B 411 -36.37 -4.92 -55.36
N ALA B 412 -37.43 -4.20 -55.74
CA ALA B 412 -38.26 -4.50 -56.95
C ALA B 412 -37.37 -4.41 -58.17
N MET B 413 -36.61 -3.32 -58.27
CA MET B 413 -35.63 -3.16 -59.36
C MET B 413 -34.67 -4.35 -59.34
N LEU B 414 -34.18 -4.74 -58.18
CA LEU B 414 -33.13 -5.81 -58.14
C LEU B 414 -33.75 -7.14 -58.58
N GLU B 415 -35.02 -7.37 -58.25
CA GLU B 415 -35.78 -8.60 -58.61
C GLU B 415 -36.11 -8.60 -60.12
N SER B 416 -36.54 -7.44 -60.63
CA SER B 416 -36.74 -7.20 -62.08
C SER B 416 -35.47 -7.57 -62.81
N VAL B 417 -34.31 -7.17 -62.28
CA VAL B 417 -33.01 -7.45 -62.94
C VAL B 417 -32.71 -8.96 -62.80
N ARG B 418 -32.88 -9.55 -61.62
CA ARG B 418 -32.59 -11.00 -61.43
C ARG B 418 -33.40 -11.81 -62.44
N ALA B 419 -34.71 -11.54 -62.54
CA ALA B 419 -35.70 -12.29 -63.36
C ALA B 419 -35.24 -12.41 -64.82
N ASP B 420 -34.58 -11.36 -65.36
CA ASP B 420 -34.10 -11.29 -66.76
C ASP B 420 -32.63 -11.73 -66.85
N HIS B 421 -31.91 -11.93 -65.73
CA HIS B 421 -30.49 -12.33 -65.72
C HIS B 421 -30.23 -13.45 -64.71
N SER B 422 -31.19 -14.39 -64.57
CA SER B 422 -31.15 -15.53 -63.61
C SER B 422 -30.01 -16.50 -63.95
N ASP B 423 -29.38 -16.33 -65.12
CA ASP B 423 -28.19 -17.14 -65.51
C ASP B 423 -26.97 -16.71 -64.70
N VAL B 424 -26.86 -15.44 -64.30
CA VAL B 424 -25.68 -14.93 -63.52
C VAL B 424 -26.07 -14.44 -62.11
N VAL B 425 -27.37 -14.27 -61.80
CA VAL B 425 -27.89 -13.83 -60.48
C VAL B 425 -28.71 -14.99 -59.87
N SER B 426 -28.34 -15.51 -58.68
CA SER B 426 -29.07 -16.59 -57.96
C SER B 426 -30.21 -16.04 -57.09
N ALA B 427 -30.03 -14.92 -56.41
CA ALA B 427 -31.01 -14.42 -55.41
C ALA B 427 -30.88 -12.90 -55.18
N VAL B 428 -31.96 -12.29 -54.73
CA VAL B 428 -31.96 -10.99 -54.00
C VAL B 428 -32.16 -11.31 -52.53
N TRP B 429 -31.29 -10.77 -51.67
CA TRP B 429 -31.33 -10.93 -50.19
C TRP B 429 -31.44 -9.57 -49.49
N GLY B 430 -31.98 -9.59 -48.27
CA GLY B 430 -31.96 -8.47 -47.31
C GLY B 430 -33.33 -7.88 -47.10
N THR B 431 -33.41 -6.72 -46.46
CA THR B 431 -34.68 -6.01 -46.20
C THR B 431 -34.42 -4.51 -46.06
N GLY B 432 -35.47 -3.71 -46.11
CA GLY B 432 -35.39 -2.24 -46.11
C GLY B 432 -34.34 -1.78 -47.10
N LEU B 433 -33.34 -0.99 -46.65
CA LEU B 433 -32.27 -0.51 -47.57
C LEU B 433 -30.96 -1.24 -47.31
N MET B 434 -31.04 -2.52 -46.95
CA MET B 434 -29.84 -3.39 -46.75
C MET B 434 -30.02 -4.62 -47.60
N LEU B 435 -29.63 -4.52 -48.87
CA LEU B 435 -29.94 -5.49 -49.96
C LEU B 435 -28.64 -5.94 -50.63
N ALA B 436 -28.73 -7.03 -51.39
CA ALA B 436 -27.61 -7.63 -52.12
C ALA B 436 -28.15 -8.52 -53.26
N LEU B 437 -27.41 -8.64 -54.37
CA LEU B 437 -27.59 -9.68 -55.40
C LEU B 437 -26.60 -10.79 -55.12
N GLU B 438 -27.04 -12.04 -55.05
CA GLU B 438 -26.10 -13.20 -55.08
C GLU B 438 -25.75 -13.47 -56.54
N LEU B 439 -24.44 -13.51 -56.84
CA LEU B 439 -23.85 -13.86 -58.15
C LEU B 439 -23.65 -15.39 -58.22
N ARG B 440 -24.04 -16.01 -59.33
CA ARG B 440 -23.80 -17.46 -59.56
C ARG B 440 -22.28 -17.65 -59.68
N ASP B 441 -21.80 -18.81 -59.25
CA ASP B 441 -20.37 -19.18 -59.34
C ASP B 441 -19.92 -19.00 -60.79
N GLN B 442 -18.74 -18.42 -61.00
CA GLN B 442 -18.16 -18.17 -62.34
C GLN B 442 -16.81 -18.90 -62.42
N SER B 443 -16.58 -19.92 -61.59
CA SER B 443 -15.28 -20.65 -61.59
C SER B 443 -15.17 -21.56 -62.81
N ASN B 444 -16.27 -21.77 -63.55
CA ASN B 444 -16.34 -22.61 -64.77
C ASN B 444 -16.60 -21.74 -66.00
N ALA B 445 -16.25 -20.45 -65.94
CA ALA B 445 -16.58 -19.45 -66.97
C ALA B 445 -15.77 -19.74 -68.23
N THR B 446 -16.32 -19.43 -69.40
CA THR B 446 -15.63 -19.52 -70.72
C THR B 446 -14.35 -18.69 -70.64
N SER B 447 -14.50 -17.36 -70.56
CA SER B 447 -13.40 -16.38 -70.45
C SER B 447 -12.46 -16.78 -69.31
N GLN B 448 -11.21 -17.11 -69.65
CA GLN B 448 -10.09 -17.33 -68.68
C GLN B 448 -9.99 -16.17 -67.69
N ALA B 449 -10.12 -14.93 -68.17
CA ALA B 449 -9.93 -13.69 -67.37
C ALA B 449 -10.93 -13.69 -66.20
N ILE B 450 -12.21 -13.86 -66.52
CA ILE B 450 -13.32 -13.97 -65.52
C ILE B 450 -13.04 -15.15 -64.60
N ARG B 451 -12.81 -16.35 -65.17
CA ARG B 451 -12.64 -17.62 -64.40
C ARG B 451 -11.49 -17.48 -63.39
N GLU B 452 -10.37 -16.86 -63.78
CA GLU B 452 -9.19 -16.67 -62.92
C GLU B 452 -9.60 -15.77 -61.74
N LYS B 453 -10.24 -14.64 -62.01
CA LYS B 453 -10.78 -13.70 -60.98
C LYS B 453 -11.75 -14.46 -60.06
N ALA B 454 -12.72 -15.20 -60.60
CA ALA B 454 -13.68 -15.97 -59.78
C ALA B 454 -12.91 -16.93 -58.87
N ALA B 455 -11.89 -17.62 -59.36
CA ALA B 455 -11.18 -18.66 -58.59
C ALA B 455 -10.33 -18.01 -57.47
N HIS B 456 -10.03 -16.71 -57.60
CA HIS B 456 -9.26 -15.94 -56.59
C HIS B 456 -10.19 -15.29 -55.55
N GLY B 457 -11.52 -15.38 -55.74
CA GLY B 457 -12.55 -14.79 -54.86
C GLY B 457 -12.81 -13.32 -55.18
N PHE B 458 -12.40 -12.84 -56.36
CA PHE B 458 -12.35 -11.41 -56.72
C PHE B 458 -13.49 -10.98 -57.66
N LEU B 459 -14.33 -11.92 -58.09
CA LEU B 459 -15.32 -11.68 -59.17
C LEU B 459 -16.11 -10.40 -58.87
N GLY B 460 -16.62 -10.27 -57.63
CA GLY B 460 -17.49 -9.14 -57.23
C GLY B 460 -16.79 -7.81 -57.42
N TYR B 461 -15.50 -7.77 -57.09
CA TYR B 461 -14.66 -6.56 -57.17
C TYR B 461 -14.48 -6.17 -58.64
N VAL B 462 -14.23 -7.15 -59.51
CA VAL B 462 -14.09 -6.94 -60.98
C VAL B 462 -15.36 -6.26 -61.50
N LEU B 463 -16.52 -6.81 -61.15
CA LEU B 463 -17.85 -6.37 -61.60
C LEU B 463 -18.14 -4.96 -61.08
N ALA B 464 -17.76 -4.70 -59.81
CA ALA B 464 -17.80 -3.38 -59.15
C ALA B 464 -16.94 -2.42 -59.98
N GLY B 465 -15.73 -2.83 -60.37
CA GLY B 465 -14.89 -2.07 -61.30
C GLY B 465 -15.66 -1.66 -62.55
N PHE B 466 -16.36 -2.62 -63.15
CA PHE B 466 -17.12 -2.35 -64.41
C PHE B 466 -18.14 -1.25 -64.13
N LEU B 467 -18.92 -1.41 -63.07
CA LEU B 467 -19.99 -0.46 -62.74
C LEU B 467 -19.38 0.92 -62.51
N LEU B 468 -18.16 0.98 -61.95
CA LEU B 468 -17.50 2.29 -61.69
C LEU B 468 -17.14 2.97 -63.01
N ARG B 469 -16.33 2.32 -63.83
CA ARG B 469 -15.71 2.95 -65.04
C ARG B 469 -16.77 3.12 -66.15
N GLU B 470 -17.78 2.24 -66.25
CA GLU B 470 -18.70 2.24 -67.42
C GLU B 470 -20.02 2.94 -67.08
N HIS B 471 -20.37 3.11 -65.80
CA HIS B 471 -21.69 3.65 -65.40
C HIS B 471 -21.59 4.63 -64.22
N HIS B 472 -20.40 4.91 -63.70
CA HIS B 472 -20.23 5.90 -62.61
C HIS B 472 -21.13 5.49 -61.42
N ILE B 473 -21.08 4.22 -61.05
CA ILE B 473 -21.81 3.71 -59.86
C ILE B 473 -20.81 2.96 -58.99
N ARG B 474 -20.78 3.35 -57.71
CA ARG B 474 -19.93 2.74 -56.67
C ARG B 474 -20.75 1.65 -55.99
N VAL B 475 -20.29 0.42 -56.16
CA VAL B 475 -20.84 -0.79 -55.51
C VAL B 475 -19.63 -1.51 -54.90
N LEU B 476 -19.78 -2.07 -53.71
CA LEU B 476 -18.74 -2.97 -53.14
C LEU B 476 -19.39 -4.32 -52.94
N PRO B 477 -18.63 -5.40 -53.16
CA PRO B 477 -19.14 -6.75 -52.90
C PRO B 477 -19.25 -7.04 -51.41
N ALA B 478 -20.02 -8.06 -51.07
CA ALA B 478 -20.03 -8.69 -49.72
C ALA B 478 -19.77 -10.20 -49.86
N GLY B 479 -19.65 -10.89 -48.72
CA GLY B 479 -19.63 -12.35 -48.68
C GLY B 479 -18.20 -12.81 -48.85
N PRO B 480 -17.89 -14.10 -48.54
CA PRO B 480 -16.51 -14.54 -48.31
C PRO B 480 -15.64 -14.65 -49.58
N ARG B 481 -16.28 -14.80 -50.76
CA ARG B 481 -15.60 -14.93 -52.06
C ARG B 481 -16.18 -13.82 -52.95
N SER B 482 -16.50 -12.66 -52.36
CA SER B 482 -17.05 -11.48 -53.05
C SER B 482 -18.10 -11.97 -54.06
N GLY B 483 -18.90 -12.95 -53.62
CA GLY B 483 -20.00 -13.59 -54.36
C GLY B 483 -21.31 -12.83 -54.25
N PHE B 484 -21.32 -11.63 -53.63
CA PHE B 484 -22.53 -10.78 -53.54
C PHE B 484 -22.18 -9.32 -53.87
N LEU B 485 -23.12 -8.58 -54.44
CA LEU B 485 -23.07 -7.12 -54.69
C LEU B 485 -24.02 -6.48 -53.69
N ARG B 486 -23.48 -5.58 -52.87
CA ARG B 486 -24.18 -4.87 -51.79
C ARG B 486 -24.89 -3.65 -52.39
N PHE B 487 -26.10 -3.35 -51.93
CA PHE B 487 -26.83 -2.10 -52.24
C PHE B 487 -27.40 -1.57 -50.93
N SER B 488 -26.76 -0.55 -50.35
CA SER B 488 -27.19 0.01 -49.05
C SER B 488 -27.09 1.52 -49.12
N PRO B 489 -27.81 2.19 -50.05
CA PRO B 489 -27.74 3.65 -50.14
C PRO B 489 -28.54 4.41 -49.08
N SER B 490 -28.51 5.72 -49.18
CA SER B 490 -29.22 6.64 -48.27
C SER B 490 -30.73 6.49 -48.54
N LEU B 491 -31.57 6.85 -47.58
CA LEU B 491 -33.03 6.96 -47.79
C LEU B 491 -33.35 8.08 -48.81
N TYR B 492 -32.38 8.88 -49.28
CA TYR B 492 -32.64 9.91 -50.33
C TYR B 492 -32.40 9.39 -51.76
N ILE B 493 -32.06 8.11 -51.93
CA ILE B 493 -31.89 7.49 -53.27
C ILE B 493 -33.11 7.84 -54.12
N THR B 494 -32.95 8.49 -55.28
CA THR B 494 -34.07 8.88 -56.18
C THR B 494 -34.44 7.76 -57.16
N ASP B 495 -35.65 7.83 -57.72
CA ASP B 495 -36.18 6.90 -58.76
C ASP B 495 -35.24 6.91 -59.96
N GLU B 496 -34.73 8.08 -60.34
CA GLU B 496 -33.74 8.27 -61.42
C GLU B 496 -32.46 7.45 -61.14
N GLU B 497 -31.90 7.57 -59.92
CA GLU B 497 -30.63 6.91 -59.49
C GLU B 497 -30.84 5.38 -59.51
N ILE B 498 -32.03 4.93 -59.13
CA ILE B 498 -32.42 3.50 -59.17
C ILE B 498 -32.53 3.02 -60.61
N ASP B 499 -33.05 3.86 -61.53
CA ASP B 499 -33.13 3.55 -62.99
C ASP B 499 -31.72 3.46 -63.56
N ARG B 500 -30.85 4.39 -63.21
CA ARG B 500 -29.44 4.39 -63.69
C ARG B 500 -28.74 3.12 -63.19
N THR B 501 -29.10 2.62 -62.01
CA THR B 501 -28.50 1.41 -61.39
C THR B 501 -29.01 0.19 -62.16
N GLU B 502 -30.31 0.15 -62.41
CA GLU B 502 -30.96 -0.90 -63.25
C GLU B 502 -30.22 -0.96 -64.60
N THR B 503 -30.12 0.16 -65.32
CA THR B 503 -29.42 0.26 -66.63
C THR B 503 -28.02 -0.36 -66.46
N ALA B 504 -27.27 0.11 -65.45
CA ALA B 504 -25.87 -0.29 -65.19
C ALA B 504 -25.78 -1.81 -65.00
N LEU B 505 -26.75 -2.42 -64.30
CA LEU B 505 -26.74 -3.85 -63.93
C LEU B 505 -27.13 -4.73 -65.14
N ARG B 506 -28.10 -4.31 -65.93
CA ARG B 506 -28.46 -5.01 -67.20
C ARG B 506 -27.20 -5.05 -68.07
N SER B 507 -26.54 -3.90 -68.28
CA SER B 507 -25.23 -3.82 -69.01
C SER B 507 -24.22 -4.82 -68.43
N LEU B 508 -24.01 -4.80 -67.12
CA LEU B 508 -23.02 -5.68 -66.45
C LEU B 508 -23.39 -7.16 -66.65
N PHE B 509 -24.62 -7.53 -66.36
CA PHE B 509 -25.06 -8.95 -66.40
C PHE B 509 -25.20 -9.44 -67.85
N THR B 510 -25.37 -8.54 -68.83
CA THR B 510 -25.36 -8.85 -70.29
C THR B 510 -23.92 -9.15 -70.74
N ALA B 511 -22.94 -8.33 -70.33
CA ALA B 511 -21.51 -8.60 -70.59
C ALA B 511 -21.10 -9.91 -69.90
N LEU B 512 -21.63 -10.24 -68.71
CA LEU B 512 -21.17 -11.44 -67.95
C LEU B 512 -21.74 -12.69 -68.63
N ARG B 513 -23.01 -12.62 -69.04
CA ARG B 513 -23.68 -13.63 -69.92
C ARG B 513 -22.80 -13.92 -71.14
N ASP B 514 -22.35 -12.86 -71.84
CA ASP B 514 -21.51 -12.90 -73.07
C ASP B 514 -20.06 -13.29 -72.77
N GLN B 515 -19.68 -13.41 -71.49
CA GLN B 515 -18.32 -13.83 -71.06
C GLN B 515 -17.26 -12.91 -71.67
N ASP B 516 -17.58 -11.61 -71.72
CA ASP B 516 -16.74 -10.55 -72.33
C ASP B 516 -15.65 -10.13 -71.33
N GLY B 517 -14.71 -11.04 -71.08
CA GLY B 517 -13.54 -10.86 -70.18
C GLY B 517 -12.70 -9.63 -70.49
N ASP B 518 -12.66 -9.18 -71.74
CA ASP B 518 -11.81 -8.02 -72.15
C ASP B 518 -12.47 -6.73 -71.69
N ARG B 519 -13.79 -6.75 -71.54
CA ARG B 519 -14.57 -5.57 -71.13
C ARG B 519 -14.62 -5.51 -69.60
N LEU B 520 -14.57 -6.66 -68.92
CA LEU B 520 -14.83 -6.79 -67.46
C LEU B 520 -13.53 -6.73 -66.66
N VAL B 521 -12.48 -7.39 -67.15
CA VAL B 521 -11.17 -7.51 -66.46
C VAL B 521 -10.13 -6.68 -67.20
N LEU B 522 -9.39 -5.79 -66.51
CA LEU B 522 -8.30 -4.98 -67.12
C LEU B 522 -7.06 -5.86 -67.31
N GLY C 6 -19.26 -14.52 28.12
CA GLY C 6 -19.38 -13.21 28.85
C GLY C 6 -18.78 -13.27 30.26
N GLU C 7 -17.82 -14.15 30.52
CA GLU C 7 -17.27 -14.29 31.89
C GLU C 7 -16.26 -13.16 32.14
N PRO C 8 -15.98 -12.86 33.43
CA PRO C 8 -14.98 -11.84 33.77
C PRO C 8 -13.61 -12.14 33.13
N VAL C 9 -13.03 -11.12 32.51
CA VAL C 9 -11.66 -11.17 31.90
C VAL C 9 -10.83 -10.01 32.48
N TYR C 10 -9.57 -10.26 32.78
CA TYR C 10 -8.72 -9.34 33.58
C TYR C 10 -7.43 -8.95 32.83
N ALA C 11 -7.16 -9.54 31.65
CA ALA C 11 -6.13 -9.11 30.68
C ALA C 11 -6.44 -9.69 29.29
N ASP C 12 -6.04 -9.00 28.22
CA ASP C 12 -5.67 -9.64 26.94
C ASP C 12 -6.90 -10.04 26.13
N ALA C 13 -8.09 -9.58 26.50
CA ALA C 13 -9.32 -10.02 25.78
C ALA C 13 -9.28 -9.50 24.36
N VAL C 14 -8.98 -8.23 24.16
CA VAL C 14 -8.97 -7.67 22.79
C VAL C 14 -7.85 -8.35 22.00
N LEU C 15 -6.67 -8.46 22.62
CA LEU C 15 -5.47 -9.05 21.98
C LEU C 15 -5.77 -10.50 21.58
N ASN C 16 -6.39 -11.31 22.47
CA ASN C 16 -6.64 -12.75 22.18
C ASN C 16 -7.74 -12.87 21.11
N GLY C 17 -8.77 -12.03 21.17
CA GLY C 17 -9.84 -11.98 20.15
C GLY C 17 -9.22 -11.77 18.79
N TRP C 18 -8.36 -10.78 18.70
CA TRP C 18 -7.67 -10.46 17.42
C TRP C 18 -6.76 -11.64 17.00
N LEU C 19 -5.92 -12.20 17.88
CA LEU C 19 -5.04 -13.33 17.49
C LEU C 19 -5.90 -14.52 17.00
N THR C 20 -7.01 -14.82 17.68
CA THR C 20 -7.92 -15.93 17.28
C THR C 20 -8.39 -15.71 15.83
N SER C 21 -8.79 -14.49 15.46
CA SER C 21 -9.39 -14.23 14.14
C SER C 21 -8.32 -14.32 13.05
N MET C 22 -7.06 -14.03 13.37
CA MET C 22 -5.92 -14.14 12.42
C MET C 22 -5.51 -15.60 12.26
N GLY C 23 -6.05 -16.52 13.07
CA GLY C 23 -5.64 -17.94 13.13
C GLY C 23 -4.35 -18.13 13.91
N LEU C 24 -4.05 -17.22 14.85
CA LEU C 24 -2.82 -17.28 15.70
C LEU C 24 -3.19 -17.48 17.17
N GLY C 25 -4.47 -17.73 17.43
CA GLY C 25 -4.96 -18.08 18.78
C GLY C 25 -4.47 -19.44 19.21
N VAL C 26 -3.21 -19.56 19.67
CA VAL C 26 -2.66 -20.82 20.24
C VAL C 26 -1.87 -20.50 21.52
N GLU C 27 -1.73 -21.48 22.42
CA GLU C 27 -0.90 -21.39 23.66
C GLU C 27 0.24 -22.39 23.54
N TYR C 28 1.48 -21.87 23.58
CA TYR C 28 2.72 -22.68 23.56
C TYR C 28 3.00 -23.04 25.03
N VAL C 29 3.18 -24.34 25.34
CA VAL C 29 3.29 -24.83 26.73
C VAL C 29 4.73 -25.18 27.05
N ARG C 30 5.55 -25.38 26.03
CA ARG C 30 6.97 -25.80 26.20
C ARG C 30 7.73 -25.33 24.97
N ALA C 31 9.02 -25.12 25.13
CA ALA C 31 9.87 -24.64 24.04
C ALA C 31 11.27 -25.20 24.25
N GLU C 32 11.90 -25.59 23.16
CA GLU C 32 13.26 -26.15 23.20
C GLU C 32 13.84 -25.88 21.82
N GLY C 33 15.00 -25.25 21.76
CA GLY C 33 15.67 -25.00 20.47
C GLY C 33 14.82 -24.13 19.58
N ASN C 34 14.51 -24.61 18.37
CA ASN C 34 13.76 -23.84 17.35
C ASN C 34 12.30 -24.26 17.40
N THR C 35 11.91 -24.99 18.43
CA THR C 35 10.54 -25.57 18.50
C THR C 35 9.76 -24.98 19.66
N VAL C 36 8.50 -24.61 19.37
CA VAL C 36 7.49 -24.38 20.43
C VAL C 36 6.45 -25.49 20.29
N TYR C 37 5.87 -25.92 21.41
CA TYR C 37 4.84 -26.99 21.48
C TYR C 37 3.55 -26.35 21.97
N TYR C 38 2.45 -26.60 21.26
CA TYR C 38 1.07 -26.45 21.79
C TYR C 38 0.46 -27.84 22.01
N LEU C 39 -0.65 -27.88 22.74
CA LEU C 39 -1.45 -29.10 23.01
C LEU C 39 -2.61 -29.16 22.01
N ASP C 40 -2.74 -30.29 21.29
CA ASP C 40 -3.90 -30.60 20.39
C ASP C 40 -5.11 -30.95 21.26
N ASP C 41 -6.25 -31.24 20.62
CA ASP C 41 -7.55 -31.51 21.30
C ASP C 41 -7.38 -32.70 22.26
N GLU C 42 -6.52 -33.69 21.92
CA GLU C 42 -6.30 -34.95 22.68
C GLU C 42 -5.25 -34.78 23.79
N GLY C 43 -4.63 -33.61 23.92
CA GLY C 43 -3.65 -33.29 24.98
C GLY C 43 -2.22 -33.64 24.60
N ARG C 44 -1.97 -34.01 23.35
CA ARG C 44 -0.62 -34.35 22.81
C ARG C 44 0.13 -33.05 22.42
N GLU C 45 1.44 -33.03 22.68
CA GLU C 45 2.35 -31.95 22.23
C GLU C 45 2.47 -31.99 20.71
N VAL C 46 2.10 -30.88 20.06
CA VAL C 46 2.35 -30.64 18.60
C VAL C 46 3.57 -29.74 18.45
N PRO C 47 4.68 -30.20 17.82
CA PRO C 47 5.81 -29.33 17.57
C PRO C 47 5.55 -28.30 16.46
N VAL C 48 5.97 -27.05 16.68
CA VAL C 48 5.89 -25.93 15.69
C VAL C 48 7.29 -25.29 15.57
N LEU C 49 7.74 -25.05 14.33
CA LEU C 49 9.05 -24.40 14.05
C LEU C 49 8.92 -22.89 14.25
N ASP C 50 9.74 -22.31 15.15
CA ASP C 50 9.65 -20.88 15.54
C ASP C 50 10.67 -20.08 14.71
N HIS C 51 10.16 -19.27 13.78
CA HIS C 51 10.93 -18.32 12.94
C HIS C 51 10.86 -16.91 13.53
N ALA C 52 10.03 -16.70 14.55
CA ALA C 52 9.88 -15.40 15.23
C ALA C 52 10.98 -15.27 16.29
N CYS C 53 11.05 -16.26 17.21
CA CYS C 53 12.13 -16.39 18.21
C CYS C 53 12.33 -15.08 19.00
N GLY C 54 11.26 -14.62 19.62
CA GLY C 54 11.30 -13.43 20.48
C GLY C 54 11.75 -12.20 19.71
N PHE C 55 11.31 -12.08 18.45
CA PHE C 55 11.68 -10.99 17.51
C PHE C 55 13.21 -10.90 17.45
N GLY C 56 13.87 -12.05 17.45
CA GLY C 56 15.34 -12.15 17.26
C GLY C 56 16.08 -12.13 18.58
N SER C 57 15.40 -12.43 19.67
CA SER C 57 16.02 -12.61 21.01
C SER C 57 16.74 -13.96 21.09
N LEU C 58 16.42 -14.95 20.27
CA LEU C 58 16.85 -16.36 20.58
C LEU C 58 17.90 -16.82 19.56
N ILE C 59 19.02 -16.13 19.46
CA ILE C 59 20.09 -16.55 18.52
C ILE C 59 20.45 -18.02 18.82
N PHE C 60 20.38 -18.45 20.09
CA PHE C 60 20.81 -19.80 20.53
C PHE C 60 19.58 -20.66 20.81
N GLY C 61 18.40 -20.12 20.46
CA GLY C 61 17.14 -20.86 20.57
C GLY C 61 16.50 -20.75 21.94
N HIS C 62 15.33 -21.37 22.07
CA HIS C 62 14.54 -21.44 23.32
C HIS C 62 15.28 -22.33 24.32
N ASN C 63 15.53 -21.82 25.54
CA ASN C 63 15.93 -22.63 26.70
C ASN C 63 17.15 -23.48 26.34
N HIS C 64 18.20 -22.84 25.83
CA HIS C 64 19.47 -23.50 25.48
C HIS C 64 20.04 -24.11 26.75
N PRO C 65 20.34 -25.43 26.74
CA PRO C 65 20.77 -26.14 27.95
C PRO C 65 21.93 -25.46 28.67
N GLU C 66 22.94 -24.96 27.94
CA GLU C 66 24.06 -24.22 28.55
C GLU C 66 23.53 -23.00 29.29
N ILE C 67 22.55 -22.27 28.73
CA ILE C 67 22.07 -21.00 29.36
C ILE C 67 21.26 -21.38 30.59
N ILE C 68 20.42 -22.40 30.49
CA ILE C 68 19.58 -22.87 31.63
C ILE C 68 20.47 -23.33 32.78
N ALA C 69 21.49 -24.13 32.49
CA ALA C 69 22.42 -24.68 33.50
C ALA C 69 23.13 -23.52 34.19
N HIS C 70 23.70 -22.59 33.43
CA HIS C 70 24.35 -21.36 33.99
C HIS C 70 23.35 -20.63 34.90
N ALA C 71 22.15 -20.33 34.42
CA ALA C 71 21.12 -19.65 35.26
C ALA C 71 20.90 -20.46 36.55
N LYS C 72 20.72 -21.77 36.43
CA LYS C 72 20.45 -22.59 37.65
C LYS C 72 21.64 -22.54 38.61
N ALA C 73 22.87 -22.56 38.11
CA ALA C 73 24.10 -22.44 38.93
C ALA C 73 24.16 -21.07 39.62
N ALA C 74 23.88 -19.98 38.90
CA ALA C 74 23.86 -18.62 39.48
C ALA C 74 22.86 -18.57 40.64
N LEU C 75 21.69 -19.16 40.48
CA LEU C 75 20.64 -19.13 41.53
C LEU C 75 21.09 -19.96 42.74
N ASP C 76 21.69 -21.14 42.50
CA ASP C 76 22.15 -22.05 43.59
C ASP C 76 23.34 -21.42 44.32
N ALA C 77 24.11 -20.55 43.66
CA ALA C 77 25.27 -19.86 44.30
C ALA C 77 24.82 -18.72 45.22
N GLY C 78 23.54 -18.35 45.26
CA GLY C 78 23.16 -17.12 45.97
C GLY C 78 23.76 -15.88 45.33
N THR C 79 23.72 -15.82 44.02
CA THR C 79 24.09 -14.57 43.30
C THR C 79 23.41 -13.37 43.98
N VAL C 80 24.13 -12.28 44.13
CA VAL C 80 23.54 -11.05 44.73
C VAL C 80 22.84 -10.36 43.56
N VAL C 81 21.52 -10.53 43.50
CA VAL C 81 20.71 -9.93 42.40
C VAL C 81 20.54 -8.43 42.73
N HIS C 82 20.21 -8.12 43.99
CA HIS C 82 19.95 -6.75 44.51
C HIS C 82 21.10 -6.30 45.41
N ALA C 83 22.09 -5.66 44.81
CA ALA C 83 23.29 -5.07 45.44
C ALA C 83 23.44 -3.61 44.97
N GLN C 84 22.34 -2.87 44.90
CA GLN C 84 22.35 -1.44 44.46
C GLN C 84 23.32 -0.65 45.35
N LEU C 85 24.03 0.30 44.74
CA LEU C 85 25.00 1.20 45.40
C LEU C 85 26.04 0.39 46.17
N SER C 86 26.61 -0.62 45.52
CA SER C 86 27.79 -1.38 46.00
C SER C 86 28.65 -1.70 44.79
N ARG C 87 29.87 -2.19 44.97
CA ARG C 87 30.76 -2.54 43.82
C ARG C 87 30.21 -3.79 43.13
N GLN C 88 29.91 -3.69 41.83
CA GLN C 88 29.45 -4.81 40.96
C GLN C 88 30.41 -4.90 39.77
N PRO C 89 31.58 -5.53 39.95
CA PRO C 89 32.61 -5.60 38.91
C PRO C 89 32.17 -6.25 37.60
N ARG C 90 31.06 -6.98 37.61
CA ARG C 90 30.60 -7.72 36.41
C ARG C 90 30.15 -6.71 35.36
N ALA C 91 29.61 -5.56 35.78
CA ALA C 91 29.25 -4.47 34.82
C ALA C 91 30.49 -4.13 34.00
N ASN C 92 31.60 -3.82 34.67
CA ASN C 92 32.89 -3.47 34.04
C ASN C 92 33.38 -4.60 33.14
N GLN C 93 33.28 -5.85 33.59
CA GLN C 93 33.81 -7.05 32.89
C GLN C 93 33.02 -7.24 31.58
N ILE C 94 31.69 -7.14 31.64
CA ILE C 94 30.83 -7.15 30.43
C ILE C 94 31.25 -6.00 29.49
N SER C 95 31.45 -4.77 29.97
CA SER C 95 31.72 -3.60 29.07
C SER C 95 33.12 -3.83 28.44
N ARG C 96 34.06 -4.34 29.23
CA ARG C 96 35.42 -4.68 28.72
C ARG C 96 35.28 -5.60 27.49
N ILE C 97 34.43 -6.63 27.56
CA ILE C 97 34.36 -7.67 26.50
C ILE C 97 33.74 -7.03 25.26
N LEU C 98 32.64 -6.30 25.40
CA LEU C 98 31.98 -5.65 24.24
C LEU C 98 32.95 -4.68 23.56
N ASN C 99 33.71 -3.93 24.37
CA ASN C 99 34.78 -2.99 23.98
C ASN C 99 35.80 -3.72 23.06
N ASP C 100 36.32 -4.86 23.50
CA ASP C 100 37.33 -5.70 22.81
C ASP C 100 36.72 -6.23 21.52
N ILE C 101 35.45 -6.67 21.56
CA ILE C 101 34.73 -7.18 20.37
C ILE C 101 34.59 -6.03 19.36
N MET C 102 34.14 -4.85 19.78
CA MET C 102 33.92 -3.78 18.79
C MET C 102 35.26 -3.34 18.17
N ARG C 103 36.36 -3.30 18.95
CA ARG C 103 37.70 -2.95 18.45
C ARG C 103 38.12 -3.93 17.34
N ARG C 104 37.97 -5.23 17.64
CA ARG C 104 38.32 -6.33 16.71
C ARG C 104 37.54 -6.17 15.40
N GLU C 105 36.26 -5.83 15.47
CA GLU C 105 35.36 -5.90 14.30
C GLU C 105 35.44 -4.60 13.49
N THR C 106 35.77 -3.47 14.09
CA THR C 106 35.80 -2.15 13.38
C THR C 106 37.24 -1.70 13.11
N GLY C 107 38.23 -2.41 13.67
CA GLY C 107 39.62 -1.96 13.69
C GLY C 107 39.83 -0.68 14.49
N ARG C 108 38.80 -0.05 15.08
CA ARG C 108 38.96 1.23 15.81
C ARG C 108 39.22 0.93 17.30
N ASP C 109 40.22 1.59 17.86
CA ASP C 109 40.68 1.42 19.25
C ASP C 109 40.01 2.52 20.05
N ASP C 110 38.68 2.45 20.14
CA ASP C 110 37.81 3.40 20.86
C ASP C 110 37.35 2.73 22.16
N ARG C 111 37.12 3.53 23.20
CA ARG C 111 36.63 3.00 24.49
C ARG C 111 35.20 3.49 24.74
N TYR C 112 34.39 2.61 25.34
CA TYR C 112 32.93 2.84 25.59
C TYR C 112 32.65 2.64 27.07
N ASN C 113 31.94 3.58 27.68
CA ASN C 113 31.28 3.37 28.99
C ASN C 113 29.97 2.62 28.76
N ALA C 114 29.62 1.74 29.68
CA ALA C 114 28.38 0.95 29.70
C ALA C 114 27.47 1.43 30.85
N ILE C 115 26.19 1.59 30.53
CA ILE C 115 25.06 1.84 31.45
C ILE C 115 24.05 0.75 31.14
N PHE C 116 23.68 -0.07 32.12
CA PHE C 116 22.74 -1.19 31.87
C PHE C 116 21.32 -0.71 32.08
N ALA C 117 20.36 -1.40 31.46
CA ALA C 117 18.93 -1.26 31.78
C ALA C 117 18.23 -2.61 31.63
N ASN C 118 16.92 -2.58 31.40
CA ASN C 118 15.99 -3.72 31.56
C ASN C 118 15.32 -4.08 30.22
N SER C 119 15.47 -3.24 29.22
CA SER C 119 14.73 -3.36 27.95
C SER C 119 15.47 -2.52 26.90
N GLY C 120 15.25 -2.82 25.63
CA GLY C 120 15.87 -2.07 24.54
C GLY C 120 15.40 -0.63 24.53
N ALA C 121 14.13 -0.39 24.85
CA ALA C 121 13.62 0.99 24.91
C ALA C 121 14.37 1.72 26.03
N GLU C 122 14.67 1.05 27.13
CA GLU C 122 15.33 1.70 28.29
C GLU C 122 16.76 2.07 27.91
N ALA C 123 17.44 1.23 27.09
CA ALA C 123 18.84 1.50 26.64
C ALA C 123 18.84 2.71 25.68
N ASN C 124 17.90 2.70 24.76
CA ASN C 124 17.66 3.80 23.80
C ASN C 124 17.37 5.08 24.58
N GLU C 125 16.68 5.01 25.70
CA GLU C 125 16.27 6.23 26.45
C GLU C 125 17.43 6.76 27.30
N ILE C 126 18.26 5.86 27.83
CA ILE C 126 19.60 6.23 28.37
C ILE C 126 20.38 7.07 27.33
N CYS C 127 20.35 6.70 26.07
CA CYS C 127 21.11 7.38 24.98
C CYS C 127 20.44 8.73 24.67
N MET C 128 19.12 8.80 24.72
CA MET C 128 18.34 10.04 24.46
C MET C 128 18.71 11.05 25.56
N LYS C 129 18.77 10.58 26.81
CA LYS C 129 19.10 11.39 28.00
C LYS C 129 20.56 11.83 27.88
N HIS C 130 21.47 10.90 27.64
CA HIS C 130 22.90 11.30 27.55
C HIS C 130 23.08 12.29 26.40
N ALA C 131 22.36 12.11 25.30
CA ALA C 131 22.38 13.04 24.15
C ALA C 131 21.96 14.45 24.60
N GLU C 132 20.88 14.50 25.37
CA GLU C 132 20.32 15.76 25.90
C GLU C 132 21.29 16.34 26.91
N LEU C 133 22.07 15.52 27.63
CA LEU C 133 23.10 16.07 28.55
C LEU C 133 24.16 16.79 27.70
N GLU C 134 24.53 16.19 26.56
CA GLU C 134 25.59 16.75 25.67
C GLU C 134 25.05 18.06 25.07
N ARG C 135 23.75 18.14 24.80
CA ARG C 135 23.12 19.33 24.17
C ARG C 135 23.06 20.47 25.20
N GLN C 136 22.83 20.14 26.47
CA GLN C 136 22.84 21.16 27.55
C GLN C 136 24.27 21.68 27.74
N GLU C 137 25.30 20.81 27.73
CA GLU C 137 26.72 21.28 27.70
C GLU C 137 26.92 22.32 26.56
N ARG C 138 26.56 21.96 25.32
CA ARG C 138 26.79 22.79 24.10
C ARG C 138 26.02 24.10 24.30
N ILE C 139 24.81 24.00 24.84
CA ILE C 139 23.93 25.17 25.10
C ILE C 139 24.55 26.08 26.17
N THR C 140 25.00 25.54 27.31
CA THR C 140 25.66 26.38 28.34
C THR C 140 26.80 27.19 27.72
N ALA C 141 27.60 26.55 26.87
CA ALA C 141 28.84 27.13 26.32
C ALA C 141 28.46 28.26 25.37
N LEU C 142 27.49 28.01 24.48
CA LEU C 142 26.99 28.98 23.48
C LEU C 142 26.47 30.23 24.19
N PHE C 143 25.66 30.03 25.22
CA PHE C 143 25.00 31.11 26.00
C PHE C 143 26.07 31.88 26.77
N ALA C 144 27.07 31.20 27.31
CA ALA C 144 28.27 31.82 27.92
C ALA C 144 28.98 32.76 26.92
N GLU C 145 29.13 32.33 25.66
CA GLU C 145 29.83 33.16 24.64
C GLU C 145 28.94 34.35 24.28
N ILE C 146 27.61 34.12 24.22
CA ILE C 146 26.64 35.17 23.79
C ILE C 146 26.68 36.29 24.84
N ASP C 147 26.68 35.94 26.12
CA ASP C 147 26.80 36.93 27.23
C ASP C 147 28.07 37.77 27.01
N ALA C 148 29.22 37.13 26.84
CA ALA C 148 30.52 37.79 26.51
C ALA C 148 30.36 38.74 25.31
N GLU C 149 29.81 38.27 24.18
CA GLU C 149 29.58 39.10 22.97
C GLU C 149 28.64 40.28 23.32
N LEU C 150 27.65 40.07 24.18
CA LEU C 150 26.71 41.14 24.62
C LEU C 150 27.44 42.15 25.52
N ASP C 151 28.23 41.70 26.50
CA ASP C 151 29.11 42.57 27.33
C ASP C 151 29.98 43.47 26.44
N THR C 152 30.66 42.88 25.45
CA THR C 152 31.64 43.54 24.54
C THR C 152 30.91 44.50 23.58
N ALA C 153 29.66 44.22 23.26
CA ALA C 153 28.85 45.06 22.34
C ALA C 153 28.26 46.24 23.13
N ARG C 154 27.97 46.05 24.42
CA ARG C 154 27.38 47.08 25.32
C ARG C 154 28.46 48.06 25.78
N GLU C 155 29.70 47.58 25.95
CA GLU C 155 30.89 48.39 26.29
C GLU C 155 31.20 49.31 25.10
N ALA C 156 31.21 48.75 23.90
CA ALA C 156 31.49 49.45 22.63
C ALA C 156 30.41 50.50 22.38
N LEU C 157 29.15 50.20 22.69
CA LEU C 157 27.99 51.06 22.33
C LEU C 157 27.87 52.19 23.35
N THR C 159 30.30 53.48 25.58
CA THR C 159 31.41 54.46 25.50
C THR C 159 31.33 55.28 24.20
N GLY C 160 30.85 54.68 23.11
CA GLY C 160 30.74 55.36 21.80
C GLY C 160 31.78 54.88 20.80
N THR C 161 32.57 53.87 21.16
CA THR C 161 33.54 53.16 20.26
C THR C 161 32.85 52.71 18.96
N ALA C 162 31.55 52.37 19.01
CA ALA C 162 30.77 51.85 17.85
C ALA C 162 29.30 52.29 17.92
N THR C 163 28.61 52.21 16.78
CA THR C 163 27.18 52.54 16.58
C THR C 163 26.40 51.27 16.23
N LEU C 164 25.15 51.15 16.71
CA LEU C 164 24.24 50.01 16.37
C LEU C 164 23.74 50.20 14.93
N ASP C 165 23.85 49.17 14.08
CA ASP C 165 23.29 49.15 12.70
C ASP C 165 21.81 48.79 12.78
N THR C 166 20.95 49.71 12.34
CA THR C 166 19.47 49.68 12.53
C THR C 166 18.81 48.83 11.42
N ALA C 167 19.55 48.40 10.39
CA ALA C 167 19.09 47.48 9.31
C ALA C 167 18.98 46.02 9.84
N SER C 168 19.64 45.75 10.97
CA SER C 168 19.68 44.43 11.65
C SER C 168 18.62 44.36 12.75
N LEU C 169 17.94 45.48 13.05
CA LEU C 169 16.96 45.59 14.17
C LEU C 169 15.66 44.81 13.90
N PRO C 170 15.25 44.51 12.63
CA PRO C 170 14.14 43.59 12.42
C PRO C 170 14.22 42.38 13.35
N LEU C 171 15.39 41.71 13.43
CA LEU C 171 15.60 40.40 14.12
C LEU C 171 15.03 40.46 15.54
N VAL C 172 15.10 41.61 16.21
CA VAL C 172 14.29 41.91 17.43
C VAL C 172 13.04 42.68 16.97
N ASP C 178 17.45 51.39 21.11
CA ASP C 178 17.91 51.52 22.52
C ASP C 178 18.68 50.25 22.93
N VAL C 179 19.90 50.43 23.45
CA VAL C 179 20.87 49.35 23.80
C VAL C 179 20.19 48.35 24.75
N ASP C 180 19.96 48.75 26.00
CA ASP C 180 19.51 47.85 27.10
C ASP C 180 18.25 47.09 26.68
N GLY C 181 17.36 47.72 25.89
CA GLY C 181 16.10 47.13 25.43
C GLY C 181 16.30 46.05 24.38
N VAL C 182 17.21 46.29 23.42
CA VAL C 182 17.53 45.32 22.34
C VAL C 182 18.15 44.06 22.98
N ILE C 183 18.89 44.23 24.08
CA ILE C 183 19.59 43.12 24.80
C ILE C 183 18.57 42.30 25.58
N ALA C 184 17.63 42.94 26.28
CA ALA C 184 16.51 42.29 26.98
C ALA C 184 15.71 41.46 25.96
N ASP C 185 15.43 42.00 24.77
CA ASP C 185 14.63 41.35 23.69
C ASP C 185 15.36 40.12 23.14
N ILE C 186 16.69 40.17 23.13
CA ILE C 186 17.61 39.06 22.75
C ILE C 186 17.55 37.98 23.83
N HIS C 187 17.69 38.36 25.11
CA HIS C 187 17.62 37.44 26.27
C HIS C 187 16.26 36.74 26.31
N ARG C 188 15.19 37.43 25.88
CA ARG C 188 13.81 36.88 25.90
C ARG C 188 13.68 35.88 24.75
N HIS C 189 14.08 36.28 23.54
CA HIS C 189 14.12 35.38 22.35
C HIS C 189 14.92 34.11 22.68
N ASN C 190 16.10 34.29 23.29
CA ASN C 190 17.10 33.21 23.49
C ASN C 190 16.53 32.21 24.51
N ASP C 191 15.91 32.71 25.58
CA ASP C 191 15.35 31.87 26.68
C ASP C 191 14.18 31.05 26.11
N GLU C 192 13.32 31.70 25.33
CA GLU C 192 12.25 31.03 24.55
C GLU C 192 12.88 29.81 23.85
N ARG C 193 13.88 30.06 22.99
CA ARG C 193 14.55 29.01 22.18
C ARG C 193 15.13 27.90 23.08
N ARG C 194 15.69 28.31 24.21
CA ARG C 194 16.48 27.41 25.07
C ARG C 194 15.55 26.35 25.65
N ALA C 195 14.33 26.74 26.01
CA ALA C 195 13.34 25.85 26.66
C ALA C 195 12.55 25.01 25.66
N GLU C 196 12.69 25.21 24.33
CA GLU C 196 11.94 24.39 23.33
C GLU C 196 12.44 22.95 23.33
N ARG C 197 11.55 22.00 23.12
CA ARG C 197 11.93 20.57 23.04
C ARG C 197 13.00 20.45 21.97
N PRO C 198 13.96 19.50 22.09
CA PRO C 198 14.86 19.16 20.98
C PRO C 198 14.18 18.31 19.90
N LEU C 199 14.88 18.05 18.81
CA LEU C 199 14.43 17.11 17.79
C LEU C 199 15.30 15.85 17.87
N PHE C 200 14.82 14.69 17.44
CA PHE C 200 15.66 13.51 17.16
C PHE C 200 15.51 13.22 15.68
N LEU C 201 16.57 12.71 15.06
CA LEU C 201 16.51 12.28 13.65
C LEU C 201 16.55 10.74 13.65
N THR C 202 15.61 10.15 12.89
CA THR C 202 15.47 8.69 12.71
C THR C 202 15.32 8.47 11.22
N LEU C 203 15.32 7.20 10.80
CA LEU C 203 14.96 6.81 9.41
C LEU C 203 13.46 6.55 9.32
N ASP C 204 12.89 6.62 8.12
CA ASP C 204 11.50 6.18 7.87
C ASP C 204 11.41 4.69 8.25
N GLY C 205 10.32 4.24 8.91
CA GLY C 205 10.13 2.84 9.26
C GLY C 205 10.89 2.44 10.51
N SER C 206 11.50 3.40 11.21
CA SER C 206 12.41 3.20 12.37
C SER C 206 11.61 2.57 13.52
N PHE C 207 12.21 1.63 14.22
CA PHE C 207 11.61 1.08 15.46
C PHE C 207 12.67 1.16 16.57
N HIS C 208 12.41 1.94 17.63
CA HIS C 208 13.35 2.22 18.75
C HIS C 208 12.71 2.00 20.13
N GLY C 209 11.51 1.41 20.17
CA GLY C 209 10.77 1.17 21.42
C GLY C 209 9.48 1.96 21.51
N LYS C 210 8.73 1.72 22.59
CA LYS C 210 7.33 2.19 22.72
C LYS C 210 7.11 2.85 24.10
N LEU C 211 8.14 3.35 24.77
CA LEU C 211 7.91 4.14 26.02
C LEU C 211 7.72 5.62 25.63
N VAL C 212 7.59 6.51 26.61
CA VAL C 212 7.07 7.89 26.35
C VAL C 212 8.04 8.61 25.44
N GLY C 213 9.35 8.51 25.74
CA GLY C 213 10.49 9.00 24.94
C GLY C 213 10.60 8.26 23.63
N SER C 214 10.79 6.94 23.67
CA SER C 214 11.23 6.13 22.50
C SER C 214 10.15 6.05 21.43
N ILE C 215 8.85 6.02 21.81
CA ILE C 215 7.75 5.86 20.83
C ILE C 215 7.78 7.01 19.83
N GLN C 216 8.16 8.21 20.24
CA GLN C 216 8.27 9.34 19.28
C GLN C 216 9.32 8.99 18.21
N LEU C 217 10.24 8.07 18.53
CA LEU C 217 11.35 7.69 17.60
C LEU C 217 10.88 6.52 16.72
N THR C 218 9.62 6.08 16.89
CA THR C 218 9.08 4.88 16.21
C THR C 218 8.04 5.34 15.19
N GLN C 219 8.27 5.04 13.91
CA GLN C 219 7.43 5.49 12.76
C GLN C 219 5.98 5.01 12.91
N ASN C 220 5.79 3.70 13.15
CA ASN C 220 4.45 3.03 13.08
C ASN C 220 3.40 4.01 13.60
N GLU C 221 2.54 4.54 12.74
CA GLU C 221 1.68 5.72 13.01
C GLU C 221 0.64 5.44 14.10
N PRO C 222 -0.11 4.32 14.03
CA PRO C 222 -1.09 4.02 15.06
C PRO C 222 -0.40 3.80 16.43
N TRP C 223 0.88 3.39 16.47
CA TRP C 223 1.60 3.16 17.75
C TRP C 223 2.02 4.49 18.37
N ARG C 224 2.23 5.50 17.54
CA ARG C 224 2.95 6.75 17.95
C ARG C 224 1.97 7.93 18.01
N THR C 225 1.17 8.18 16.98
CA THR C 225 0.51 9.50 16.79
C THR C 225 -0.39 9.84 17.97
N PRO C 226 -0.96 8.88 18.72
CA PRO C 226 -1.79 9.22 19.89
C PRO C 226 -1.00 9.88 21.04
N PHE C 227 0.33 9.74 21.05
CA PHE C 227 1.25 10.10 22.15
C PHE C 227 2.12 11.30 21.76
N THR C 228 1.94 11.85 20.54
CA THR C 228 2.71 12.97 19.92
C THR C 228 3.01 14.10 20.92
N ALA C 229 2.03 14.47 21.73
CA ALA C 229 2.05 15.66 22.61
C ALA C 229 2.94 15.43 23.83
N LEU C 230 3.31 14.18 24.14
CA LEU C 230 3.99 13.85 25.43
C LEU C 230 5.46 14.23 25.39
N SER C 231 6.13 14.03 24.26
CA SER C 231 7.62 13.96 24.22
C SER C 231 8.18 14.57 22.92
N SER C 232 9.45 14.92 22.93
CA SER C 232 10.18 15.46 21.77
C SER C 232 9.95 14.57 20.56
N PRO C 233 9.66 15.15 19.39
CA PRO C 233 9.50 14.36 18.18
C PRO C 233 10.82 14.03 17.47
N ALA C 234 10.69 13.13 16.51
CA ALA C 234 11.68 12.66 15.54
C ALA C 234 11.28 13.22 14.17
N ARG C 235 12.25 13.57 13.34
CA ARG C 235 12.03 13.72 11.90
C ARG C 235 12.53 12.42 11.32
N PHE C 236 11.65 11.74 10.60
CA PHE C 236 11.88 10.45 9.95
C PHE C 236 12.43 10.73 8.57
N LEU C 237 13.73 10.51 8.40
CA LEU C 237 14.47 10.85 7.15
C LEU C 237 14.24 9.74 6.12
N PRO C 238 14.01 10.11 4.85
CA PRO C 238 13.73 9.14 3.80
C PRO C 238 14.97 8.34 3.40
N ALA C 239 15.03 7.08 3.83
CA ALA C 239 16.23 6.20 3.78
C ALA C 239 16.67 6.00 2.32
N ASP C 240 15.71 5.79 1.41
CA ASP C 240 15.98 5.39 -0.01
C ASP C 240 16.25 6.64 -0.87
N GLU C 241 15.72 7.80 -0.46
CA GLU C 241 15.77 9.09 -1.20
C GLU C 241 16.66 10.08 -0.43
N PRO C 242 17.94 9.75 -0.14
CA PRO C 242 18.74 10.51 0.82
C PRO C 242 19.32 11.83 0.27
N GLU C 243 19.00 12.17 -0.96
CA GLU C 243 19.32 13.47 -1.58
C GLU C 243 18.39 14.53 -0.94
N LEU C 244 17.30 14.12 -0.27
CA LEU C 244 16.29 15.01 0.38
C LEU C 244 16.62 15.29 1.87
N ILE C 245 17.41 14.43 2.52
CA ILE C 245 17.66 14.50 4.00
C ILE C 245 18.25 15.88 4.34
N GLY C 246 19.26 16.29 3.57
CA GLY C 246 19.95 17.60 3.68
C GLY C 246 18.99 18.76 3.84
N LYS C 247 17.98 18.82 2.98
CA LYS C 247 16.96 19.90 2.98
C LYS C 247 16.07 19.76 4.22
N ILE C 248 15.69 18.54 4.59
CA ILE C 248 14.80 18.31 5.76
C ILE C 248 15.50 18.84 7.03
N VAL C 249 16.79 18.60 7.18
CA VAL C 249 17.51 19.00 8.43
C VAL C 249 17.78 20.49 8.36
N GLU C 250 18.07 21.01 7.17
CA GLU C 250 18.26 22.48 6.98
C GLU C 250 16.98 23.18 7.39
N ASP C 251 15.79 22.70 7.03
CA ASP C 251 14.51 23.33 7.49
C ASP C 251 14.48 23.46 9.01
N GLU C 252 15.12 22.54 9.73
CA GLU C 252 14.99 22.43 11.21
C GLU C 252 16.03 23.31 11.93
N ARG C 253 16.97 23.92 11.21
CA ARG C 253 17.93 24.90 11.79
C ARG C 253 17.13 25.90 12.60
N ARG C 254 17.57 26.24 13.82
CA ARG C 254 17.04 27.34 14.65
C ARG C 254 18.22 28.16 15.17
N SER C 255 18.00 29.47 15.26
CA SER C 255 18.98 30.54 15.59
C SER C 255 18.74 31.01 17.01
N VAL C 256 19.80 31.39 17.70
CA VAL C 256 19.74 32.36 18.82
C VAL C 256 20.27 33.71 18.30
N LEU C 257 20.11 34.75 19.09
CA LEU C 257 20.54 36.12 18.71
C LEU C 257 21.68 36.52 19.64
N THR C 258 22.61 37.30 19.07
CA THR C 258 23.67 37.97 19.85
C THR C 258 23.98 39.32 19.16
N LEU C 259 24.87 40.10 19.78
CA LEU C 259 25.45 41.30 19.14
C LEU C 259 26.88 41.02 18.68
N SER C 260 27.17 41.34 17.42
CA SER C 260 28.47 41.15 16.72
C SER C 260 29.15 42.52 16.56
N LEU C 261 30.32 42.70 17.19
CA LEU C 261 31.14 43.93 17.10
C LEU C 261 32.12 43.80 15.92
N ASP C 262 32.27 44.86 15.13
CA ASP C 262 33.15 44.92 13.92
C ASP C 262 34.39 45.79 14.22
N ASP C 264 33.59 49.60 14.75
CA ASP C 264 32.80 50.78 14.29
C ASP C 264 31.29 50.46 14.38
N THR C 265 30.88 49.27 13.95
CA THR C 265 29.46 48.86 13.77
C THR C 265 29.13 47.66 14.67
N VAL C 266 28.01 47.72 15.40
CA VAL C 266 27.39 46.59 16.15
C VAL C 266 26.11 46.18 15.41
N ARG C 267 25.91 44.87 15.21
CA ARG C 267 24.79 44.27 14.44
C ARG C 267 24.18 43.12 15.26
N VAL C 268 22.85 43.08 15.33
CA VAL C 268 22.10 41.88 15.79
C VAL C 268 22.27 40.84 14.70
N VAL C 269 22.71 39.65 15.07
CA VAL C 269 22.94 38.53 14.13
C VAL C 269 22.43 37.25 14.79
N GLU C 270 21.97 36.35 13.93
CA GLU C 270 21.59 34.97 14.24
C GLU C 270 22.88 34.16 14.41
N ARG C 271 22.89 33.18 15.31
CA ARG C 271 23.92 32.13 15.46
C ARG C 271 23.22 30.78 15.55
N ASP C 272 23.82 29.66 15.10
CA ASP C 272 23.21 28.31 15.19
C ASP C 272 22.87 27.97 16.65
N PHE C 273 21.65 27.51 16.92
CA PHE C 273 21.28 26.88 18.21
C PHE C 273 21.28 25.37 18.00
N PRO C 274 21.86 24.54 18.91
CA PRO C 274 21.78 23.08 18.80
C PRO C 274 20.38 22.55 19.17
N VAL C 275 19.64 22.12 18.13
CA VAL C 275 18.23 21.63 18.21
C VAL C 275 18.25 20.09 18.21
N VAL C 276 19.11 19.45 17.43
CA VAL C 276 19.08 17.99 17.28
C VAL C 276 19.86 17.32 18.41
N ALA C 277 19.20 16.57 19.27
CA ALA C 277 19.79 15.84 20.41
C ALA C 277 20.59 14.65 19.88
N ALA C 278 20.05 13.91 18.92
CA ALA C 278 20.71 12.68 18.44
C ALA C 278 20.11 12.25 17.12
N ILE C 279 20.89 11.45 16.40
CA ILE C 279 20.50 10.60 15.26
C ILE C 279 20.44 9.14 15.74
N PHE C 280 19.35 8.44 15.43
CA PHE C 280 19.16 6.99 15.73
C PHE C 280 19.16 6.22 14.41
N VAL C 281 19.78 5.02 14.42
CA VAL C 281 19.78 4.16 13.22
C VAL C 281 19.84 2.70 13.67
N GLU C 282 19.11 1.86 12.96
CA GLU C 282 19.17 0.40 13.05
C GLU C 282 20.00 -0.09 11.87
N PRO C 283 21.07 -0.88 12.08
CA PRO C 283 21.85 -1.38 10.95
C PRO C 283 21.00 -2.20 9.97
N VAL C 284 20.00 -2.91 10.49
CA VAL C 284 18.97 -3.65 9.71
C VAL C 284 17.63 -3.20 10.27
N ARG C 285 16.78 -2.64 9.42
CA ARG C 285 15.66 -1.77 9.84
C ARG C 285 14.41 -2.65 10.07
N GLY C 286 14.25 -3.15 11.30
CA GLY C 286 13.11 -3.95 11.79
C GLY C 286 11.77 -3.45 11.31
N GLY C 287 11.45 -2.17 11.55
CA GLY C 287 10.16 -1.58 11.18
C GLY C 287 10.00 -1.32 9.69
N SER C 288 11.05 -1.53 8.89
CA SER C 288 11.06 -1.30 7.41
C SER C 288 11.09 -2.65 6.68
N GLY C 289 10.97 -3.76 7.41
CA GLY C 289 10.93 -5.13 6.85
C GLY C 289 12.32 -5.70 6.63
N MET C 290 13.27 -5.37 7.50
CA MET C 290 14.64 -5.96 7.57
C MET C 290 15.56 -5.39 6.48
N LYS C 291 15.36 -4.16 6.04
CA LYS C 291 16.23 -3.47 5.06
C LYS C 291 17.56 -3.11 5.74
N THR C 292 18.68 -3.57 5.17
CA THR C 292 20.03 -3.18 5.65
C THR C 292 20.29 -1.73 5.18
N VAL C 293 20.87 -0.90 6.05
CA VAL C 293 21.37 0.46 5.73
C VAL C 293 22.42 0.29 4.62
N THR C 294 22.28 1.05 3.53
CA THR C 294 23.20 1.05 2.37
C THR C 294 24.42 1.90 2.68
N PRO C 295 25.57 1.69 1.98
CA PRO C 295 26.72 2.59 2.13
C PRO C 295 26.36 4.06 1.94
N GLU C 296 25.54 4.39 0.95
CA GLU C 296 25.18 5.80 0.64
C GLU C 296 24.47 6.38 1.86
N LEU C 297 23.63 5.61 2.53
CA LEU C 297 22.84 6.14 3.67
C LEU C 297 23.75 6.28 4.90
N ALA C 298 24.60 5.27 5.15
CA ALA C 298 25.61 5.28 6.22
C ALA C 298 26.40 6.59 6.08
N GLU C 299 26.71 6.97 4.86
CA GLU C 299 27.60 8.15 4.66
C GLU C 299 26.74 9.41 4.87
N GLU C 300 25.45 9.38 4.55
CA GLU C 300 24.61 10.57 4.87
C GLU C 300 24.50 10.73 6.40
N LEU C 301 24.47 9.64 7.17
CA LEU C 301 24.28 9.68 8.64
C LEU C 301 25.55 10.23 9.33
N HIS C 302 26.70 9.76 8.88
CA HIS C 302 28.05 10.28 9.23
C HIS C 302 28.13 11.80 8.94
N ARG C 303 27.77 12.23 7.73
CA ARG C 303 27.78 13.66 7.39
C ARG C 303 26.96 14.39 8.44
N LEU C 304 25.76 13.87 8.72
CA LEU C 304 24.77 14.58 9.56
C LEU C 304 25.36 14.77 10.97
N ARG C 305 25.88 13.66 11.51
CA ARG C 305 26.53 13.58 12.83
C ARG C 305 27.69 14.56 12.92
N ASP C 306 28.65 14.46 12.00
CA ASP C 306 29.81 15.41 11.91
C ASP C 306 29.27 16.84 11.77
N THR C 307 28.21 17.06 11.00
CA THR C 307 27.73 18.44 10.72
C THR C 307 27.04 19.04 11.93
N LEU C 308 26.14 18.32 12.60
CA LEU C 308 25.32 18.88 13.71
C LEU C 308 26.08 18.77 15.03
N GLY C 309 27.02 17.81 15.08
CA GLY C 309 27.84 17.50 16.27
C GLY C 309 27.00 16.95 17.42
N CYS C 310 25.81 16.42 17.14
CA CYS C 310 25.07 15.51 18.07
C CYS C 310 25.58 14.08 17.85
N PRO C 311 25.38 13.14 18.80
CA PRO C 311 25.80 11.75 18.58
C PRO C 311 24.88 11.04 17.58
N LEU C 312 25.49 10.08 16.89
CA LEU C 312 24.82 9.00 16.15
C LEU C 312 24.67 7.77 17.07
N VAL C 313 23.42 7.46 17.42
CA VAL C 313 23.05 6.28 18.24
C VAL C 313 22.68 5.14 17.30
N VAL C 314 23.44 4.06 17.39
CA VAL C 314 23.25 2.80 16.63
C VAL C 314 22.51 1.81 17.51
N ASP C 315 21.23 1.59 17.19
CA ASP C 315 20.31 0.68 17.89
C ASP C 315 20.58 -0.73 17.38
N GLU C 316 21.28 -1.56 18.15
CA GLU C 316 21.56 -2.97 17.81
C GLU C 316 20.82 -3.85 18.79
N VAL C 317 19.69 -3.36 19.28
CA VAL C 317 18.76 -4.14 20.14
C VAL C 317 18.40 -5.45 19.46
N GLN C 318 18.19 -5.42 18.14
CA GLN C 318 17.84 -6.60 17.31
C GLN C 318 19.05 -7.13 16.51
N THR C 319 19.89 -6.25 15.97
CA THR C 319 21.01 -6.64 15.05
C THR C 319 22.25 -7.18 15.78
N GLY C 320 22.43 -6.85 17.06
CA GLY C 320 23.58 -7.29 17.87
C GLY C 320 23.59 -8.78 18.26
N ILE C 321 24.71 -9.17 18.85
CA ILE C 321 24.98 -10.49 19.48
C ILE C 321 24.83 -11.55 18.39
N GLY C 322 25.33 -11.25 17.18
CA GLY C 322 25.76 -12.21 16.15
C GLY C 322 24.73 -12.41 15.05
N ARG C 323 23.56 -11.84 15.22
CA ARG C 323 22.39 -12.04 14.34
C ARG C 323 22.79 -11.84 12.87
N THR C 324 23.61 -10.83 12.55
CA THR C 324 23.93 -10.47 11.16
C THR C 324 25.16 -11.23 10.67
N GLY C 325 25.76 -12.09 11.50
CA GLY C 325 26.97 -12.85 11.14
C GLY C 325 28.25 -12.13 11.54
N ALA C 326 28.10 -11.00 12.24
CA ALA C 326 29.14 -10.36 13.10
C ALA C 326 28.48 -10.03 14.43
N PHE C 327 29.23 -9.79 15.49
CA PHE C 327 28.64 -9.33 16.77
C PHE C 327 27.88 -8.04 16.53
N PHE C 328 28.52 -7.00 15.98
CA PHE C 328 27.83 -5.75 15.66
C PHE C 328 27.50 -5.73 14.16
N GLY C 329 26.24 -5.54 13.81
CA GLY C 329 25.79 -5.24 12.45
C GLY C 329 26.29 -3.88 11.96
N SER C 330 26.52 -2.93 12.85
CA SER C 330 27.10 -1.61 12.53
C SER C 330 28.52 -1.82 11.94
N ALA C 331 29.25 -2.79 12.49
CA ALA C 331 30.65 -3.14 12.14
C ALA C 331 30.64 -3.78 10.76
N LEU C 332 29.67 -4.63 10.50
CA LEU C 332 29.47 -5.35 9.22
C LEU C 332 29.19 -4.33 8.11
N LEU C 333 28.40 -3.30 8.38
CA LEU C 333 27.85 -2.39 7.34
C LEU C 333 28.53 -1.02 7.36
N GLY C 334 29.58 -0.84 8.16
CA GLY C 334 30.36 0.41 8.22
C GLY C 334 29.58 1.58 8.80
N ILE C 335 28.73 1.36 9.83
CA ILE C 335 28.08 2.50 10.52
C ILE C 335 28.96 2.87 11.71
N ARG C 336 29.48 4.09 11.75
CA ARG C 336 30.42 4.55 12.82
C ARG C 336 29.61 5.36 13.82
N GLY C 337 29.00 4.67 14.79
CA GLY C 337 28.16 5.30 15.81
C GLY C 337 29.00 5.89 16.93
N ASP C 338 28.42 6.83 17.67
CA ASP C 338 28.98 7.38 18.93
C ASP C 338 28.51 6.55 20.12
N TYR C 339 27.23 6.17 20.18
CA TYR C 339 26.57 5.32 21.20
C TYR C 339 25.98 4.09 20.52
N TYR C 340 25.99 2.98 21.23
CA TYR C 340 25.44 1.68 20.74
C TYR C 340 24.46 1.13 21.79
N THR C 341 23.38 0.47 21.39
CA THR C 341 22.47 -0.18 22.36
C THR C 341 22.30 -1.63 22.00
N LEU C 342 22.27 -2.47 23.02
CA LEU C 342 22.04 -3.93 22.91
C LEU C 342 20.94 -4.34 23.91
N ALA C 343 20.13 -5.34 23.55
CA ALA C 343 19.18 -6.01 24.46
C ALA C 343 18.96 -7.45 23.99
N LYS C 344 17.84 -7.72 23.35
CA LYS C 344 17.29 -9.03 22.97
C LYS C 344 18.16 -10.21 23.47
N ALA C 345 19.17 -10.64 22.72
CA ALA C 345 19.81 -11.97 22.90
C ALA C 345 20.69 -12.01 24.15
N ILE C 346 20.98 -10.83 24.73
CA ILE C 346 21.98 -10.70 25.84
C ILE C 346 21.41 -11.31 27.11
N GLY C 347 20.09 -11.51 27.18
CA GLY C 347 19.36 -12.19 28.27
C GLY C 347 19.35 -13.70 28.17
N GLY C 348 19.98 -14.28 27.13
CA GLY C 348 20.04 -15.73 26.87
C GLY C 348 18.67 -16.34 26.59
N GLY C 349 17.66 -15.51 26.31
CA GLY C 349 16.30 -15.99 26.05
C GLY C 349 15.51 -16.31 27.33
N ILE C 350 16.05 -15.96 28.50
CA ILE C 350 15.45 -16.31 29.81
C ILE C 350 15.34 -15.07 30.71
N VAL C 351 16.31 -14.14 30.69
CA VAL C 351 16.26 -12.94 31.58
C VAL C 351 16.24 -11.66 30.74
N LYS C 352 16.13 -10.51 31.38
CA LYS C 352 15.98 -9.19 30.70
C LYS C 352 17.11 -8.29 31.13
N ASN C 353 17.84 -7.81 30.13
CA ASN C 353 19.11 -7.05 30.26
C ASN C 353 19.25 -6.17 29.04
N SER C 354 19.83 -5.00 29.20
CA SER C 354 20.14 -4.14 28.04
C SER C 354 21.35 -3.28 28.39
N VAL C 355 21.98 -2.69 27.38
CA VAL C 355 23.18 -1.84 27.63
C VAL C 355 23.28 -0.72 26.60
N ALA C 356 23.68 0.45 27.07
CA ALA C 356 24.03 1.61 26.22
C ALA C 356 25.54 1.75 26.35
N LEU C 357 26.26 1.71 25.23
CA LEU C 357 27.73 1.97 25.18
C LEU C 357 27.94 3.36 24.62
N ILE C 358 28.52 4.24 25.42
CA ILE C 358 28.71 5.70 25.09
C ILE C 358 30.22 5.99 25.00
N ARG C 359 30.70 6.55 23.88
CA ARG C 359 32.17 6.66 23.63
C ARG C 359 32.72 7.48 24.81
N GLN C 360 33.84 7.03 25.38
CA GLN C 360 34.37 7.63 26.64
C GLN C 360 34.77 9.08 26.43
N ASP C 361 35.18 9.48 25.22
CA ASP C 361 35.54 10.90 24.93
C ASP C 361 34.29 11.80 25.01
N ARG C 362 33.09 11.26 24.84
CA ARG C 362 31.84 12.06 24.87
C ARG C 362 31.09 11.88 26.21
N PHE C 363 31.38 10.82 26.97
CA PHE C 363 30.62 10.38 28.16
C PHE C 363 30.74 11.41 29.29
N LEU C 364 29.62 11.89 29.81
CA LEU C 364 29.56 12.94 30.86
C LEU C 364 29.39 12.23 32.19
N PRO C 365 30.38 12.31 33.10
CA PRO C 365 30.44 11.36 34.22
C PRO C 365 29.26 11.52 35.19
N ALA C 366 28.56 12.66 35.15
CA ALA C 366 27.35 12.93 35.93
C ALA C 366 26.32 11.80 35.73
N MET C 367 26.23 11.29 34.50
CA MET C 367 25.27 10.24 34.05
C MET C 367 25.43 8.99 34.93
N GLU C 368 26.64 8.68 35.39
CA GLU C 368 26.93 7.48 36.22
C GLU C 368 26.27 7.62 37.60
N VAL C 369 25.96 8.86 38.02
CA VAL C 369 25.35 9.06 39.38
C VAL C 369 23.97 9.70 39.28
N ILE C 370 23.57 10.38 38.20
CA ILE C 370 22.19 10.96 38.15
C ILE C 370 21.22 9.97 37.48
N HIS C 371 21.69 9.06 36.65
CA HIS C 371 20.83 7.99 36.09
C HIS C 371 21.00 6.72 36.92
N SER C 372 19.91 5.97 37.14
CA SER C 372 19.88 4.67 37.88
C SER C 372 18.51 4.01 37.66
N SER C 373 18.42 2.74 38.04
CA SER C 373 17.24 1.90 37.85
C SER C 373 17.35 0.79 38.90
N THR C 374 16.23 0.36 39.51
CA THR C 374 16.23 -0.64 40.59
C THR C 374 16.85 -1.96 40.09
N PHE C 375 16.36 -2.45 38.95
CA PHE C 375 16.63 -3.80 38.40
C PHE C 375 17.91 -3.79 37.53
N ALA C 376 18.32 -2.61 37.03
CA ALA C 376 19.49 -2.49 36.12
C ALA C 376 20.72 -3.09 36.79
N LYS C 377 21.51 -3.81 36.04
CA LYS C 377 22.83 -4.26 36.51
C LYS C 377 22.69 -5.33 37.59
N ASP C 378 21.54 -6.00 37.64
CA ASP C 378 21.27 -7.06 38.65
C ASP C 378 22.31 -8.16 38.45
N GLY C 379 22.63 -8.88 39.53
CA GLY C 379 23.59 -9.99 39.52
C GLY C 379 23.22 -11.08 38.56
N LEU C 380 21.95 -11.46 38.47
CA LEU C 380 21.54 -12.67 37.71
C LEU C 380 21.69 -12.42 36.21
N SER C 381 21.18 -11.31 35.68
CA SER C 381 21.27 -11.01 34.24
C SER C 381 22.74 -10.71 33.88
N ALA C 382 23.52 -10.15 34.82
CA ALA C 382 24.97 -9.91 34.63
C ALA C 382 25.71 -11.24 34.42
N SER C 383 25.47 -12.25 35.25
CA SER C 383 26.11 -13.59 35.12
C SER C 383 25.74 -14.21 33.77
N ILE C 384 24.45 -14.15 33.40
CA ILE C 384 23.96 -14.73 32.15
C ILE C 384 24.55 -13.99 30.94
N ALA C 385 24.63 -12.65 30.96
CA ALA C 385 25.31 -11.84 29.90
C ALA C 385 26.74 -12.34 29.68
N LEU C 386 27.54 -12.52 30.74
CA LEU C 386 28.95 -13.01 30.63
C LEU C 386 28.94 -14.39 29.97
N LYS C 387 27.96 -15.23 30.27
CA LYS C 387 27.82 -16.58 29.66
C LYS C 387 27.46 -16.44 28.17
N VAL C 388 26.46 -15.61 27.86
CA VAL C 388 26.06 -15.38 26.45
C VAL C 388 27.30 -14.90 25.68
N LEU C 389 28.10 -13.97 26.23
CA LEU C 389 29.28 -13.39 25.54
C LEU C 389 30.33 -14.49 25.39
N GLU C 390 30.50 -15.34 26.39
CA GLU C 390 31.45 -16.47 26.28
C GLU C 390 31.01 -17.35 25.11
N MET C 391 29.73 -17.67 24.97
CA MET C 391 29.20 -18.66 23.97
C MET C 391 29.37 -18.13 22.55
N VAL C 392 29.07 -16.85 22.31
CA VAL C 392 29.07 -16.27 20.96
C VAL C 392 30.53 -16.05 20.51
N GLU C 393 31.45 -15.86 21.44
CA GLU C 393 32.91 -15.63 21.20
C GLU C 393 33.68 -16.96 21.14
N ALA C 394 33.11 -18.09 21.57
CA ALA C 394 33.84 -19.37 21.75
C ALA C 394 34.45 -19.83 20.43
N ASP C 395 35.56 -20.60 20.52
CA ASP C 395 36.15 -21.42 19.44
C ASP C 395 36.44 -20.50 18.24
N GLY C 396 37.09 -19.38 18.54
CA GLY C 396 37.76 -18.49 17.55
C GLY C 396 36.79 -17.74 16.69
N GLY C 397 35.55 -17.56 17.16
CA GLY C 397 34.47 -16.83 16.48
C GLY C 397 33.71 -17.70 15.49
N ARG C 398 33.69 -19.02 15.70
CA ARG C 398 33.03 -19.98 14.77
C ARG C 398 31.50 -19.78 14.85
N VAL C 399 30.97 -19.20 15.93
CA VAL C 399 29.50 -18.96 16.04
C VAL C 399 29.07 -17.95 14.97
N TYR C 400 29.87 -16.93 14.70
CA TYR C 400 29.57 -15.93 13.65
C TYR C 400 29.54 -16.65 12.29
N GLN C 401 30.56 -17.51 12.07
CA GLN C 401 30.66 -18.38 10.86
C GLN C 401 29.36 -19.16 10.69
N ARG C 402 28.87 -19.82 11.73
CA ARG C 402 27.61 -20.62 11.64
C ARG C 402 26.44 -19.69 11.33
N VAL C 403 26.28 -18.56 12.00
CA VAL C 403 25.18 -17.61 11.63
C VAL C 403 25.24 -17.28 10.13
N ARG C 404 26.44 -17.03 9.59
CA ARG C 404 26.65 -16.57 8.20
C ARG C 404 26.21 -17.69 7.26
N GLU C 405 26.61 -18.93 7.52
CA GLU C 405 26.34 -20.11 6.66
C GLU C 405 24.86 -20.50 6.77
N ARG C 406 24.28 -20.54 7.98
CA ARG C 406 22.81 -20.75 8.16
C ARG C 406 22.04 -19.61 7.48
N GLY C 407 22.44 -18.37 7.72
CA GLY C 407 21.85 -17.18 7.08
C GLY C 407 21.82 -17.34 5.56
N GLN C 408 22.95 -17.75 4.95
CA GLN C 408 23.10 -17.90 3.47
C GLN C 408 22.15 -19.00 2.99
N ARG C 409 22.20 -20.17 3.62
CA ARG C 409 21.28 -21.29 3.28
C ARG C 409 19.82 -20.80 3.30
N LEU C 410 19.42 -19.99 4.30
CA LEU C 410 17.99 -19.63 4.50
C LEU C 410 17.63 -18.50 3.53
N GLU C 411 18.55 -17.58 3.26
CA GLU C 411 18.34 -16.50 2.26
C GLU C 411 18.16 -17.14 0.86
N ALA C 412 18.98 -18.15 0.55
CA ALA C 412 18.98 -18.85 -0.76
C ALA C 412 17.61 -19.50 -0.95
N MET C 413 17.13 -20.20 0.08
CA MET C 413 15.78 -20.79 0.06
C MET C 413 14.77 -19.68 -0.20
N LEU C 414 14.89 -18.55 0.49
CA LEU C 414 13.84 -17.48 0.37
C LEU C 414 13.87 -16.90 -1.05
N GLU C 415 15.06 -16.80 -1.66
CA GLU C 415 15.24 -16.28 -3.04
C GLU C 415 14.71 -17.29 -4.08
N SER C 416 15.03 -18.57 -3.89
CA SER C 416 14.46 -19.69 -4.68
C SER C 416 12.93 -19.56 -4.66
N VAL C 417 12.35 -19.29 -3.50
CA VAL C 417 10.87 -19.20 -3.37
C VAL C 417 10.41 -17.91 -4.07
N ARG C 418 11.08 -16.77 -3.86
CA ARG C 418 10.63 -15.52 -4.50
C ARG C 418 10.60 -15.69 -6.02
N ALA C 419 11.68 -16.26 -6.59
CA ALA C 419 11.90 -16.46 -8.04
C ALA C 419 10.72 -17.18 -8.70
N ASP C 420 10.09 -18.14 -8.01
CA ASP C 420 8.96 -18.96 -8.50
C ASP C 420 7.62 -18.34 -8.06
N HIS C 421 7.59 -17.34 -7.18
CA HIS C 421 6.35 -16.71 -6.68
C HIS C 421 6.46 -15.18 -6.67
N SER C 422 7.14 -14.60 -7.66
CA SER C 422 7.38 -13.13 -7.82
C SER C 422 6.07 -12.36 -8.03
N ASP C 423 4.96 -13.07 -8.27
CA ASP C 423 3.61 -12.45 -8.40
C ASP C 423 3.12 -12.00 -7.03
N VAL C 424 3.49 -12.68 -5.93
CA VAL C 424 3.03 -12.31 -4.55
C VAL C 424 4.19 -11.88 -3.63
N VAL C 425 5.46 -12.12 -4.02
CA VAL C 425 6.69 -11.72 -3.26
C VAL C 425 7.46 -10.66 -4.06
N SER C 426 7.68 -9.45 -3.52
CA SER C 426 8.46 -8.35 -4.17
C SER C 426 9.97 -8.48 -3.93
N ALA C 427 10.42 -8.87 -2.72
CA ALA C 427 11.85 -8.87 -2.35
C ALA C 427 12.15 -9.84 -1.20
N VAL C 428 13.40 -10.26 -1.12
CA VAL C 428 14.04 -10.77 0.12
C VAL C 428 14.91 -9.64 0.66
N TRP C 429 14.76 -9.33 1.96
CA TRP C 429 15.54 -8.31 2.68
C TRP C 429 16.26 -8.92 3.89
N GLY C 430 17.35 -8.26 4.31
CA GLY C 430 18.07 -8.51 5.58
C GLY C 430 19.43 -9.12 5.32
N THR C 431 20.07 -9.59 6.39
CA THR C 431 21.38 -10.25 6.30
C THR C 431 21.55 -11.19 7.49
N GLY C 432 22.54 -12.07 7.43
CA GLY C 432 22.75 -13.14 8.40
C GLY C 432 21.46 -13.88 8.66
N LEU C 433 21.03 -13.98 9.91
CA LEU C 433 19.76 -14.66 10.27
C LEU C 433 18.69 -13.66 10.66
N MET C 434 18.69 -12.50 10.01
CA MET C 434 17.63 -11.47 10.21
C MET C 434 17.08 -11.11 8.83
N LEU C 435 16.12 -11.91 8.36
CA LEU C 435 15.60 -11.92 6.98
C LEU C 435 14.09 -11.71 6.99
N ALA C 436 13.53 -11.43 5.81
CA ALA C 436 12.09 -11.19 5.59
C ALA C 436 11.77 -11.35 4.11
N LEU C 437 10.53 -11.75 3.78
CA LEU C 437 9.94 -11.63 2.42
C LEU C 437 9.05 -10.41 2.41
N GLU C 438 9.21 -9.52 1.43
CA GLU C 438 8.20 -8.46 1.18
C GLU C 438 7.06 -9.07 0.35
N LEU C 439 5.82 -8.93 0.83
CA LEU C 439 4.56 -9.35 0.15
C LEU C 439 4.07 -8.21 -0.75
N ARG C 440 3.67 -8.52 -1.99
CA ARG C 440 3.07 -7.51 -2.90
C ARG C 440 1.71 -7.14 -2.32
N ASP C 441 1.31 -5.88 -2.53
CA ASP C 441 0.02 -5.34 -2.02
C ASP C 441 -1.10 -6.25 -2.53
N GLN C 442 -2.07 -6.57 -1.67
CA GLN C 442 -3.22 -7.43 -1.98
C GLN C 442 -4.51 -6.65 -1.75
N SER C 443 -4.46 -5.30 -1.77
CA SER C 443 -5.68 -4.46 -1.56
C SER C 443 -6.65 -4.56 -2.75
N ASN C 444 -6.19 -5.06 -3.90
CA ASN C 444 -6.98 -5.21 -5.16
C ASN C 444 -7.15 -6.70 -5.49
N ALA C 445 -7.12 -7.56 -4.48
CA ALA C 445 -7.18 -9.02 -4.62
C ALA C 445 -8.59 -9.40 -5.09
N THR C 446 -8.69 -10.49 -5.87
CA THR C 446 -9.97 -11.08 -6.33
C THR C 446 -10.83 -11.38 -5.09
N SER C 447 -10.40 -12.34 -4.28
CA SER C 447 -11.05 -12.75 -3.00
C SER C 447 -11.29 -11.53 -2.12
N GLN C 448 -12.56 -11.19 -1.88
CA GLN C 448 -13.03 -10.20 -0.88
C GLN C 448 -12.34 -10.42 0.47
N ALA C 449 -12.23 -11.68 0.91
CA ALA C 449 -11.74 -12.06 2.25
C ALA C 449 -10.29 -11.55 2.41
N ILE C 450 -9.45 -11.91 1.45
CA ILE C 450 -8.02 -11.46 1.37
C ILE C 450 -8.00 -9.93 1.30
N ARG C 451 -8.73 -9.33 0.35
CA ARG C 451 -8.72 -7.87 0.07
C ARG C 451 -9.09 -7.09 1.34
N GLU C 452 -10.10 -7.56 2.10
CA GLU C 452 -10.58 -6.91 3.34
C GLU C 452 -9.42 -6.92 4.36
N LYS C 453 -8.82 -8.09 4.58
CA LYS C 453 -7.65 -8.27 5.48
C LYS C 453 -6.50 -7.35 5.03
N ALA C 454 -6.14 -7.35 3.75
CA ALA C 454 -5.06 -6.47 3.24
C ALA C 454 -5.41 -5.00 3.53
N ALA C 455 -6.65 -4.58 3.35
CA ALA C 455 -7.05 -3.16 3.52
C ALA C 455 -7.02 -2.77 5.01
N HIS C 456 -7.06 -3.74 5.92
CA HIS C 456 -7.00 -3.51 7.39
C HIS C 456 -5.55 -3.55 7.90
N GLY C 457 -4.58 -3.91 7.05
CA GLY C 457 -3.15 -4.05 7.38
C GLY C 457 -2.82 -5.42 7.98
N PHE C 458 -3.69 -6.42 7.82
CA PHE C 458 -3.64 -7.71 8.54
C PHE C 458 -3.11 -8.87 7.69
N LEU C 459 -2.82 -8.63 6.41
CA LEU C 459 -2.52 -9.69 5.43
C LEU C 459 -1.47 -10.65 6.00
N GLY C 460 -0.38 -10.10 6.55
CA GLY C 460 0.77 -10.89 7.03
C GLY C 460 0.36 -11.84 8.13
N TYR C 461 -0.52 -11.37 9.01
CA TYR C 461 -1.02 -12.15 10.17
C TYR C 461 -1.87 -13.30 9.66
N VAL C 462 -2.71 -13.07 8.66
CA VAL C 462 -3.59 -14.10 8.03
C VAL C 462 -2.70 -15.22 7.49
N LEU C 463 -1.65 -14.84 6.75
CA LEU C 463 -0.70 -15.75 6.09
C LEU C 463 0.09 -16.54 7.13
N ALA C 464 0.48 -15.87 8.22
CA ALA C 464 1.10 -16.47 9.41
C ALA C 464 0.14 -17.51 9.97
N GLY C 465 -1.13 -17.18 10.12
CA GLY C 465 -2.18 -18.14 10.50
C GLY C 465 -2.13 -19.39 9.64
N PHE C 466 -2.05 -19.20 8.32
CA PHE C 466 -2.04 -20.35 7.38
C PHE C 466 -0.83 -21.23 7.71
N LEU C 467 0.34 -20.63 7.82
CA LEU C 467 1.59 -21.37 8.04
C LEU C 467 1.49 -22.13 9.37
N LEU C 468 0.79 -21.57 10.36
CA LEU C 468 0.64 -22.22 11.67
C LEU C 468 -0.22 -23.49 11.53
N ARG C 469 -1.45 -23.34 11.06
CA ARG C 469 -2.46 -24.44 11.05
C ARG C 469 -2.13 -25.48 9.96
N GLU C 470 -1.52 -25.10 8.84
CA GLU C 470 -1.38 -26.01 7.68
C GLU C 470 0.03 -26.63 7.62
N HIS C 471 1.02 -26.03 8.29
CA HIS C 471 2.43 -26.48 8.19
C HIS C 471 3.15 -26.46 9.54
N HIS C 472 2.48 -26.07 10.63
CA HIS C 472 3.12 -26.09 11.98
C HIS C 472 4.41 -25.25 11.96
N ILE C 473 4.32 -24.06 11.40
CA ILE C 473 5.46 -23.10 11.37
C ILE C 473 4.95 -21.79 11.92
N ARG C 474 5.66 -21.28 12.93
CA ARG C 474 5.39 -19.97 13.60
C ARG C 474 6.22 -18.92 12.88
N VAL C 475 5.52 -18.00 12.24
CA VAL C 475 6.09 -16.79 11.57
C VAL C 475 5.26 -15.62 12.10
N LEU C 476 5.87 -14.48 12.31
CA LEU C 476 5.17 -13.22 12.63
C LEU C 476 5.54 -12.23 11.56
N PRO C 477 4.60 -11.37 11.16
CA PRO C 477 4.91 -10.35 10.14
C PRO C 477 5.75 -9.23 10.73
N ALA C 478 6.38 -8.44 9.87
CA ALA C 478 6.96 -7.13 10.23
C ALA C 478 6.35 -6.02 9.35
N GLY C 479 6.69 -4.78 9.63
CA GLY C 479 6.41 -3.64 8.74
C GLY C 479 5.06 -3.06 9.09
N PRO C 480 4.74 -1.83 8.62
CA PRO C 480 3.61 -1.06 9.16
C PRO C 480 2.21 -1.57 8.76
N ARG C 481 2.11 -2.33 7.66
CA ARG C 481 0.84 -2.92 7.16
C ARG C 481 1.04 -4.43 7.10
N SER C 482 1.85 -4.98 8.02
CA SER C 482 2.17 -6.44 8.10
C SER C 482 2.39 -6.95 6.68
N GLY C 483 3.09 -6.13 5.89
CA GLY C 483 3.48 -6.37 4.49
C GLY C 483 4.77 -7.15 4.37
N PHE C 484 5.34 -7.65 5.49
CA PHE C 484 6.56 -8.53 5.44
C PHE C 484 6.37 -9.72 6.37
N LEU C 485 7.00 -10.85 6.02
CA LEU C 485 7.10 -12.09 6.83
C LEU C 485 8.52 -12.18 7.33
N ARG C 486 8.67 -12.21 8.66
CA ARG C 486 9.98 -12.22 9.35
C ARG C 486 10.49 -13.66 9.40
N PHE C 487 11.79 -13.87 9.20
CA PHE C 487 12.47 -15.16 9.45
C PHE C 487 13.74 -14.85 10.23
N SER C 488 13.74 -15.10 11.54
CA SER C 488 14.89 -14.83 12.42
C SER C 488 15.04 -15.98 13.39
N PRO C 489 15.30 -17.22 12.90
CA PRO C 489 15.47 -18.35 13.81
C PRO C 489 16.85 -18.44 14.49
N SER C 490 17.03 -19.48 15.28
CA SER C 490 18.29 -19.76 16.00
C SER C 490 19.35 -20.16 14.98
N LEU C 491 20.63 -20.02 15.31
CA LEU C 491 21.75 -20.55 14.49
C LEU C 491 21.69 -22.09 14.43
N TYR C 492 20.80 -22.77 15.16
CA TYR C 492 20.69 -24.24 15.10
C TYR C 492 19.63 -24.69 14.10
N ILE C 493 19.00 -23.77 13.37
CA ILE C 493 18.01 -24.10 12.30
C ILE C 493 18.64 -25.17 11.41
N THR C 494 17.98 -26.34 11.25
CA THR C 494 18.52 -27.46 10.43
C THR C 494 18.08 -27.32 8.96
N ASP C 495 18.81 -28.01 8.06
CA ASP C 495 18.51 -28.09 6.60
C ASP C 495 17.08 -28.63 6.42
N GLU C 496 16.68 -29.61 7.23
CA GLU C 496 15.33 -30.21 7.25
C GLU C 496 14.27 -29.11 7.52
N GLU C 497 14.48 -28.29 8.57
CA GLU C 497 13.54 -27.24 9.02
C GLU C 497 13.42 -26.16 7.93
N ILE C 498 14.52 -25.87 7.26
CA ILE C 498 14.55 -24.92 6.11
C ILE C 498 13.77 -25.50 4.92
N ASP C 499 13.88 -26.81 4.66
CA ASP C 499 13.11 -27.53 3.59
C ASP C 499 11.62 -27.48 3.93
N ARG C 500 11.25 -27.77 5.18
CA ARG C 500 9.83 -27.72 5.63
C ARG C 500 9.29 -26.29 5.46
N THR C 501 10.13 -25.26 5.64
CA THR C 501 9.73 -23.83 5.53
C THR C 501 9.51 -23.51 4.05
N GLU C 502 10.42 -23.95 3.20
CA GLU C 502 10.30 -23.86 1.72
C GLU C 502 8.95 -24.47 1.31
N THR C 503 8.70 -25.73 1.67
CA THR C 503 7.44 -26.45 1.35
C THR C 503 6.27 -25.58 1.79
N ALA C 504 6.29 -25.11 3.04
CA ALA C 504 5.21 -24.31 3.66
C ALA C 504 4.94 -23.04 2.84
N LEU C 505 5.98 -22.40 2.34
CA LEU C 505 5.91 -21.07 1.65
C LEU C 505 5.40 -21.26 0.21
N ARG C 506 5.85 -22.31 -0.48
CA ARG C 506 5.34 -22.66 -1.84
C ARG C 506 3.84 -22.88 -1.71
N SER C 507 3.40 -23.70 -0.77
CA SER C 507 1.96 -23.93 -0.44
C SER C 507 1.25 -22.60 -0.21
N LEU C 508 1.77 -21.75 0.66
CA LEU C 508 1.14 -20.44 1.02
C LEU C 508 1.03 -19.56 -0.21
N PHE C 509 2.13 -19.39 -0.94
CA PHE C 509 2.18 -18.43 -2.08
C PHE C 509 1.42 -19.00 -3.29
N THR C 510 1.23 -20.32 -3.37
CA THR C 510 0.37 -20.98 -4.41
C THR C 510 -1.10 -20.73 -4.09
N ALA C 511 -1.53 -20.87 -2.83
CA ALA C 511 -2.89 -20.50 -2.40
C ALA C 511 -3.14 -19.00 -2.62
N LEU C 512 -2.13 -18.13 -2.45
CA LEU C 512 -2.34 -16.66 -2.53
C LEU C 512 -2.48 -16.29 -4.01
N ARG C 513 -1.65 -16.88 -4.87
CA ARG C 513 -1.77 -16.84 -6.36
C ARG C 513 -3.20 -17.20 -6.76
N ASP C 514 -3.73 -18.32 -6.26
CA ASP C 514 -5.09 -18.88 -6.52
C ASP C 514 -6.20 -18.06 -5.86
N GLN C 515 -5.85 -17.06 -5.03
CA GLN C 515 -6.81 -16.17 -4.34
C GLN C 515 -7.82 -16.98 -3.53
N ASP C 516 -7.34 -18.05 -2.91
CA ASP C 516 -8.14 -19.04 -2.15
C ASP C 516 -8.42 -18.49 -0.75
N GLY C 517 -9.25 -17.43 -0.69
CA GLY C 517 -9.70 -16.76 0.54
C GLY C 517 -10.31 -17.70 1.56
N ASP C 518 -10.92 -18.81 1.16
CA ASP C 518 -11.61 -19.73 2.10
C ASP C 518 -10.55 -20.56 2.84
N ARG C 519 -9.40 -20.75 2.21
CA ARG C 519 -8.31 -21.56 2.80
C ARG C 519 -7.43 -20.66 3.69
N LEU C 520 -7.35 -19.36 3.36
CA LEU C 520 -6.40 -18.40 3.99
C LEU C 520 -7.06 -17.68 5.17
N VAL C 521 -8.32 -17.28 5.01
CA VAL C 521 -9.06 -16.45 6.02
C VAL C 521 -10.14 -17.31 6.67
N LEU C 522 -10.18 -17.39 8.00
CA LEU C 522 -11.25 -18.12 8.75
C LEU C 522 -12.53 -17.29 8.75
N GLY D 6 45.05 4.65 37.12
CA GLY D 6 44.82 5.12 35.72
C GLY D 6 44.77 3.98 34.71
N GLU D 7 44.35 2.78 35.09
CA GLU D 7 44.18 1.66 34.13
C GLU D 7 42.88 1.91 33.32
N PRO D 8 42.75 1.29 32.13
CA PRO D 8 41.49 1.33 31.38
C PRO D 8 40.31 0.83 32.22
N VAL D 9 39.23 1.60 32.23
CA VAL D 9 37.96 1.28 32.93
C VAL D 9 36.81 1.44 31.91
N TYR D 10 35.83 0.56 31.96
CA TYR D 10 34.78 0.41 30.92
C TYR D 10 33.37 0.61 31.51
N ALA D 11 33.24 0.70 32.84
CA ALA D 11 31.99 1.03 33.56
C ALA D 11 32.32 1.48 35.01
N ASP D 12 31.52 2.39 35.55
CA ASP D 12 31.25 2.52 37.00
C ASP D 12 32.42 3.21 37.73
N ALA D 13 33.37 3.80 37.02
CA ALA D 13 34.56 4.41 37.67
C ALA D 13 34.12 5.56 38.57
N VAL D 14 33.30 6.46 38.06
CA VAL D 14 32.86 7.62 38.90
C VAL D 14 32.01 7.08 40.06
N LEU D 15 31.09 6.16 39.77
CA LEU D 15 30.19 5.57 40.80
C LEU D 15 31.02 4.87 41.88
N ASN D 16 32.03 4.07 41.51
CA ASN D 16 32.83 3.30 42.50
C ASN D 16 33.73 4.26 43.32
N GLY D 17 34.30 5.28 42.67
CA GLY D 17 35.10 6.32 43.34
C GLY D 17 34.28 6.96 44.42
N TRP D 18 33.07 7.37 44.06
CA TRP D 18 32.15 8.02 45.03
C TRP D 18 31.76 7.02 46.14
N LEU D 19 31.36 5.79 45.83
CA LEU D 19 30.99 4.81 46.90
C LEU D 19 32.18 4.58 47.84
N THR D 20 33.39 4.45 47.31
CA THR D 20 34.63 4.25 48.12
C THR D 20 34.77 5.40 49.14
N SER D 21 34.57 6.65 48.71
CA SER D 21 34.81 7.83 49.58
C SER D 21 33.75 7.91 50.68
N MET D 22 32.53 7.42 50.43
CA MET D 22 31.44 7.37 51.43
C MET D 22 31.65 6.21 52.40
N GLY D 23 32.64 5.34 52.17
CA GLY D 23 32.86 4.11 52.95
C GLY D 23 31.93 2.98 52.57
N LEU D 24 31.41 2.99 51.33
CA LEU D 24 30.44 1.97 50.83
C LEU D 24 31.05 1.19 49.67
N GLY D 25 32.34 1.41 49.42
CA GLY D 25 33.13 0.65 48.44
C GLY D 25 33.32 -0.78 48.92
N VAL D 26 32.31 -1.63 48.75
CA VAL D 26 32.41 -3.09 49.08
C VAL D 26 31.78 -3.89 47.93
N GLU D 27 32.18 -5.15 47.78
CA GLU D 27 31.59 -6.11 46.82
C GLU D 27 30.92 -7.22 47.61
N TYR D 28 29.59 -7.37 47.47
CA TYR D 28 28.81 -8.47 48.05
C TYR D 28 28.92 -9.66 47.09
N VAL D 29 29.34 -10.82 47.60
CA VAL D 29 29.71 -12.00 46.77
C VAL D 29 28.63 -13.06 46.90
N ARG D 30 27.79 -12.98 47.93
CA ARG D 30 26.69 -13.96 48.11
C ARG D 30 25.59 -13.30 48.95
N ALA D 31 24.36 -13.80 48.85
CA ALA D 31 23.25 -13.24 49.64
C ALA D 31 22.25 -14.34 49.94
N GLU D 32 21.70 -14.30 51.15
CA GLU D 32 20.71 -15.29 51.60
C GLU D 32 19.88 -14.62 52.68
N GLY D 33 18.57 -14.61 52.52
CA GLY D 33 17.67 -14.00 53.52
C GLY D 33 17.96 -12.51 53.67
N ASN D 34 18.24 -12.08 54.91
CA ASN D 34 18.47 -10.65 55.25
C ASN D 34 19.97 -10.36 55.23
N THR D 35 20.77 -11.31 54.74
CA THR D 35 22.23 -11.18 54.81
C THR D 35 22.87 -11.05 53.43
N VAL D 36 23.80 -10.10 53.30
CA VAL D 36 24.76 -10.06 52.18
C VAL D 36 26.15 -10.33 52.77
N TYR D 37 27.01 -11.00 52.01
CA TYR D 37 28.40 -11.37 52.40
C TYR D 37 29.37 -10.61 51.52
N TYR D 38 30.36 -9.94 52.12
CA TYR D 38 31.58 -9.49 51.42
C TYR D 38 32.77 -10.32 51.90
N LEU D 39 33.88 -10.24 51.16
CA LEU D 39 35.17 -10.89 51.52
C LEU D 39 36.05 -9.86 52.25
N ASP D 40 36.55 -10.20 53.46
CA ASP D 40 37.54 -9.37 54.21
C ASP D 40 38.91 -9.57 53.56
N ASP D 41 39.93 -8.88 54.08
CA ASP D 41 41.32 -8.90 53.54
C ASP D 41 41.86 -10.33 53.53
N GLU D 42 41.46 -11.19 54.48
CA GLU D 42 41.95 -12.60 54.65
C GLU D 42 41.14 -13.59 53.78
N GLY D 43 40.10 -13.13 53.07
CA GLY D 43 39.30 -13.96 52.14
C GLY D 43 38.12 -14.64 52.82
N ARG D 44 37.83 -14.32 54.08
CA ARG D 44 36.67 -14.83 54.87
C ARG D 44 35.38 -14.07 54.48
N GLU D 45 34.27 -14.80 54.37
CA GLU D 45 32.92 -14.22 54.21
C GLU D 45 32.55 -13.49 55.50
N VAL D 46 32.28 -12.19 55.38
CA VAL D 46 31.75 -11.34 56.48
C VAL D 46 30.24 -11.15 56.26
N PRO D 47 29.35 -11.62 57.17
CA PRO D 47 27.93 -11.35 57.03
C PRO D 47 27.58 -9.89 57.37
N VAL D 48 26.71 -9.28 56.56
CA VAL D 48 26.16 -7.92 56.74
C VAL D 48 24.63 -7.99 56.67
N LEU D 49 23.95 -7.36 57.64
CA LEU D 49 22.46 -7.26 57.68
C LEU D 49 22.00 -6.22 56.65
N ASP D 50 21.16 -6.63 55.69
CA ASP D 50 20.68 -5.79 54.58
C ASP D 50 19.33 -5.19 54.98
N HIS D 51 19.30 -3.88 55.23
CA HIS D 51 18.10 -3.06 55.50
C HIS D 51 17.67 -2.32 54.22
N ALA D 52 18.47 -2.38 53.15
CA ALA D 52 18.13 -1.75 51.86
C ALA D 52 17.24 -2.70 51.07
N CYS D 53 17.71 -3.93 50.84
CA CYS D 53 16.93 -5.03 50.23
C CYS D 53 16.33 -4.62 48.87
N GLY D 54 17.18 -4.16 47.98
CA GLY D 54 16.76 -3.79 46.62
C GLY D 54 15.74 -2.65 46.66
N PHE D 55 15.93 -1.68 47.57
CA PHE D 55 15.02 -0.55 47.82
C PHE D 55 13.60 -1.08 48.02
N GLY D 56 13.47 -2.21 48.73
CA GLY D 56 12.16 -2.76 49.10
C GLY D 56 11.66 -3.82 48.12
N SER D 57 12.56 -4.36 47.31
CA SER D 57 12.28 -5.48 46.38
C SER D 57 12.21 -6.80 47.12
N LEU D 58 12.81 -6.94 48.31
CA LEU D 58 13.06 -8.30 48.89
C LEU D 58 12.17 -8.51 50.11
N ILE D 59 10.85 -8.44 49.96
CA ILE D 59 9.94 -8.67 51.11
C ILE D 59 10.26 -10.05 51.69
N PHE D 60 10.68 -11.03 50.86
CA PHE D 60 10.91 -12.44 51.27
C PHE D 60 12.42 -12.69 51.37
N GLY D 61 13.20 -11.62 51.25
CA GLY D 61 14.67 -11.70 51.39
C GLY D 61 15.39 -12.06 50.12
N HIS D 62 16.71 -12.10 50.18
CA HIS D 62 17.62 -12.50 49.07
C HIS D 62 17.45 -14.00 48.83
N ASN D 63 17.17 -14.40 47.59
CA ASN D 63 17.30 -15.80 47.12
C ASN D 63 16.52 -16.74 48.02
N HIS D 64 15.23 -16.46 48.24
CA HIS D 64 14.33 -17.28 49.08
C HIS D 64 14.25 -18.66 48.45
N PRO D 65 14.57 -19.73 49.22
CA PRO D 65 14.67 -21.07 48.64
C PRO D 65 13.43 -21.49 47.85
N GLU D 66 12.22 -21.16 48.32
CA GLU D 66 10.98 -21.44 47.58
C GLU D 66 11.00 -20.73 46.23
N ILE D 67 11.48 -19.50 46.14
CA ILE D 67 11.44 -18.74 44.86
C ILE D 67 12.51 -19.35 43.94
N ILE D 68 13.67 -19.67 44.47
CA ILE D 68 14.78 -20.29 43.68
C ILE D 68 14.32 -21.66 43.10
N ALA D 69 13.71 -22.49 43.93
CA ALA D 69 13.21 -23.83 43.52
C ALA D 69 12.16 -23.66 42.40
N HIS D 70 11.17 -22.78 42.61
CA HIS D 70 10.15 -22.45 41.57
C HIS D 70 10.85 -22.01 40.26
N ALA D 71 11.77 -21.06 40.34
CA ALA D 71 12.51 -20.60 39.13
C ALA D 71 13.20 -21.81 38.49
N LYS D 72 13.90 -22.63 39.27
CA LYS D 72 14.61 -23.80 38.69
C LYS D 72 13.62 -24.75 38.01
N ALA D 73 12.45 -25.00 38.63
CA ALA D 73 11.39 -25.88 38.06
C ALA D 73 10.86 -25.29 36.75
N ALA D 74 10.59 -23.98 36.70
CA ALA D 74 10.10 -23.32 35.48
C ALA D 74 11.11 -23.53 34.34
N LEU D 75 12.39 -23.36 34.61
CA LEU D 75 13.44 -23.53 33.57
C LEU D 75 13.53 -24.98 33.13
N ASP D 76 13.45 -25.94 34.05
CA ASP D 76 13.54 -27.40 33.75
C ASP D 76 12.30 -27.85 32.96
N ALA D 77 11.16 -27.20 33.14
CA ALA D 77 9.92 -27.53 32.40
C ALA D 77 9.95 -26.98 30.97
N GLY D 78 10.95 -26.19 30.58
CA GLY D 78 10.96 -25.54 29.26
C GLY D 78 9.85 -24.51 29.18
N THR D 79 9.64 -23.73 30.22
CA THR D 79 8.67 -22.60 30.14
C THR D 79 8.95 -21.81 28.87
N VAL D 80 7.90 -21.41 28.17
CA VAL D 80 8.07 -20.54 26.98
C VAL D 80 8.22 -19.10 27.51
N VAL D 81 9.45 -18.63 27.54
CA VAL D 81 9.79 -17.23 27.91
C VAL D 81 9.35 -16.28 26.79
N HIS D 82 9.70 -16.58 25.54
CA HIS D 82 9.41 -15.76 24.32
C HIS D 82 8.31 -16.39 23.48
N ALA D 83 7.06 -16.01 23.76
CA ALA D 83 5.83 -16.47 23.07
C ALA D 83 4.99 -15.25 22.65
N GLN D 84 5.64 -14.20 22.17
CA GLN D 84 4.97 -12.94 21.77
C GLN D 84 3.90 -13.26 20.72
N LEU D 85 2.78 -12.55 20.82
CA LEU D 85 1.60 -12.65 19.91
C LEU D 85 1.15 -14.12 19.84
N SER D 86 0.96 -14.71 21.03
CA SER D 86 0.27 -16.01 21.22
C SER D 86 -0.53 -15.92 22.51
N ARG D 87 -1.38 -16.88 22.80
CA ARG D 87 -2.21 -16.89 24.04
C ARG D 87 -1.29 -17.19 25.22
N GLN D 88 -1.25 -16.28 26.21
CA GLN D 88 -0.45 -16.40 27.45
C GLN D 88 -1.39 -16.22 28.64
N PRO D 89 -2.10 -17.30 29.02
CA PRO D 89 -3.15 -17.22 30.03
C PRO D 89 -2.67 -16.76 31.42
N ARG D 90 -1.37 -16.86 31.68
CA ARG D 90 -0.82 -16.53 33.02
C ARG D 90 -0.99 -15.03 33.27
N ALA D 91 -0.94 -14.21 32.22
CA ALA D 91 -1.17 -12.75 32.36
C ALA D 91 -2.54 -12.55 33.01
N ASN D 92 -3.57 -13.14 32.41
CA ASN D 92 -4.97 -13.02 32.91
C ASN D 92 -5.08 -13.59 34.33
N GLN D 93 -4.41 -14.70 34.63
CA GLN D 93 -4.50 -15.40 35.94
C GLN D 93 -3.87 -14.52 37.04
N ILE D 94 -2.71 -13.92 36.76
CA ILE D 94 -2.08 -12.91 37.65
C ILE D 94 -3.07 -11.74 37.85
N SER D 95 -3.72 -11.21 36.81
CA SER D 95 -4.55 -9.99 36.93
C SER D 95 -5.78 -10.38 37.75
N ARG D 96 -6.31 -11.58 37.52
CA ARG D 96 -7.47 -12.11 38.31
C ARG D 96 -7.13 -12.01 39.79
N ILE D 97 -5.92 -12.44 40.19
CA ILE D 97 -5.56 -12.56 41.63
C ILE D 97 -5.45 -11.16 42.21
N LEU D 98 -4.75 -10.26 41.54
CA LEU D 98 -4.57 -8.86 42.03
C LEU D 98 -5.94 -8.20 42.18
N ASN D 99 -6.82 -8.42 41.21
CA ASN D 99 -8.24 -7.95 41.16
C ASN D 99 -8.98 -8.37 42.45
N ASP D 100 -8.92 -9.67 42.79
CA ASP D 100 -9.56 -10.32 43.95
C ASP D 100 -8.96 -9.73 45.23
N ILE D 101 -7.63 -9.55 45.26
CA ILE D 101 -6.94 -8.98 46.45
C ILE D 101 -7.42 -7.53 46.61
N MET D 102 -7.43 -6.72 45.56
CA MET D 102 -7.83 -5.32 45.75
C MET D 102 -9.29 -5.22 46.20
N ARG D 103 -10.19 -6.07 45.69
CA ARG D 103 -11.62 -6.09 46.09
C ARG D 103 -11.72 -6.37 47.60
N ARG D 104 -11.03 -7.41 48.06
CA ARG D 104 -10.98 -7.84 49.46
C ARG D 104 -10.53 -6.67 50.35
N GLU D 105 -9.51 -5.93 49.94
CA GLU D 105 -8.84 -4.95 50.81
C GLU D 105 -9.55 -3.60 50.77
N THR D 106 -10.25 -3.25 49.68
CA THR D 106 -10.89 -1.91 49.54
C THR D 106 -12.41 -2.03 49.69
N GLY D 107 -12.94 -3.25 49.75
CA GLY D 107 -14.39 -3.52 49.65
C GLY D 107 -14.99 -3.04 48.34
N ARG D 108 -14.21 -2.56 47.36
CA ARG D 108 -14.77 -2.07 46.07
C ARG D 108 -14.76 -3.22 45.07
N ASP D 109 -15.87 -3.42 44.37
CA ASP D 109 -16.09 -4.55 43.46
C ASP D 109 -15.81 -4.01 42.07
N ASP D 110 -14.56 -3.57 41.84
CA ASP D 110 -14.10 -2.93 40.58
C ASP D 110 -13.23 -3.94 39.81
N ARG D 111 -13.19 -3.82 38.49
CA ARG D 111 -12.36 -4.72 37.67
C ARG D 111 -11.24 -3.92 37.00
N TYR D 112 -10.06 -4.53 36.89
CA TYR D 112 -8.82 -3.90 36.38
C TYR D 112 -8.25 -4.75 35.23
N ASN D 113 -7.93 -4.10 34.13
CA ASN D 113 -7.09 -4.68 33.07
C ASN D 113 -5.62 -4.53 33.46
N ALA D 114 -4.82 -5.55 33.14
CA ALA D 114 -3.36 -5.62 33.40
C ALA D 114 -2.60 -5.50 32.08
N ILE D 115 -1.57 -4.65 32.09
CA ILE D 115 -0.51 -4.54 31.06
C ILE D 115 0.81 -4.72 31.79
N PHE D 116 1.60 -5.71 31.39
CA PHE D 116 2.89 -6.01 32.05
C PHE D 116 4.01 -5.20 31.40
N ALA D 117 5.07 -4.97 32.16
CA ALA D 117 6.33 -4.39 31.65
C ALA D 117 7.52 -4.99 32.41
N ASN D 118 8.64 -4.26 32.40
CA ASN D 118 9.98 -4.78 32.79
C ASN D 118 10.56 -4.01 33.99
N SER D 119 9.92 -2.93 34.38
CA SER D 119 10.45 -2.03 35.41
C SER D 119 9.29 -1.18 35.90
N GLY D 120 9.43 -0.60 37.09
CA GLY D 120 8.40 0.27 37.65
C GLY D 120 8.21 1.52 36.82
N ALA D 121 9.27 2.08 36.27
CA ALA D 121 9.18 3.25 35.38
C ALA D 121 8.36 2.84 34.15
N GLU D 122 8.52 1.61 33.67
CA GLU D 122 7.84 1.18 32.43
C GLU D 122 6.34 1.05 32.71
N ALA D 123 5.95 0.62 33.93
CA ALA D 123 4.55 0.48 34.32
C ALA D 123 3.91 1.88 34.48
N ASN D 124 4.63 2.77 35.13
CA ASN D 124 4.25 4.18 35.30
C ASN D 124 4.07 4.81 33.91
N GLU D 125 4.88 4.43 32.93
CA GLU D 125 4.83 5.08 31.59
C GLU D 125 3.69 4.50 30.75
N ILE D 126 3.38 3.22 30.92
CA ILE D 126 2.11 2.63 30.43
C ILE D 126 0.91 3.48 30.93
N CYS D 127 0.93 3.91 32.18
CA CYS D 127 -0.18 4.69 32.81
C CYS D 127 -0.19 6.13 32.23
N MET D 128 0.97 6.71 31.98
CA MET D 128 1.11 8.05 31.38
C MET D 128 0.51 8.00 29.96
N LYS D 129 0.84 6.97 29.19
CA LYS D 129 0.36 6.75 27.80
C LYS D 129 -1.16 6.52 27.83
N HIS D 130 -1.63 5.63 28.68
CA HIS D 130 -3.09 5.35 28.73
C HIS D 130 -3.82 6.63 29.15
N ALA D 131 -3.25 7.39 30.07
CA ALA D 131 -3.80 8.70 30.51
C ALA D 131 -3.95 9.63 29.32
N GLU D 132 -2.90 9.70 28.50
CA GLU D 132 -2.87 10.58 27.32
C GLU D 132 -3.89 10.04 26.30
N LEU D 133 -4.11 8.72 26.22
CA LEU D 133 -5.17 8.19 25.31
C LEU D 133 -6.54 8.72 25.79
N GLU D 134 -6.77 8.73 27.11
CA GLU D 134 -8.06 9.19 27.69
C GLU D 134 -8.23 10.68 27.44
N ARG D 135 -7.14 11.45 27.44
CA ARG D 135 -7.17 12.92 27.25
C ARG D 135 -7.45 13.21 25.76
N GLN D 136 -6.94 12.40 24.85
CA GLN D 136 -7.24 12.53 23.40
C GLN D 136 -8.73 12.24 23.16
N GLU D 137 -9.29 11.19 23.75
CA GLU D 137 -10.75 10.94 23.72
C GLU D 137 -11.51 12.21 24.15
N ARG D 138 -11.20 12.77 25.33
CA ARG D 138 -11.90 13.94 25.93
C ARG D 138 -11.76 15.11 24.97
N ILE D 139 -10.59 15.27 24.40
CA ILE D 139 -10.27 16.35 23.44
C ILE D 139 -11.09 16.17 22.15
N THR D 140 -11.09 14.97 21.56
CA THR D 140 -11.92 14.74 20.34
C THR D 140 -13.38 15.16 20.59
N ALA D 141 -13.92 14.81 21.76
CA ALA D 141 -15.35 14.97 22.09
C ALA D 141 -15.65 16.47 22.20
N LEU D 142 -14.78 17.20 22.91
CA LEU D 142 -14.90 18.66 23.16
C LEU D 142 -14.90 19.39 21.82
N PHE D 143 -13.96 19.04 20.94
CA PHE D 143 -13.75 19.66 19.61
C PHE D 143 -14.95 19.32 18.71
N ALA D 144 -15.48 18.11 18.81
CA ALA D 144 -16.73 17.69 18.14
C ALA D 144 -17.89 18.61 18.57
N GLU D 145 -18.01 18.91 19.86
CA GLU D 145 -19.12 19.78 20.34
C GLU D 145 -18.90 21.22 19.86
N ILE D 146 -17.63 21.67 19.84
CA ILE D 146 -17.28 23.07 19.47
C ILE D 146 -17.65 23.28 18.00
N ASP D 147 -17.32 22.33 17.12
CA ASP D 147 -17.75 22.37 15.68
C ASP D 147 -19.27 22.54 15.61
N ALA D 148 -20.05 21.67 16.26
CA ALA D 148 -21.52 21.76 16.36
C ALA D 148 -21.95 23.17 16.82
N GLU D 149 -21.41 23.69 17.95
CA GLU D 149 -21.70 25.06 18.46
C GLU D 149 -21.34 26.11 17.39
N LEU D 150 -20.26 25.92 16.64
CA LEU D 150 -19.83 26.87 15.58
C LEU D 150 -20.81 26.81 14.40
N ASP D 151 -21.20 25.61 13.94
CA ASP D 151 -22.24 25.40 12.89
C ASP D 151 -23.53 26.15 13.29
N THR D 152 -24.00 25.95 14.53
CA THR D 152 -25.29 26.50 15.05
C THR D 152 -25.20 28.02 15.23
N ALA D 153 -24.01 28.56 15.47
CA ALA D 153 -23.78 30.00 15.67
C ALA D 153 -23.67 30.69 14.31
N ARG D 154 -23.14 29.99 13.30
CA ARG D 154 -22.94 30.50 11.92
C ARG D 154 -24.27 30.48 11.15
N GLU D 155 -25.12 29.48 11.43
CA GLU D 155 -26.49 29.36 10.87
C GLU D 155 -27.34 30.52 11.39
N ALA D 156 -27.27 30.78 12.69
CA ALA D 156 -28.02 31.84 13.38
C ALA D 156 -27.56 33.21 12.87
N LEU D 157 -26.25 33.38 12.64
CA LEU D 157 -25.64 34.70 12.30
C LEU D 157 -25.87 35.02 10.83
N THR D 158 -25.71 34.05 9.93
CA THR D 158 -25.84 34.26 8.45
C THR D 158 -27.30 34.49 8.07
N THR D 159 -28.24 33.67 8.57
CA THR D 159 -29.71 33.78 8.36
C THR D 159 -30.20 35.13 8.90
N GLY D 160 -29.63 35.62 10.01
CA GLY D 160 -29.99 36.90 10.65
C GLY D 160 -30.80 36.71 11.93
N THR D 161 -31.05 35.45 12.33
CA THR D 161 -31.83 35.12 13.56
C THR D 161 -31.13 35.71 14.80
N ALA D 162 -29.81 35.94 14.76
CA ALA D 162 -29.03 36.49 15.90
C ALA D 162 -27.91 37.43 15.41
N THR D 163 -27.41 38.26 16.34
CA THR D 163 -26.31 39.25 16.13
C THR D 163 -25.11 38.85 17.00
N LEU D 164 -23.89 39.05 16.50
CA LEU D 164 -22.64 38.79 17.27
C LEU D 164 -22.45 39.94 18.29
N ASP D 165 -22.24 39.62 19.56
CA ASP D 165 -21.91 40.61 20.63
C ASP D 165 -20.41 40.92 20.57
N THR D 166 -20.09 42.19 20.32
CA THR D 166 -18.73 42.69 19.98
C THR D 166 -17.93 42.96 21.27
N ALA D 167 -18.54 42.89 22.46
CA ALA D 167 -17.86 43.00 23.78
C ALA D 167 -17.06 41.73 24.10
N SER D 168 -17.37 40.63 23.40
CA SER D 168 -16.73 39.29 23.55
C SER D 168 -15.60 39.14 22.51
N LEU D 169 -15.45 40.08 21.57
CA LEU D 169 -14.49 39.99 20.43
C LEU D 169 -13.02 40.14 20.89
N PRO D 170 -12.71 40.80 22.03
CA PRO D 170 -11.34 40.75 22.55
C PRO D 170 -10.77 39.32 22.46
N LEU D 171 -11.50 38.28 22.90
CA LEU D 171 -11.01 36.88 23.05
C LEU D 171 -10.32 36.41 21.77
N VAL D 172 -10.80 36.85 20.60
CA VAL D 172 -10.04 36.77 19.32
C VAL D 172 -9.34 38.12 19.10
N ASP D 178 -16.53 40.15 11.79
CA ASP D 178 -16.88 39.30 10.61
C ASP D 178 -16.95 37.83 11.03
N VAL D 179 -18.06 37.15 10.72
CA VAL D 179 -18.38 35.75 11.10
C VAL D 179 -17.22 34.82 10.73
N ASP D 180 -17.04 34.55 9.44
CA ASP D 180 -16.11 33.52 8.90
C ASP D 180 -14.70 33.73 9.45
N GLY D 181 -14.29 35.00 9.65
CA GLY D 181 -12.96 35.38 10.15
C GLY D 181 -12.78 35.06 11.64
N VAL D 182 -13.81 35.34 12.44
CA VAL D 182 -13.79 35.09 13.91
C VAL D 182 -13.72 33.57 14.13
N ILE D 183 -14.30 32.77 13.23
CA ILE D 183 -14.35 31.29 13.31
C ILE D 183 -12.97 30.72 12.97
N ALA D 184 -12.35 31.23 11.91
CA ALA D 184 -10.97 30.85 11.51
C ALA D 184 -10.03 31.14 12.70
N ASP D 185 -10.17 32.30 13.35
CA ASP D 185 -9.31 32.77 14.48
C ASP D 185 -9.49 31.87 15.71
N ILE D 186 -10.70 31.34 15.89
CA ILE D 186 -11.09 30.35 16.93
C ILE D 186 -10.42 29.00 16.61
N HIS D 187 -10.55 28.53 15.37
CA HIS D 187 -9.94 27.26 14.90
C HIS D 187 -8.41 27.33 15.05
N ARG D 188 -7.82 28.51 14.87
CA ARG D 188 -6.35 28.71 14.94
C ARG D 188 -5.95 28.67 16.43
N HIS D 189 -6.63 29.43 17.27
CA HIS D 189 -6.42 29.43 18.75
C HIS D 189 -6.54 27.99 19.27
N ASN D 190 -7.60 27.29 18.86
CA ASN D 190 -7.99 25.97 19.42
C ASN D 190 -6.92 24.94 19.02
N ASP D 191 -6.44 24.98 17.77
CA ASP D 191 -5.44 24.01 17.23
C ASP D 191 -4.11 24.23 17.96
N GLU D 192 -3.71 25.50 18.14
CA GLU D 192 -2.56 25.89 18.99
C GLU D 192 -2.69 25.13 20.31
N ARG D 193 -3.79 25.35 21.04
CA ARG D 193 -4.01 24.78 22.41
C ARG D 193 -3.96 23.24 22.34
N ARG D 194 -4.50 22.67 21.26
CA ARG D 194 -4.69 21.22 21.14
C ARG D 194 -3.34 20.52 21.14
N ALA D 195 -2.36 21.11 20.46
CA ALA D 195 -1.02 20.52 20.27
C ALA D 195 -0.08 20.85 21.45
N GLU D 196 -0.47 21.64 22.45
CA GLU D 196 0.40 21.92 23.64
C GLU D 196 0.60 20.65 24.47
N ARG D 197 1.78 20.47 25.03
CA ARG D 197 2.07 19.33 25.91
C ARG D 197 1.02 19.32 27.02
N PRO D 198 0.64 18.13 27.54
CA PRO D 198 -0.13 18.04 28.78
C PRO D 198 0.72 18.28 30.02
N LEU D 199 0.07 18.37 31.16
CA LEU D 199 0.77 18.45 32.46
C LEU D 199 0.54 17.13 33.21
N PHE D 200 1.42 16.74 34.12
CA PHE D 200 1.14 15.68 35.11
C PHE D 200 1.19 16.35 36.47
N LEU D 201 0.38 15.88 37.42
CA LEU D 201 0.41 16.36 38.80
C LEU D 201 1.01 15.26 39.65
N THR D 202 1.99 15.64 40.48
CA THR D 202 2.70 14.73 41.43
C THR D 202 2.75 15.46 42.75
N LEU D 203 3.21 14.79 43.80
CA LEU D 203 3.49 15.43 45.11
C LEU D 203 4.94 15.91 45.12
N ASP D 204 5.25 16.88 46.00
CA ASP D 204 6.66 17.29 46.25
C ASP D 204 7.41 16.03 46.77
N GLY D 205 8.66 15.81 46.34
CA GLY D 205 9.47 14.68 46.80
C GLY D 205 9.12 13.38 46.09
N SER D 206 8.28 13.44 45.05
CA SER D 206 7.73 12.28 44.29
C SER D 206 8.87 11.54 43.61
N PHE D 207 8.82 10.22 43.63
CA PHE D 207 9.72 9.40 42.81
C PHE D 207 8.88 8.42 41.99
N HIS D 208 8.92 8.52 40.65
CA HIS D 208 8.11 7.67 39.72
C HIS D 208 8.96 7.02 38.61
N GLY D 209 10.29 7.05 38.72
CA GLY D 209 11.24 6.50 37.73
C GLY D 209 12.07 7.56 37.04
N LYS D 210 12.99 7.10 36.19
CA LYS D 210 14.06 7.94 35.61
C LYS D 210 14.15 7.77 34.08
N LEU D 211 13.09 7.35 33.40
CA LEU D 211 13.11 7.30 31.92
C LEU D 211 12.63 8.67 31.38
N VAL D 212 12.51 8.83 30.08
CA VAL D 212 12.36 10.18 29.44
C VAL D 212 11.06 10.80 29.94
N GLY D 213 9.98 10.02 29.93
CA GLY D 213 8.65 10.36 30.48
C GLY D 213 8.70 10.50 31.99
N SER D 214 9.07 9.43 32.71
CA SER D 214 8.86 9.31 34.17
C SER D 214 9.73 10.30 34.95
N ILE D 215 10.95 10.63 34.46
CA ILE D 215 11.91 11.48 35.22
C ILE D 215 11.26 12.86 35.44
N GLN D 216 10.46 13.35 34.49
CA GLN D 216 9.78 14.65 34.68
C GLN D 216 8.85 14.53 35.90
N LEU D 217 8.46 13.30 36.27
CA LEU D 217 7.48 13.08 37.39
C LEU D 217 8.28 12.91 38.69
N THR D 218 9.61 13.03 38.63
CA THR D 218 10.51 12.75 39.78
C THR D 218 11.13 14.09 40.23
N GLN D 219 10.87 14.48 41.49
CA GLN D 219 11.27 15.78 42.07
C GLN D 219 12.80 15.94 42.04
N ASN D 220 13.55 14.95 42.57
CA ASN D 220 15.02 15.06 42.82
C ASN D 220 15.64 15.91 41.70
N GLU D 221 16.07 17.13 42.01
CA GLU D 221 16.39 18.20 41.00
C GLU D 221 17.58 17.82 40.12
N PRO D 222 18.70 17.34 40.70
CA PRO D 222 19.85 16.96 39.88
C PRO D 222 19.50 15.79 38.95
N TRP D 223 18.51 14.95 39.30
CA TRP D 223 18.14 13.76 38.47
C TRP D 223 17.29 14.21 37.28
N ARG D 224 16.57 15.32 37.44
CA ARG D 224 15.47 15.69 36.52
C ARG D 224 15.85 16.91 35.69
N THR D 225 16.34 17.99 36.29
CA THR D 225 16.38 19.34 35.64
C THR D 225 17.20 19.30 34.35
N PRO D 226 18.19 18.39 34.17
CA PRO D 226 18.96 18.34 32.92
C PRO D 226 18.13 17.85 31.71
N PHE D 227 16.98 17.21 31.97
CA PHE D 227 16.15 16.50 30.97
C PHE D 227 14.83 17.25 30.74
N THR D 228 14.62 18.39 31.42
CA THR D 228 13.37 19.20 31.41
C THR D 228 12.77 19.37 30.02
N ALA D 229 13.61 19.62 29.03
CA ALA D 229 13.20 19.97 27.64
C ALA D 229 12.63 18.78 26.88
N LEU D 230 12.85 17.54 27.34
CA LEU D 230 12.55 16.32 26.55
C LEU D 230 11.05 16.02 26.57
N SER D 231 10.39 16.22 27.70
CA SER D 231 9.08 15.57 27.97
C SER D 231 8.14 16.48 28.76
N SER D 232 6.85 16.17 28.73
CA SER D 232 5.80 16.89 29.49
C SER D 232 6.22 16.99 30.94
N PRO D 233 6.09 18.18 31.54
CA PRO D 233 6.42 18.33 32.95
C PRO D 233 5.27 17.93 33.90
N ALA D 234 5.64 17.87 35.17
CA ALA D 234 4.83 17.65 36.36
C ALA D 234 4.78 18.98 37.12
N ARG D 235 3.64 19.28 37.71
CA ARG D 235 3.57 20.26 38.81
C ARG D 235 3.59 19.42 40.07
N PHE D 236 4.57 19.70 40.91
CA PHE D 236 4.81 19.06 42.22
C PHE D 236 3.98 19.79 43.25
N LEU D 237 2.91 19.17 43.71
CA LEU D 237 1.94 19.79 44.65
C LEU D 237 2.47 19.66 46.07
N PRO D 238 2.37 20.74 46.88
CA PRO D 238 2.90 20.73 48.24
C PRO D 238 2.06 19.86 49.19
N ALA D 239 2.57 18.67 49.54
CA ALA D 239 1.86 17.58 50.25
C ALA D 239 1.39 18.08 51.61
N ASP D 240 2.25 18.82 52.35
CA ASP D 240 2.00 19.25 53.75
C ASP D 240 1.16 20.52 53.80
N GLU D 241 1.18 21.35 52.75
CA GLU D 241 0.47 22.65 52.68
C GLU D 241 -0.66 22.56 51.64
N PRO D 242 -1.62 21.62 51.79
CA PRO D 242 -2.55 21.30 50.71
C PRO D 242 -3.71 22.30 50.51
N GLU D 243 -3.72 23.37 51.30
CA GLU D 243 -4.64 24.51 51.10
C GLU D 243 -4.18 25.31 49.86
N LEU D 244 -2.93 25.11 49.42
CA LEU D 244 -2.31 25.77 48.22
C LEU D 244 -2.52 24.97 46.92
N ILE D 245 -2.78 23.67 46.98
CA ILE D 245 -2.87 22.79 45.78
C ILE D 245 -3.94 23.34 44.82
N GLY D 246 -5.11 23.64 45.38
CA GLY D 246 -6.29 24.21 44.70
C GLY D 246 -5.91 25.36 43.79
N LYS D 247 -5.14 26.31 44.31
CA LYS D 247 -4.72 27.53 43.57
C LYS D 247 -3.70 27.15 42.51
N ILE D 248 -2.77 26.23 42.82
CA ILE D 248 -1.72 25.82 41.86
C ILE D 248 -2.39 25.18 40.63
N VAL D 249 -3.42 24.35 40.82
CA VAL D 249 -4.07 23.65 39.68
C VAL D 249 -4.98 24.63 38.97
N GLU D 250 -5.62 25.53 39.70
CA GLU D 250 -6.45 26.60 39.07
C GLU D 250 -5.55 27.45 38.18
N ASP D 251 -4.32 27.79 38.57
CA ASP D 251 -3.39 28.53 37.66
C ASP D 251 -3.21 27.79 36.34
N GLU D 252 -3.31 26.45 36.33
CA GLU D 252 -2.99 25.60 35.15
C GLU D 252 -4.19 25.41 34.22
N ARG D 253 -5.37 25.87 34.62
CA ARG D 253 -6.58 25.83 33.75
C ARG D 253 -6.18 26.49 32.42
N ARG D 254 -6.62 25.94 31.30
CA ARG D 254 -6.48 26.54 29.94
C ARG D 254 -7.82 26.37 29.21
N SER D 255 -8.15 27.37 28.37
CA SER D 255 -9.45 27.56 27.68
C SER D 255 -9.27 27.22 26.20
N VAL D 256 -10.29 26.67 25.58
CA VAL D 256 -10.51 26.80 24.11
C VAL D 256 -11.65 27.81 23.91
N LEU D 257 -11.89 28.19 22.66
CA LEU D 257 -12.94 29.18 22.32
C LEU D 257 -14.00 28.47 21.50
N THR D 258 -15.25 28.94 21.67
CA THR D 258 -16.39 28.54 20.83
C THR D 258 -17.32 29.73 20.70
N LEU D 259 -18.36 29.58 19.89
CA LEU D 259 -19.49 30.54 19.85
C LEU D 259 -20.71 29.94 20.59
N SER D 260 -21.27 30.73 21.50
CA SER D 260 -22.44 30.39 22.36
C SER D 260 -23.66 31.15 21.85
N LEU D 261 -24.69 30.44 21.38
CA LEU D 261 -25.97 31.03 20.88
C LEU D 261 -26.96 31.12 22.05
N ASP D 262 -27.65 32.25 22.19
CA ASP D 262 -28.73 32.47 23.18
C ASP D 262 -29.94 32.96 22.37
N LYS D 263 -30.16 32.44 21.17
CA LYS D 263 -31.34 32.76 20.30
C LYS D 263 -31.16 34.12 19.59
N ASP D 264 -30.99 35.23 20.32
CA ASP D 264 -30.89 36.63 19.76
C ASP D 264 -29.41 37.04 19.61
N THR D 265 -28.58 36.65 20.58
CA THR D 265 -27.17 37.11 20.73
C THR D 265 -26.22 35.90 20.63
N VAL D 266 -25.14 36.04 19.85
CA VAL D 266 -23.97 35.10 19.77
C VAL D 266 -22.77 35.78 20.44
N ARG D 267 -22.05 35.03 21.27
CA ARG D 267 -20.87 35.51 22.05
C ARG D 267 -19.73 34.50 21.88
N VAL D 268 -18.50 35.00 21.65
CA VAL D 268 -17.26 34.20 21.82
C VAL D 268 -17.12 33.97 23.32
N VAL D 269 -16.94 32.73 23.74
CA VAL D 269 -16.76 32.35 25.17
C VAL D 269 -15.65 31.32 25.25
N GLU D 270 -14.95 31.36 26.38
CA GLU D 270 -13.94 30.34 26.79
C GLU D 270 -14.70 29.11 27.29
N ARG D 271 -14.16 27.92 27.05
CA ARG D 271 -14.59 26.62 27.61
C ARG D 271 -13.35 25.90 28.15
N ASP D 272 -13.49 25.02 29.16
CA ASP D 272 -12.33 24.31 29.76
C ASP D 272 -11.65 23.43 28.69
N PHE D 273 -10.32 23.47 28.60
CA PHE D 273 -9.54 22.49 27.81
C PHE D 273 -8.92 21.49 28.77
N PRO D 274 -8.98 20.14 28.53
CA PRO D 274 -8.28 19.16 29.37
C PRO D 274 -6.75 19.17 29.15
N VAL D 275 -6.03 19.67 30.16
CA VAL D 275 -4.57 19.90 30.16
C VAL D 275 -3.90 18.80 30.99
N VAL D 276 -4.48 18.40 32.10
CA VAL D 276 -3.82 17.42 33.02
C VAL D 276 -4.11 16.00 32.54
N ALA D 277 -3.08 15.26 32.13
CA ALA D 277 -3.15 13.84 31.69
C ALA D 277 -3.41 12.95 32.91
N ALA D 278 -2.72 13.18 34.02
CA ALA D 278 -2.86 12.29 35.19
C ALA D 278 -2.31 12.94 36.45
N ILE D 279 -2.78 12.44 37.59
CA ILE D 279 -2.25 12.63 38.96
C ILE D 279 -1.54 11.32 39.38
N PHE D 280 -0.29 11.45 39.84
CA PHE D 280 0.52 10.32 40.38
C PHE D 280 0.66 10.49 41.89
N VAL D 281 0.57 9.37 42.62
CA VAL D 281 0.79 9.39 44.08
C VAL D 281 1.43 8.08 44.51
N GLU D 282 2.33 8.19 45.48
CA GLU D 282 2.91 7.03 46.21
C GLU D 282 2.21 6.98 47.55
N PRO D 283 1.60 5.85 47.95
CA PRO D 283 0.96 5.77 49.27
C PRO D 283 1.94 6.07 50.41
N VAL D 284 3.21 5.68 50.25
CA VAL D 284 4.33 6.01 51.17
C VAL D 284 5.42 6.62 50.30
N ARG D 285 5.83 7.84 50.61
CA ARG D 285 6.52 8.72 49.64
C ARG D 285 8.03 8.49 49.77
N GLY D 286 8.54 7.50 49.00
CA GLY D 286 9.97 7.12 48.88
C GLY D 286 10.89 8.32 48.81
N GLY D 287 10.66 9.23 47.86
CA GLY D 287 11.54 10.40 47.66
C GLY D 287 11.39 11.48 48.73
N SER D 288 10.43 11.35 49.63
CA SER D 288 10.16 12.32 50.73
C SER D 288 10.62 11.74 52.07
N GLY D 289 11.28 10.57 52.07
CA GLY D 289 11.79 9.90 53.28
C GLY D 289 10.73 9.06 53.98
N MET D 290 9.85 8.41 53.22
CA MET D 290 8.91 7.35 53.67
C MET D 290 7.70 7.96 54.40
N LYS D 291 7.29 9.19 54.03
CA LYS D 291 6.11 9.84 54.62
C LYS D 291 4.84 9.18 54.03
N THR D 292 3.96 8.68 54.89
CA THR D 292 2.65 8.14 54.45
C THR D 292 1.74 9.33 54.06
N VAL D 293 0.99 9.20 52.97
CA VAL D 293 -0.06 10.15 52.54
C VAL D 293 -1.08 10.24 53.67
N THR D 294 -1.41 11.45 54.10
CA THR D 294 -2.42 11.73 55.18
C THR D 294 -3.83 11.64 54.59
N PRO D 295 -4.86 11.37 55.42
CA PRO D 295 -6.23 11.41 54.93
C PRO D 295 -6.58 12.74 54.25
N GLU D 296 -6.12 13.88 54.81
CA GLU D 296 -6.46 15.20 54.24
C GLU D 296 -5.90 15.28 52.83
N LEU D 297 -4.71 14.73 52.59
CA LEU D 297 -4.06 14.84 51.25
C LEU D 297 -4.77 13.89 50.26
N ALA D 298 -5.05 12.65 50.70
CA ALA D 298 -5.82 11.66 49.94
C ALA D 298 -7.10 12.36 49.46
N GLU D 299 -7.71 13.16 50.31
CA GLU D 299 -9.04 13.73 49.94
C GLU D 299 -8.80 14.90 48.99
N GLU D 300 -7.67 15.60 49.09
CA GLU D 300 -7.38 16.64 48.07
C GLU D 300 -7.16 15.99 46.70
N LEU D 301 -6.53 14.79 46.67
CA LEU D 301 -6.18 14.09 45.40
C LEU D 301 -7.44 13.56 44.71
N HIS D 302 -8.34 12.97 45.48
CA HIS D 302 -9.73 12.58 45.10
C HIS D 302 -10.49 13.78 44.52
N ARG D 303 -10.52 14.91 45.23
CA ARG D 303 -11.19 16.11 44.73
C ARG D 303 -10.65 16.41 43.34
N LEU D 304 -9.30 16.43 43.23
CA LEU D 304 -8.61 16.88 42.00
C LEU D 304 -9.02 15.97 40.84
N ARG D 305 -8.93 14.64 41.06
CA ARG D 305 -9.28 13.57 40.10
C ARG D 305 -10.74 13.74 39.65
N ASP D 306 -11.68 13.78 40.60
CA ASP D 306 -13.11 14.05 40.29
C ASP D 306 -13.24 15.38 39.53
N THR D 307 -12.50 16.41 39.91
CA THR D 307 -12.65 17.77 39.32
C THR D 307 -12.09 17.81 37.92
N LEU D 308 -10.89 17.29 37.66
CA LEU D 308 -10.19 17.44 36.34
C LEU D 308 -10.65 16.33 35.40
N GLY D 309 -11.12 15.21 35.98
CA GLY D 309 -11.57 14.02 35.23
C GLY D 309 -10.42 13.33 34.51
N CYS D 310 -9.18 13.57 34.92
CA CYS D 310 -8.02 12.69 34.57
C CYS D 310 -7.93 11.57 35.60
N PRO D 311 -7.23 10.45 35.30
CA PRO D 311 -7.06 9.39 36.30
C PRO D 311 -6.06 9.79 37.38
N LEU D 312 -6.31 9.24 38.56
CA LEU D 312 -5.36 9.16 39.70
C LEU D 312 -4.59 7.83 39.57
N VAL D 313 -3.28 7.93 39.28
CA VAL D 313 -2.35 6.79 39.20
C VAL D 313 -1.67 6.63 40.56
N VAL D 314 -1.88 5.48 41.17
CA VAL D 314 -1.26 5.08 42.46
C VAL D 314 -0.06 4.20 42.14
N ASP D 315 1.13 4.76 42.39
CA ASP D 315 2.43 4.06 42.20
C ASP D 315 2.70 3.22 43.45
N GLU D 316 2.53 1.91 43.36
CA GLU D 316 2.83 0.96 44.46
C GLU D 316 3.99 0.09 44.03
N VAL D 317 4.86 0.66 43.20
CA VAL D 317 6.13 0.01 42.79
C VAL D 317 6.93 -0.42 44.02
N GLN D 318 6.95 0.40 45.07
CA GLN D 318 7.63 0.11 46.37
C GLN D 318 6.65 -0.33 47.47
N THR D 319 5.45 0.26 47.56
CA THR D 319 4.50 0.04 48.69
C THR D 319 3.70 -1.26 48.54
N GLY D 320 3.55 -1.80 47.35
CA GLY D 320 2.80 -3.04 47.08
C GLY D 320 3.49 -4.34 47.55
N ILE D 321 2.74 -5.42 47.42
CA ILE D 321 3.12 -6.83 47.66
C ILE D 321 3.57 -6.93 49.12
N GLY D 322 2.80 -6.27 50.02
CA GLY D 322 2.68 -6.57 51.45
C GLY D 322 3.54 -5.69 52.34
N ARG D 323 4.40 -4.89 51.74
CA ARG D 323 5.41 -4.06 52.42
C ARG D 323 4.77 -3.28 53.56
N THR D 324 3.58 -2.70 53.37
CA THR D 324 2.95 -1.80 54.37
C THR D 324 2.09 -2.61 55.34
N GLY D 325 2.01 -3.94 55.19
CA GLY D 325 1.20 -4.80 56.08
C GLY D 325 -0.19 -5.04 55.52
N ALA D 326 -0.44 -4.55 54.30
CA ALA D 326 -1.53 -4.98 53.40
C ALA D 326 -0.90 -5.20 52.02
N PHE D 327 -1.54 -5.93 51.11
CA PHE D 327 -1.02 -6.04 49.72
C PHE D 327 -0.92 -4.65 49.10
N PHE D 328 -1.99 -3.88 49.08
CA PHE D 328 -1.95 -2.48 48.58
C PHE D 328 -1.89 -1.51 49.76
N GLY D 329 -0.89 -0.65 49.77
CA GLY D 329 -0.78 0.49 50.70
C GLY D 329 -1.84 1.55 50.41
N SER D 330 -2.33 1.65 49.18
CA SER D 330 -3.45 2.55 48.80
C SER D 330 -4.71 2.13 49.59
N ALA D 331 -4.89 0.81 49.77
CA ALA D 331 -6.05 0.17 50.42
C ALA D 331 -5.97 0.47 51.92
N LEU D 332 -4.77 0.39 52.47
CA LEU D 332 -4.47 0.66 53.90
C LEU D 332 -4.78 2.12 54.23
N LEU D 333 -4.47 3.06 53.34
CA LEU D 333 -4.51 4.52 53.62
C LEU D 333 -5.71 5.21 52.95
N GLY D 334 -6.62 4.45 52.32
CA GLY D 334 -7.83 4.98 51.66
C GLY D 334 -7.54 5.82 50.43
N ILE D 335 -6.53 5.48 49.62
CA ILE D 335 -6.30 6.22 48.34
C ILE D 335 -7.06 5.46 47.24
N ARG D 336 -8.03 6.11 46.59
CA ARG D 336 -8.94 5.45 45.61
C ARG D 336 -8.44 5.81 44.22
N GLY D 337 -7.48 5.02 43.74
CA GLY D 337 -6.82 5.24 42.44
C GLY D 337 -7.67 4.71 41.30
N ASP D 338 -7.48 5.25 40.10
CA ASP D 338 -8.04 4.73 38.83
C ASP D 338 -7.11 3.66 38.25
N TYR D 339 -5.80 3.90 38.23
CA TYR D 339 -4.72 2.97 37.77
C TYR D 339 -3.77 2.72 38.95
N TYR D 340 -3.20 1.52 38.98
CA TYR D 340 -2.24 1.08 40.02
C TYR D 340 -0.98 0.51 39.34
N THR D 341 0.21 0.69 39.91
CA THR D 341 1.42 0.07 39.31
C THR D 341 2.14 -0.72 40.40
N LEU D 342 2.66 -1.87 40.01
CA LEU D 342 3.47 -2.77 40.86
C LEU D 342 4.77 -3.14 40.11
N ALA D 343 5.86 -3.30 40.85
CA ALA D 343 7.10 -3.89 40.35
C ALA D 343 7.83 -4.60 41.52
N LYS D 344 8.88 -3.95 42.03
CA LYS D 344 9.89 -4.48 42.98
C LYS D 344 9.65 -5.95 43.34
N ALA D 345 8.82 -6.28 44.33
CA ALA D 345 8.83 -7.61 44.99
C ALA D 345 8.24 -8.71 44.10
N ILE D 346 7.54 -8.31 43.03
CA ILE D 346 6.77 -9.25 42.17
C ILE D 346 7.72 -10.13 41.37
N GLY D 347 8.99 -9.73 41.24
CA GLY D 347 10.07 -10.53 40.60
C GLY D 347 10.72 -11.55 41.53
N GLY D 348 10.26 -11.68 42.78
CA GLY D 348 10.79 -12.66 43.76
C GLY D 348 12.25 -12.41 44.15
N GLY D 349 12.75 -11.20 43.85
CA GLY D 349 14.15 -10.83 44.12
C GLY D 349 15.14 -11.36 43.07
N ILE D 350 14.67 -12.02 42.01
CA ILE D 350 15.52 -12.70 41.00
C ILE D 350 15.17 -12.25 39.57
N VAL D 351 13.91 -11.99 39.23
CA VAL D 351 13.55 -11.61 37.82
C VAL D 351 12.92 -10.21 37.79
N LYS D 352 12.62 -9.70 36.59
CA LYS D 352 12.18 -8.28 36.43
C LYS D 352 10.81 -8.27 35.77
N ASN D 353 9.86 -7.65 36.46
CA ASN D 353 8.41 -7.77 36.16
C ASN D 353 7.73 -6.52 36.70
N SER D 354 6.75 -6.02 35.99
CA SER D 354 5.94 -4.89 36.49
C SER D 354 4.56 -4.98 35.86
N VAL D 355 3.59 -4.32 36.49
CA VAL D 355 2.20 -4.35 35.96
C VAL D 355 1.51 -3.00 36.21
N ALA D 356 0.74 -2.54 35.23
CA ALA D 356 -0.18 -1.41 35.36
C ALA D 356 -1.59 -2.03 35.41
N LEU D 357 -2.37 -1.70 36.43
CA LEU D 357 -3.80 -2.10 36.53
C LEU D 357 -4.63 -0.87 36.23
N ILE D 358 -5.42 -0.92 35.16
CA ILE D 358 -6.24 0.22 34.66
C ILE D 358 -7.73 -0.17 34.79
N ARG D 359 -8.55 0.63 35.47
CA ARG D 359 -9.96 0.24 35.77
C ARG D 359 -10.62 -0.02 34.42
N GLN D 360 -11.35 -1.13 34.31
CA GLN D 360 -11.90 -1.61 33.02
C GLN D 360 -12.92 -0.62 32.46
N ASP D 361 -13.61 0.15 33.29
CA ASP D 361 -14.59 1.17 32.82
C ASP D 361 -13.84 2.32 32.12
N ARG D 362 -12.55 2.53 32.38
CA ARG D 362 -11.76 3.61 31.73
C ARG D 362 -10.86 3.05 30.61
N PHE D 363 -10.57 1.75 30.60
CA PHE D 363 -9.52 1.10 29.78
C PHE D 363 -9.90 1.15 28.30
N LEU D 364 -9.03 1.68 27.46
CA LEU D 364 -9.25 1.91 26.02
C LEU D 364 -8.62 0.73 25.29
N PRO D 365 -9.42 -0.10 24.60
CA PRO D 365 -8.94 -1.43 24.19
C PRO D 365 -7.82 -1.33 23.15
N ALA D 366 -7.67 -0.17 22.48
CA ALA D 366 -6.55 0.12 21.56
C ALA D 366 -5.19 -0.20 22.22
N MET D 367 -5.07 0.11 23.52
CA MET D 367 -3.85 -0.01 24.35
C MET D 367 -3.38 -1.47 24.32
N GLU D 368 -4.29 -2.43 24.27
CA GLU D 368 -3.97 -3.90 24.28
C GLU D 368 -3.22 -4.27 23.00
N VAL D 369 -3.37 -3.48 21.93
CA VAL D 369 -2.71 -3.84 20.64
C VAL D 369 -1.71 -2.76 20.21
N ILE D 370 -1.80 -1.49 20.65
CA ILE D 370 -0.81 -0.47 20.15
C ILE D 370 0.37 -0.38 21.13
N HIS D 371 0.20 -0.75 22.41
CA HIS D 371 1.36 -0.88 23.33
C HIS D 371 1.85 -2.33 23.36
N SER D 372 3.16 -2.53 23.44
CA SER D 372 3.83 -3.85 23.51
C SER D 372 5.31 -3.64 23.89
N SER D 373 5.98 -4.74 24.21
CA SER D 373 7.37 -4.78 24.67
C SER D 373 7.85 -6.22 24.43
N THR D 374 9.09 -6.40 24.00
CA THR D 374 9.71 -7.71 23.70
C THR D 374 9.62 -8.63 24.90
N PHE D 375 10.10 -8.14 26.06
CA PHE D 375 10.36 -8.90 27.29
C PHE D 375 9.10 -8.95 28.16
N ALA D 376 8.17 -8.01 28.01
CA ALA D 376 6.96 -7.90 28.86
C ALA D 376 6.19 -9.22 28.81
N LYS D 377 5.72 -9.68 29.96
CA LYS D 377 4.76 -10.80 30.00
C LYS D 377 5.46 -12.12 29.61
N ASP D 378 6.77 -12.17 29.72
CA ASP D 378 7.58 -13.37 29.47
C ASP D 378 7.09 -14.48 30.40
N GLY D 379 7.25 -15.73 29.97
CA GLY D 379 6.83 -16.94 30.72
C GLY D 379 7.51 -17.03 32.06
N LEU D 380 8.80 -16.71 32.17
CA LEU D 380 9.57 -16.99 33.41
C LEU D 380 9.14 -16.03 34.53
N SER D 381 9.09 -14.72 34.28
CA SER D 381 8.67 -13.73 35.31
C SER D 381 7.17 -13.92 35.65
N ALA D 382 6.37 -14.39 34.69
CA ALA D 382 4.94 -14.73 34.91
C ALA D 382 4.81 -15.88 35.92
N SER D 383 5.55 -16.98 35.74
CA SER D 383 5.50 -18.13 36.67
C SER D 383 5.94 -17.69 38.08
N ILE D 384 7.01 -16.91 38.16
CA ILE D 384 7.54 -16.43 39.46
C ILE D 384 6.54 -15.47 40.12
N ALA D 385 5.90 -14.55 39.38
CA ALA D 385 4.81 -13.67 39.89
C ALA D 385 3.71 -14.52 40.55
N LEU D 386 3.22 -15.56 39.88
CA LEU D 386 2.12 -16.44 40.43
C LEU D 386 2.62 -17.07 41.73
N LYS D 387 3.90 -17.43 41.82
CA LYS D 387 4.50 -18.00 43.05
C LYS D 387 4.57 -16.94 44.15
N VAL D 388 5.09 -15.77 43.83
CA VAL D 388 5.16 -14.63 44.79
C VAL D 388 3.73 -14.37 45.33
N LEU D 389 2.70 -14.36 44.47
CA LEU D 389 1.31 -14.05 44.88
C LEU D 389 0.81 -15.19 45.76
N GLU D 390 1.15 -16.44 45.42
CA GLU D 390 0.74 -17.58 46.26
C GLU D 390 1.35 -17.38 47.65
N MET D 391 2.63 -17.00 47.75
CA MET D 391 3.38 -16.95 49.05
C MET D 391 2.81 -15.85 49.95
N VAL D 392 2.54 -14.66 49.40
CA VAL D 392 2.11 -13.48 50.18
C VAL D 392 0.64 -13.68 50.64
N GLU D 393 -0.15 -14.46 49.90
CA GLU D 393 -1.56 -14.77 50.19
C GLU D 393 -1.70 -15.99 51.10
N ALA D 394 -0.65 -16.80 51.30
CA ALA D 394 -0.76 -18.14 51.94
C ALA D 394 -1.28 -18.00 53.38
N ASP D 395 -1.95 -19.08 53.83
CA ASP D 395 -2.31 -19.34 55.25
C ASP D 395 -3.12 -18.16 55.78
N GLY D 396 -4.13 -17.79 55.00
CA GLY D 396 -5.26 -16.95 55.43
C GLY D 396 -4.89 -15.50 55.57
N GLY D 397 -3.77 -15.08 54.93
CA GLY D 397 -3.25 -13.70 54.98
C GLY D 397 -2.38 -13.44 56.21
N ARG D 398 -1.80 -14.49 56.79
CA ARG D 398 -0.96 -14.38 58.01
C ARG D 398 0.36 -13.70 57.63
N VAL D 399 0.76 -13.69 56.36
CA VAL D 399 2.02 -13.01 55.94
C VAL D 399 1.86 -11.50 56.16
N TYR D 400 0.69 -10.94 55.90
CA TYR D 400 0.43 -9.49 56.13
C TYR D 400 0.56 -9.22 57.64
N GLN D 401 -0.03 -10.09 58.45
CA GLN D 401 0.07 -10.08 59.93
C GLN D 401 1.55 -10.03 60.33
N ARG D 402 2.39 -10.91 59.80
CA ARG D 402 3.82 -10.94 60.13
C ARG D 402 4.48 -9.62 59.70
N VAL D 403 4.25 -9.10 58.50
CA VAL D 403 4.83 -7.79 58.10
C VAL D 403 4.46 -6.73 59.18
N ARG D 404 3.20 -6.72 59.63
CA ARG D 404 2.68 -5.68 60.54
C ARG D 404 3.40 -5.81 61.89
N GLU D 405 3.57 -7.03 62.41
CA GLU D 405 4.20 -7.30 63.75
C GLU D 405 5.71 -7.07 63.66
N ARG D 406 6.39 -7.52 62.61
CA ARG D 406 7.83 -7.17 62.36
C ARG D 406 7.97 -5.65 62.20
N GLY D 407 7.13 -5.04 61.35
CA GLY D 407 7.07 -3.57 61.18
C GLY D 407 6.96 -2.85 62.51
N GLN D 408 6.05 -3.28 63.40
CA GLN D 408 5.79 -2.64 64.72
C GLN D 408 7.03 -2.77 65.59
N ARG D 409 7.57 -3.98 65.71
CA ARG D 409 8.81 -4.24 66.48
C ARG D 409 9.91 -3.29 65.99
N LEU D 410 10.05 -3.08 64.68
CA LEU D 410 11.20 -2.32 64.11
C LEU D 410 10.94 -0.81 64.25
N GLU D 411 9.69 -0.38 64.11
CA GLU D 411 9.30 1.03 64.32
C GLU D 411 9.55 1.40 65.80
N ALA D 412 9.19 0.50 66.72
CA ALA D 412 9.33 0.70 68.18
C ALA D 412 10.81 0.91 68.51
N MET D 413 11.65 0.05 67.97
CA MET D 413 13.11 0.20 68.13
C MET D 413 13.52 1.56 67.58
N LEU D 414 13.03 1.96 66.42
CA LEU D 414 13.52 3.23 65.80
C LEU D 414 13.06 4.42 66.66
N GLU D 415 11.88 4.32 67.27
CA GLU D 415 11.29 5.37 68.16
C GLU D 415 12.08 5.43 69.49
N SER D 416 12.37 4.26 70.07
CA SER D 416 13.24 4.10 71.26
C SER D 416 14.56 4.83 70.98
N VAL D 417 15.11 4.64 69.79
CA VAL D 417 16.41 5.28 69.42
C VAL D 417 16.17 6.78 69.26
N ARG D 418 15.14 7.21 68.55
CA ARG D 418 14.91 8.67 68.33
C ARG D 418 14.81 9.38 69.69
N ALA D 419 14.02 8.82 70.61
CA ALA D 419 13.70 9.38 71.95
C ALA D 419 14.98 9.73 72.72
N ASP D 420 16.04 8.92 72.60
CA ASP D 420 17.33 9.10 73.30
C ASP D 420 18.33 9.86 72.42
N HIS D 421 18.04 10.11 71.14
CA HIS D 421 18.97 10.80 70.20
C HIS D 421 18.25 11.86 69.37
N SER D 422 17.25 12.53 69.97
CA SER D 422 16.40 13.59 69.35
C SER D 422 17.23 14.80 68.92
N ASP D 423 18.50 14.88 69.33
CA ASP D 423 19.42 15.97 68.93
C ASP D 423 19.86 15.76 67.47
N VAL D 424 19.95 14.51 67.00
CA VAL D 424 20.39 14.22 65.59
C VAL D 424 19.29 13.53 64.75
N VAL D 425 18.22 13.03 65.38
CA VAL D 425 17.04 12.38 64.71
C VAL D 425 15.80 13.28 64.91
N SER D 426 15.17 13.78 63.82
CA SER D 426 13.92 14.60 63.86
C SER D 426 12.66 13.74 63.94
N ALA D 427 12.58 12.62 63.21
CA ALA D 427 11.33 11.83 63.07
C ALA D 427 11.62 10.37 62.69
N VAL D 428 10.67 9.50 63.03
CA VAL D 428 10.46 8.18 62.38
C VAL D 428 9.27 8.33 61.43
N TRP D 429 9.44 7.92 60.17
CA TRP D 429 8.39 7.93 59.12
C TRP D 429 8.16 6.52 58.56
N GLY D 430 6.97 6.31 58.00
CA GLY D 430 6.61 5.14 57.18
C GLY D 430 5.62 4.24 57.89
N THR D 431 5.39 3.05 57.33
CA THR D 431 4.47 2.06 57.91
C THR D 431 4.88 0.65 57.48
N GLY D 432 4.33 -0.36 58.15
CA GLY D 432 4.74 -1.77 57.99
C GLY D 432 6.25 -1.88 58.00
N LEU D 433 6.84 -2.45 56.95
CA LEU D 433 8.32 -2.62 56.87
C LEU D 433 8.92 -1.65 55.87
N MET D 434 8.37 -0.45 55.77
CA MET D 434 8.89 0.63 54.90
C MET D 434 9.04 1.87 55.76
N LEU D 435 10.18 1.98 56.43
CA LEU D 435 10.45 2.94 57.52
C LEU D 435 11.73 3.73 57.20
N ALA D 436 11.93 4.82 57.93
CA ALA D 436 13.09 5.72 57.79
C ALA D 436 13.24 6.55 59.07
N LEU D 437 14.49 6.93 59.41
CA LEU D 437 14.81 7.99 60.40
C LEU D 437 15.10 9.26 59.64
N GLU D 438 14.48 10.38 59.99
CA GLU D 438 14.90 11.70 59.46
C GLU D 438 16.07 12.18 60.32
N LEU D 439 17.19 12.53 59.68
CA LEU D 439 18.41 13.15 60.28
C LEU D 439 18.24 14.68 60.34
N ARG D 440 18.57 15.29 61.48
CA ARG D 440 18.56 16.77 61.61
C ARG D 440 19.68 17.30 60.73
N ASP D 441 19.49 18.50 60.19
CA ASP D 441 20.47 19.17 59.31
C ASP D 441 21.80 19.23 60.07
N GLN D 442 22.91 18.94 59.39
CA GLN D 442 24.28 18.96 59.98
C GLN D 442 25.13 19.96 59.19
N SER D 443 24.52 20.93 58.52
CA SER D 443 25.28 21.93 57.71
C SER D 443 26.01 22.93 58.63
N ASN D 444 25.66 22.98 59.92
CA ASN D 444 26.29 23.87 60.94
C ASN D 444 27.02 23.03 61.98
N ALA D 445 27.54 21.88 61.57
CA ALA D 445 28.19 20.92 62.48
C ALA D 445 29.54 21.49 62.90
N THR D 446 29.99 21.16 64.12
CA THR D 446 31.33 21.53 64.67
C THR D 446 32.38 20.99 63.69
N SER D 447 32.51 19.66 63.63
CA SER D 447 33.44 18.92 62.72
C SER D 447 33.28 19.42 61.29
N GLN D 448 34.32 20.05 60.75
CA GLN D 448 34.41 20.44 59.32
C GLN D 448 34.09 19.25 58.41
N ALA D 449 34.58 18.05 58.74
CA ALA D 449 34.46 16.83 57.90
C ALA D 449 32.97 16.52 57.69
N ILE D 450 32.23 16.42 58.79
CA ILE D 450 30.76 16.21 58.79
C ILE D 450 30.08 17.35 58.02
N ARG D 451 30.36 18.61 58.39
CA ARG D 451 29.71 19.83 57.83
C ARG D 451 29.88 19.86 56.30
N GLU D 452 31.06 19.52 55.80
CA GLU D 452 31.38 19.54 54.36
C GLU D 452 30.50 18.47 53.67
N LYS D 453 30.48 17.25 54.20
CA LYS D 453 29.62 16.14 53.70
C LYS D 453 28.15 16.58 53.72
N ALA D 454 27.65 17.13 54.82
CA ALA D 454 26.25 17.59 54.92
C ALA D 454 25.97 18.62 53.83
N ALA D 455 26.89 19.56 53.58
CA ALA D 455 26.66 20.67 52.63
C ALA D 455 26.67 20.13 51.18
N HIS D 456 27.25 18.95 50.97
CA HIS D 456 27.31 18.30 49.63
C HIS D 456 26.09 17.37 49.40
N GLY D 457 25.25 17.17 50.42
CA GLY D 457 24.07 16.28 50.39
C GLY D 457 24.42 14.81 50.67
N PHE D 458 25.60 14.55 51.25
CA PHE D 458 26.20 13.19 51.36
C PHE D 458 26.10 12.60 52.78
N LEU D 459 25.58 13.36 53.75
CA LEU D 459 25.63 12.98 55.18
C LEU D 459 25.14 11.54 55.37
N GLY D 460 24.00 11.20 54.77
CA GLY D 460 23.37 9.88 54.95
C GLY D 460 24.28 8.75 54.51
N TYR D 461 25.00 8.98 53.40
CA TYR D 461 25.93 7.98 52.81
C TYR D 461 27.10 7.76 53.74
N VAL D 462 27.63 8.84 54.33
CA VAL D 462 28.76 8.80 55.30
C VAL D 462 28.36 7.89 56.47
N LEU D 463 27.16 8.14 57.01
CA LEU D 463 26.59 7.45 58.19
C LEU D 463 26.36 5.97 57.86
N ALA D 464 25.87 5.70 56.64
CA ALA D 464 25.70 4.35 56.07
C ALA D 464 27.08 3.68 56.05
N GLY D 465 28.10 4.38 55.57
CA GLY D 465 29.51 3.90 55.64
C GLY D 465 29.87 3.46 57.06
N PHE D 466 29.55 4.27 58.05
CA PHE D 466 29.89 3.96 59.45
C PHE D 466 29.20 2.64 59.83
N LEU D 467 27.89 2.55 59.56
CA LEU D 467 27.12 1.37 59.95
C LEU D 467 27.71 0.13 59.27
N LEU D 468 28.24 0.29 58.04
CA LEU D 468 28.82 -0.86 57.30
C LEU D 468 30.10 -1.34 58.01
N ARG D 469 31.08 -0.47 58.16
CA ARG D 469 32.45 -0.86 58.61
C ARG D 469 32.45 -1.15 60.13
N GLU D 470 31.61 -0.49 60.93
CA GLU D 470 31.71 -0.59 62.42
C GLU D 470 30.68 -1.59 62.98
N HIS D 471 29.63 -1.93 62.24
CA HIS D 471 28.53 -2.79 62.76
C HIS D 471 28.05 -3.80 61.73
N HIS D 472 28.62 -3.85 60.52
CA HIS D 472 28.24 -4.87 59.51
C HIS D 472 26.72 -4.79 59.25
N ILE D 473 26.24 -3.57 59.05
CA ILE D 473 24.80 -3.34 58.70
C ILE D 473 24.80 -2.47 57.45
N ARG D 474 24.09 -2.95 56.42
CA ARG D 474 23.86 -2.26 55.14
C ARG D 474 22.57 -1.44 55.29
N VAL D 475 22.74 -0.13 55.20
CA VAL D 475 21.64 0.86 55.18
C VAL D 475 21.95 1.78 53.99
N LEU D 476 20.94 2.21 53.25
CA LEU D 476 21.12 3.26 52.22
C LEU D 476 20.22 4.43 52.59
N PRO D 477 20.67 5.66 52.34
CA PRO D 477 19.84 6.83 52.63
C PRO D 477 18.69 6.97 51.62
N ALA D 478 17.70 7.76 51.98
CA ALA D 478 16.66 8.26 51.04
C ALA D 478 16.61 9.79 51.11
N GLY D 479 15.81 10.39 50.23
CA GLY D 479 15.49 11.83 50.32
C GLY D 479 16.52 12.61 49.53
N PRO D 480 16.24 13.89 49.20
CA PRO D 480 17.00 14.62 48.18
C PRO D 480 18.41 15.07 48.61
N ARG D 481 18.67 15.14 49.91
CA ARG D 481 19.98 15.52 50.48
C ARG D 481 20.43 14.37 51.38
N SER D 482 20.07 13.13 51.03
CA SER D 482 20.39 11.90 51.79
C SER D 482 20.22 12.20 53.29
N GLY D 483 19.15 12.94 53.60
CA GLY D 483 18.74 13.35 54.94
C GLY D 483 17.85 12.33 55.61
N PHE D 484 17.65 11.14 55.05
CA PHE D 484 16.94 10.03 55.74
C PHE D 484 17.73 8.72 55.60
N LEU D 485 17.60 7.84 56.59
CA LEU D 485 18.14 6.45 56.63
C LEU D 485 16.97 5.52 56.45
N ARG D 486 17.03 4.69 55.41
CA ARG D 486 15.94 3.77 55.01
C ARG D 486 16.08 2.47 55.82
N PHE D 487 14.97 1.90 56.26
CA PHE D 487 14.92 0.55 56.86
C PHE D 487 13.77 -0.19 56.21
N SER D 488 14.06 -1.10 55.27
CA SER D 488 13.03 -1.86 54.54
C SER D 488 13.52 -3.29 54.38
N PRO D 489 13.77 -4.02 55.49
CA PRO D 489 14.20 -5.42 55.39
C PRO D 489 13.09 -6.42 55.04
N SER D 490 13.45 -7.69 54.98
CA SER D 490 12.53 -8.80 54.68
C SER D 490 11.61 -8.98 55.89
N LEU D 491 10.44 -9.60 55.69
CA LEU D 491 9.56 -10.00 56.81
C LEU D 491 10.25 -11.07 57.71
N TYR D 492 11.43 -11.60 57.35
CA TYR D 492 12.15 -12.59 58.20
C TYR D 492 13.16 -11.93 59.14
N ILE D 493 13.24 -10.60 59.15
CA ILE D 493 14.12 -9.83 60.10
C ILE D 493 13.85 -10.38 61.50
N THR D 494 14.88 -10.87 62.21
CA THR D 494 14.76 -11.45 63.58
C THR D 494 14.90 -10.36 64.66
N ASP D 495 14.42 -10.67 65.87
CA ASP D 495 14.53 -9.82 67.10
C ASP D 495 16.00 -9.48 67.34
N GLU D 496 16.89 -10.47 67.17
CA GLU D 496 18.36 -10.33 67.29
C GLU D 496 18.88 -9.24 66.33
N GLU D 497 18.49 -9.32 65.05
CA GLU D 497 18.97 -8.42 63.96
C GLU D 497 18.47 -6.98 64.24
N ILE D 498 17.27 -6.87 64.79
CA ILE D 498 16.68 -5.57 65.22
C ILE D 498 17.48 -5.00 66.40
N ASP D 499 17.89 -5.85 67.36
CA ASP D 499 18.74 -5.46 68.53
C ASP D 499 20.11 -4.99 68.02
N ARG D 500 20.71 -5.73 67.09
CA ARG D 500 22.03 -5.37 66.50
C ARG D 500 21.92 -4.00 65.80
N THR D 501 20.77 -3.70 65.20
CA THR D 501 20.51 -2.44 64.47
C THR D 501 20.38 -1.31 65.49
N GLU D 502 19.63 -1.55 66.56
CA GLU D 502 19.51 -0.61 67.71
C GLU D 502 20.90 -0.25 68.21
N THR D 503 21.71 -1.27 68.54
CA THR D 503 23.08 -1.10 69.07
C THR D 503 23.84 -0.22 68.08
N ALA D 504 23.80 -0.57 66.79
CA ALA D 504 24.54 0.11 65.71
C ALA D 504 24.15 1.60 65.63
N LEU D 505 22.85 1.91 65.84
CA LEU D 505 22.30 3.28 65.64
C LEU D 505 22.64 4.15 66.88
N ARG D 506 22.55 3.59 68.09
CA ARG D 506 23.00 4.30 69.32
C ARG D 506 24.47 4.69 69.13
N SER D 507 25.32 3.74 68.74
CA SER D 507 26.75 4.00 68.42
C SER D 507 26.88 5.14 67.40
N LEU D 508 26.17 5.06 66.28
CA LEU D 508 26.26 6.07 65.19
C LEU D 508 25.82 7.44 65.71
N PHE D 509 24.67 7.51 66.36
CA PHE D 509 24.07 8.81 66.79
C PHE D 509 24.81 9.37 68.01
N THR D 510 25.54 8.54 68.77
CA THR D 510 26.45 8.98 69.86
C THR D 510 27.71 9.62 69.27
N ALA D 511 28.31 9.00 68.25
CA ALA D 511 29.42 9.62 67.50
C ALA D 511 28.98 10.93 66.83
N LEU D 512 27.75 11.03 66.35
CA LEU D 512 27.29 12.22 65.59
C LEU D 512 27.06 13.37 66.58
N ARG D 513 26.45 13.05 67.73
CA ARG D 513 26.33 13.96 68.92
C ARG D 513 27.70 14.53 69.25
N ASP D 514 28.72 13.68 69.39
CA ASP D 514 30.13 14.00 69.76
C ASP D 514 30.87 14.68 68.61
N GLN D 515 30.27 14.79 67.42
CA GLN D 515 30.87 15.46 66.24
C GLN D 515 32.23 14.84 65.92
N ASP D 516 32.31 13.51 66.04
CA ASP D 516 33.53 12.70 65.86
C ASP D 516 33.74 12.44 64.35
N GLY D 517 34.03 13.50 63.61
CA GLY D 517 34.32 13.51 62.17
C GLY D 517 35.41 12.53 61.74
N ASP D 518 36.37 12.23 62.60
CA ASP D 518 37.51 11.33 62.27
C ASP D 518 37.02 9.88 62.27
N ARG D 519 35.96 9.60 63.02
CA ARG D 519 35.40 8.24 63.12
C ARG D 519 34.38 8.01 61.98
N LEU D 520 33.71 9.09 61.54
CA LEU D 520 32.53 9.04 60.64
C LEU D 520 32.95 9.21 59.18
N VAL D 521 33.90 10.11 58.91
CA VAL D 521 34.36 10.44 57.54
C VAL D 521 35.78 9.89 57.35
N LEU D 522 36.03 9.11 56.30
CA LEU D 522 37.38 8.55 56.00
C LEU D 522 38.25 9.65 55.35
N1 F0G E . -2.08 2.86 -24.06
C2 F0G E . -1.84 3.90 -23.19
C2A F0G E . -0.45 4.28 -22.75
C3 F0G E . -2.94 4.74 -22.74
O3 F0G E . -2.79 5.77 -21.89
C4 F0G E . -4.26 4.48 -23.22
C4A F0G E . -5.21 5.24 -22.55
C5 F0G E . -4.43 3.29 -24.02
C6 F0G E . -3.32 2.56 -24.45
C5A F0G E . -5.81 2.91 -24.50
O4P F0G E . -6.30 3.94 -25.38
O1P F0G E . -8.41 4.42 -24.20
O2P F0G E . -8.43 2.77 -26.18
O3P F0G E . -8.11 5.24 -26.56
N F0G E . -4.69 5.74 -21.45
CA F0G E . -5.34 6.49 -20.34
C F0G E . -4.66 6.36 -18.96
CB F0G E . -6.78 5.95 -20.18
OXT F0G E . -3.49 5.89 -18.78
O F0G E . -5.31 6.75 -17.96
P10 F0G E . -7.87 4.05 -25.57
C1 GOL F . -5.43 28.39 -26.88
O1 GOL F . -5.33 28.62 -25.47
C2 GOL F . -4.55 29.35 -27.66
O2 GOL F . -4.42 30.58 -26.94
C3 GOL F . -5.05 29.63 -29.07
O3 GOL F . -3.97 29.71 -30.01
C1 GOL G . -7.44 -17.86 -23.40
O1 GOL G . -6.17 -17.68 -22.79
C2 GOL G . -7.32 -17.94 -24.91
O2 GOL G . -5.94 -18.11 -25.23
C3 GOL G . -8.15 -19.02 -25.54
O3 GOL G . -7.79 -19.27 -26.91
C1 GOL H . -21.10 19.17 -22.49
O1 GOL H . -20.65 20.31 -23.22
C2 GOL H . -22.49 19.34 -21.88
O2 GOL H . -23.32 20.12 -22.75
C3 GOL H . -23.20 18.03 -21.59
O3 GOL H . -22.68 17.37 -20.43
C1 GOL I . 16.27 -1.45 -33.33
O1 GOL I . 16.43 -0.22 -34.03
C2 GOL I . 16.04 -2.62 -34.26
O2 GOL I . 17.25 -3.39 -34.35
C3 GOL I . 14.90 -3.51 -33.80
O3 GOL I . 14.65 -4.66 -34.62
N1 F0G J . -20.75 -5.85 -36.63
C2 F0G J . -21.27 -5.75 -37.90
C2A F0G J . -22.57 -6.34 -38.25
C3 F0G J . -20.64 -5.00 -38.99
O3 F0G J . -21.18 -4.87 -40.29
C4 F0G J . -19.35 -4.40 -38.62
C4A F0G J . -18.73 -3.80 -39.77
C5 F0G J . -18.77 -4.61 -37.24
C6 F0G J . -19.55 -5.35 -36.29
C5A F0G J . -17.42 -4.00 -36.82
O4P F0G J . -17.75 -2.56 -36.70
O1P F0G J . -15.96 -1.85 -38.20
O2P F0G J . -15.49 -2.14 -35.79
O3P F0G J . -16.85 -0.10 -36.62
N F0G J . -19.29 -4.15 -40.91
CA F0G J . -18.77 -3.70 -42.21
C F0G J . -18.94 -4.67 -43.37
CB F0G J . -17.25 -3.45 -42.08
OXT F0G J . -19.30 -5.89 -43.25
O F0G J . -18.66 -4.16 -44.47
P10 F0G J . -16.48 -1.63 -36.85
C ACY K . -29.84 21.27 -35.28
O ACY K . -29.98 22.22 -34.44
OXT ACY K . -29.63 20.08 -34.94
CH3 ACY K . -29.98 21.55 -36.79
C ACY L . -41.43 2.15 -35.56
O ACY L . -41.37 2.24 -36.82
OXT ACY L . -40.47 2.48 -34.81
CH3 ACY L . -42.73 1.63 -34.88
C ACY M . -38.90 8.45 -28.40
O ACY M . -38.17 8.67 -29.41
OXT ACY M . -40.03 7.90 -28.45
CH3 ACY M . -38.37 8.93 -27.04
N1 F0G N . 14.96 -1.23 19.06
C2 F0G N . 14.75 -2.26 18.15
C2A F0G N . 15.47 -2.36 16.87
C3 F0G N . 13.89 -3.37 18.49
O3 F0G N . 13.67 -4.39 17.62
C4 F0G N . 13.22 -3.28 19.80
C4A F0G N . 12.23 -4.26 20.08
C5 F0G N . 13.41 -2.10 20.63
C6 F0G N . 14.33 -1.14 20.23
C5A F0G N . 12.71 -1.99 21.96
O4P F0G N . 13.18 -3.10 22.75
O1P F0G N . 11.07 -4.24 23.14
O2P F0G N . 12.88 -4.71 24.77
O3P F0G N . 11.79 -2.39 24.74
N F0G N . 11.87 -4.81 18.99
CA F0G N . 10.82 -5.80 18.76
C F0G N . 10.68 -5.85 17.29
CB F0G N . 9.47 -5.40 19.37
OXT F0G N . 9.77 -6.55 16.81
O F0G N . 11.47 -5.14 16.61
P10 F0G N . 12.18 -3.59 23.91
C1 GOL O . 7.16 18.35 26.00
O1 GOL O . 8.09 19.17 26.69
C2 GOL O . 7.29 18.47 24.49
O2 GOL O . 8.63 18.22 24.10
C3 GOL O . 6.33 17.58 23.73
O3 GOL O . 6.46 17.75 22.32
C ACY P . 34.29 -11.41 14.05
O ACY P . 33.79 -10.99 15.10
OXT ACY P . 33.66 -12.18 13.28
CH3 ACY P . 35.73 -10.98 13.70
N1 F0G Q . 8.17 4.21 41.54
C2 F0G Q . 8.60 4.14 42.83
C2A F0G Q . 7.72 4.46 44.01
C3 F0G Q . 9.90 3.65 43.20
O3 F0G Q . 10.34 3.55 44.50
C4 F0G Q . 10.81 3.25 42.15
C4A F0G Q . 12.10 2.99 42.82
C5 F0G Q . 10.29 3.45 40.74
C6 F0G Q . 8.98 3.91 40.53
C5A F0G Q . 11.03 3.19 39.44
O4P F0G Q . 11.03 1.76 39.24
O1P F0G Q . 13.49 1.75 39.21
O2P F0G Q . 12.25 -0.35 38.56
O3P F0G Q . 12.35 1.61 37.01
N F0G Q . 12.22 3.49 44.06
CA F0G Q . 13.39 3.48 44.99
C F0G Q . 13.60 4.70 45.96
CB F0G Q . 14.67 3.23 44.16
OXT F0G Q . 14.76 5.21 46.04
O F0G Q . 12.70 5.21 46.70
P10 F0G Q . 12.32 1.20 38.49
C1 GOL R . 28.21 -11.29 43.49
O1 GOL R . 27.31 -12.28 42.98
C2 GOL R . 29.65 -11.42 43.03
O2 GOL R . 30.02 -12.78 42.82
C3 GOL R . 29.96 -10.58 41.80
O3 GOL R . 29.84 -9.17 42.04
#